data_2EIF
# 
_entry.id   2EIF 
# 
_audit_conform.dict_name       mmcif_pdbx.dic 
_audit_conform.dict_version    5.376 
_audit_conform.dict_location   http://mmcif.pdb.org/dictionaries/ascii/mmcif_pdbx.dic 
# 
loop_
_database_2.database_id 
_database_2.database_code 
_database_2.pdbx_database_accession 
_database_2.pdbx_DOI 
PDB   2EIF         pdb_00002eif 10.2210/pdb2eif/pdb 
RCSB  RCSB008406   ?            ?                   
WWPDB D_1000008406 ?            ?                   
# 
_pdbx_database_related.db_name        TargetDB 
_pdbx_database_related.db_id          BSGCAIR30508 
_pdbx_database_related.details        . 
_pdbx_database_related.content_type   unspecified 
# 
_pdbx_database_status.status_code                     REL 
_pdbx_database_status.entry_id                        2EIF 
_pdbx_database_status.recvd_initial_deposition_date   1998-10-12 
_pdbx_database_status.deposit_site                    BNL 
_pdbx_database_status.process_site                    RCSB 
_pdbx_database_status.SG_entry                        Y 
_pdbx_database_status.status_code_sf                  REL 
_pdbx_database_status.status_code_mr                  ? 
_pdbx_database_status.pdb_format_compatible           Y 
_pdbx_database_status.status_code_cs                  ? 
_pdbx_database_status.status_code_nmr_data            ? 
_pdbx_database_status.methods_development_category    ? 
# 
loop_
_audit_author.name 
_audit_author.pdbx_ordinal 
'Kim, K.K.'                                  1 
'Hung, L.W.'                                 2 
'Kim, R.'                                    3 
'Kim, S.H.'                                  4 
'Berkeley Structural Genomics Center (BSGC)' 5 
# 
loop_
_citation.id 
_citation.title 
_citation.journal_abbrev 
_citation.journal_volume 
_citation.page_first 
_citation.page_last 
_citation.year 
_citation.journal_id_ASTM 
_citation.country 
_citation.journal_id_ISSN 
_citation.journal_id_CSD 
_citation.book_publisher 
_citation.pdbx_database_id_PubMed 
_citation.pdbx_database_id_DOI 
primary 'Crystal structures of eukaryotic translation initiation factor 5A from Methanococcus jannaschii at 1.8 A resolution.' 
Proc.Natl.Acad.Sci.USA 95 10419 10424 1998 PNASA6 US 0027-8424 0040 ? 9724718 10.1073/pnas.95.18.10419 
1       
;Cloning, Expression, and Crystallization of a Hyperthermophilic Protein that is Homologous to the Eukaryotic Translation Initiation Factor, eIF5A
;
'Protein Sci.'         6  2268  2270  1997 PRCIEI US 0961-8368 0795 ? ?       ?                        
# 
loop_
_citation_author.citation_id 
_citation_author.name 
_citation_author.ordinal 
_citation_author.identifier_ORCID 
primary 'Kim, K.K.'  1 ? 
primary 'Hung, L.W.' 2 ? 
primary 'Yokota, H.' 3 ? 
primary 'Kim, R.'    4 ? 
primary 'Kim, S.H.'  5 ? 
1       'Kim, K.K.'  6 ? 
1       'Yokota, H.' 7 ? 
1       'Kim, R.'    8 ? 
1       'Kim, S.H.'  9 ? 
# 
_cell.entry_id           2EIF 
_cell.length_a           80.483 
_cell.length_b           40.198 
_cell.length_c           48.580 
_cell.angle_alpha        90.00 
_cell.angle_beta         124.29 
_cell.angle_gamma        90.00 
_cell.Z_PDB              4 
_cell.pdbx_unique_axis   ? 
_cell.length_a_esd       ? 
_cell.length_b_esd       ? 
_cell.length_c_esd       ? 
_cell.angle_alpha_esd    ? 
_cell.angle_beta_esd     ? 
_cell.angle_gamma_esd    ? 
# 
_symmetry.entry_id                         2EIF 
_symmetry.space_group_name_H-M             'C 1 2 1' 
_symmetry.pdbx_full_space_group_name_H-M   ? 
_symmetry.cell_setting                     ? 
_symmetry.Int_Tables_number                5 
_symmetry.space_group_name_Hall            ? 
# 
loop_
_entity.id 
_entity.type 
_entity.src_method 
_entity.pdbx_description 
_entity.formula_weight 
_entity.pdbx_number_of_molecules 
_entity.pdbx_ec 
_entity.pdbx_mutation 
_entity.pdbx_fragment 
_entity.details 
1 polymer man 'PROTEIN (EUKARYOTIC TRANSLATION INITIATION FACTOR 5A)' 14653.239 1   ? ? ? ? 
2 water   nat water                                                   18.015    108 ? ? ? ? 
# 
_entity_name_com.entity_id   1 
_entity_name_com.name        IF-5A 
# 
_entity_poly.entity_id                      1 
_entity_poly.type                           'polypeptide(L)' 
_entity_poly.nstd_linkage                   no 
_entity_poly.nstd_monomer                   no 
_entity_poly.pdbx_seq_one_letter_code       
;MVIIMPGTKQVNVGSLKVGQYVMIDGVPCEIVDISVSKPGKHGGAKARVVGIGIFEKVKKEFVAPTSSKVEVPIIDRRKG
QVLAIMGDMVQIMDLQTYETLELPIPEGIEGLEPGGEVEYIEAVGQYKITRVIGGK
;
_entity_poly.pdbx_seq_one_letter_code_can   
;MVIIMPGTKQVNVGSLKVGQYVMIDGVPCEIVDISVSKPGKHGGAKARVVGIGIFEKVKKEFVAPTSSKVEVPIIDRRKG
QVLAIMGDMVQIMDLQTYETLELPIPEGIEGLEPGGEVEYIEAVGQYKITRVIGGK
;
_entity_poly.pdbx_strand_id                 A 
_entity_poly.pdbx_target_identifier         BSGCAIR30508 
# 
loop_
_entity_poly_seq.entity_id 
_entity_poly_seq.num 
_entity_poly_seq.mon_id 
_entity_poly_seq.hetero 
1 1   MET n 
1 2   VAL n 
1 3   ILE n 
1 4   ILE n 
1 5   MET n 
1 6   PRO n 
1 7   GLY n 
1 8   THR n 
1 9   LYS n 
1 10  GLN n 
1 11  VAL n 
1 12  ASN n 
1 13  VAL n 
1 14  GLY n 
1 15  SER n 
1 16  LEU n 
1 17  LYS n 
1 18  VAL n 
1 19  GLY n 
1 20  GLN n 
1 21  TYR n 
1 22  VAL n 
1 23  MET n 
1 24  ILE n 
1 25  ASP n 
1 26  GLY n 
1 27  VAL n 
1 28  PRO n 
1 29  CYS n 
1 30  GLU n 
1 31  ILE n 
1 32  VAL n 
1 33  ASP n 
1 34  ILE n 
1 35  SER n 
1 36  VAL n 
1 37  SER n 
1 38  LYS n 
1 39  PRO n 
1 40  GLY n 
1 41  LYS n 
1 42  HIS n 
1 43  GLY n 
1 44  GLY n 
1 45  ALA n 
1 46  LYS n 
1 47  ALA n 
1 48  ARG n 
1 49  VAL n 
1 50  VAL n 
1 51  GLY n 
1 52  ILE n 
1 53  GLY n 
1 54  ILE n 
1 55  PHE n 
1 56  GLU n 
1 57  LYS n 
1 58  VAL n 
1 59  LYS n 
1 60  LYS n 
1 61  GLU n 
1 62  PHE n 
1 63  VAL n 
1 64  ALA n 
1 65  PRO n 
1 66  THR n 
1 67  SER n 
1 68  SER n 
1 69  LYS n 
1 70  VAL n 
1 71  GLU n 
1 72  VAL n 
1 73  PRO n 
1 74  ILE n 
1 75  ILE n 
1 76  ASP n 
1 77  ARG n 
1 78  ARG n 
1 79  LYS n 
1 80  GLY n 
1 81  GLN n 
1 82  VAL n 
1 83  LEU n 
1 84  ALA n 
1 85  ILE n 
1 86  MET n 
1 87  GLY n 
1 88  ASP n 
1 89  MET n 
1 90  VAL n 
1 91  GLN n 
1 92  ILE n 
1 93  MET n 
1 94  ASP n 
1 95  LEU n 
1 96  GLN n 
1 97  THR n 
1 98  TYR n 
1 99  GLU n 
1 100 THR n 
1 101 LEU n 
1 102 GLU n 
1 103 LEU n 
1 104 PRO n 
1 105 ILE n 
1 106 PRO n 
1 107 GLU n 
1 108 GLY n 
1 109 ILE n 
1 110 GLU n 
1 111 GLY n 
1 112 LEU n 
1 113 GLU n 
1 114 PRO n 
1 115 GLY n 
1 116 GLY n 
1 117 GLU n 
1 118 VAL n 
1 119 GLU n 
1 120 TYR n 
1 121 ILE n 
1 122 GLU n 
1 123 ALA n 
1 124 VAL n 
1 125 GLY n 
1 126 GLN n 
1 127 TYR n 
1 128 LYS n 
1 129 ILE n 
1 130 THR n 
1 131 ARG n 
1 132 VAL n 
1 133 ILE n 
1 134 GLY n 
1 135 GLY n 
1 136 LYS n 
# 
_entity_src_gen.entity_id                          1 
_entity_src_gen.pdbx_src_id                        1 
_entity_src_gen.pdbx_alt_source_flag               sample 
_entity_src_gen.pdbx_seq_type                      ? 
_entity_src_gen.pdbx_beg_seq_num                   ? 
_entity_src_gen.pdbx_end_seq_num                   ? 
_entity_src_gen.gene_src_common_name               ? 
_entity_src_gen.gene_src_genus                     Methanocaldococcus 
_entity_src_gen.pdbx_gene_src_gene                 ? 
_entity_src_gen.gene_src_species                   'Methanocaldococcus jannaschii' 
_entity_src_gen.gene_src_strain                    'DSM 2661' 
_entity_src_gen.gene_src_tissue                    ? 
_entity_src_gen.gene_src_tissue_fraction           ? 
_entity_src_gen.gene_src_details                   ? 
_entity_src_gen.pdbx_gene_src_fragment             ? 
_entity_src_gen.pdbx_gene_src_scientific_name      'Methanocaldococcus jannaschii' 
_entity_src_gen.pdbx_gene_src_ncbi_taxonomy_id     243232 
_entity_src_gen.pdbx_gene_src_variant              ? 
_entity_src_gen.pdbx_gene_src_cell_line            ? 
_entity_src_gen.pdbx_gene_src_atcc                 ? 
_entity_src_gen.pdbx_gene_src_organ                ? 
_entity_src_gen.pdbx_gene_src_organelle            ? 
_entity_src_gen.pdbx_gene_src_cell                 ? 
_entity_src_gen.pdbx_gene_src_cellular_location    ? 
_entity_src_gen.host_org_common_name               ? 
_entity_src_gen.pdbx_host_org_scientific_name      'Escherichia coli BL21(DE3)' 
_entity_src_gen.pdbx_host_org_ncbi_taxonomy_id     469008 
_entity_src_gen.host_org_genus                     Escherichia 
_entity_src_gen.pdbx_host_org_gene                 ? 
_entity_src_gen.pdbx_host_org_organ                ? 
_entity_src_gen.host_org_species                   'Escherichia coli' 
_entity_src_gen.pdbx_host_org_tissue               ? 
_entity_src_gen.pdbx_host_org_tissue_fraction      ? 
_entity_src_gen.pdbx_host_org_strain               'BL21(DE3)' 
_entity_src_gen.pdbx_host_org_variant              ? 
_entity_src_gen.pdbx_host_org_cell_line            ? 
_entity_src_gen.pdbx_host_org_atcc                 ? 
_entity_src_gen.pdbx_host_org_culture_collection   ? 
_entity_src_gen.pdbx_host_org_cell                 ? 
_entity_src_gen.pdbx_host_org_organelle            ? 
_entity_src_gen.pdbx_host_org_cellular_location    ? 
_entity_src_gen.pdbx_host_org_vector_type          ? 
_entity_src_gen.pdbx_host_org_vector               ? 
_entity_src_gen.host_org_details                   ? 
_entity_src_gen.expression_system_id               ? 
_entity_src_gen.plasmid_name                       PET21A/PSJS1240 
_entity_src_gen.plasmid_details                    ? 
_entity_src_gen.pdbx_description                   ? 
# 
_struct_ref.id                         1 
_struct_ref.db_name                    UNP 
_struct_ref.db_code                    IF5A_METJA 
_struct_ref.entity_id                  1 
_struct_ref.pdbx_db_accession          Q58625 
_struct_ref.pdbx_align_begin           ? 
_struct_ref.pdbx_seq_one_letter_code   ? 
_struct_ref.pdbx_db_isoform            ? 
# 
_struct_ref_seq.align_id                      1 
_struct_ref_seq.ref_id                        1 
_struct_ref_seq.pdbx_PDB_id_code              2EIF 
_struct_ref_seq.pdbx_strand_id                A 
_struct_ref_seq.seq_align_beg                 1 
_struct_ref_seq.pdbx_seq_align_beg_ins_code   ? 
_struct_ref_seq.seq_align_end                 136 
_struct_ref_seq.pdbx_seq_align_end_ins_code   ? 
_struct_ref_seq.pdbx_db_accession             Q58625 
_struct_ref_seq.db_align_beg                  1 
_struct_ref_seq.pdbx_db_align_beg_ins_code    ? 
_struct_ref_seq.db_align_end                  132 
_struct_ref_seq.pdbx_db_align_end_ins_code    ? 
_struct_ref_seq.pdbx_auth_seq_align_beg       0 
_struct_ref_seq.pdbx_auth_seq_align_end       135 
# 
loop_
_struct_ref_seq_dif.align_id 
_struct_ref_seq_dif.pdbx_pdb_id_code 
_struct_ref_seq_dif.mon_id 
_struct_ref_seq_dif.pdbx_pdb_strand_id 
_struct_ref_seq_dif.seq_num 
_struct_ref_seq_dif.pdbx_pdb_ins_code 
_struct_ref_seq_dif.pdbx_seq_db_name 
_struct_ref_seq_dif.pdbx_seq_db_accession_code 
_struct_ref_seq_dif.db_mon_id 
_struct_ref_seq_dif.pdbx_seq_db_seq_num 
_struct_ref_seq_dif.details 
_struct_ref_seq_dif.pdbx_auth_seq_num 
_struct_ref_seq_dif.pdbx_ordinal 
1 2EIF MET A 1 ? UNP Q58625 ? ? 'cloning artifact' 0 1 
1 2EIF VAL A 2 ? UNP Q58625 ? ? 'cloning artifact' 1 2 
1 2EIF ILE A 3 ? UNP Q58625 ? ? 'cloning artifact' 2 3 
1 2EIF ILE A 4 ? UNP Q58625 ? ? 'cloning artifact' 3 4 
# 
loop_
_chem_comp.id 
_chem_comp.type 
_chem_comp.mon_nstd_flag 
_chem_comp.name 
_chem_comp.pdbx_synonyms 
_chem_comp.formula 
_chem_comp.formula_weight 
ALA 'L-peptide linking' y ALANINE         ? 'C3 H7 N O2'     89.093  
ARG 'L-peptide linking' y ARGININE        ? 'C6 H15 N4 O2 1' 175.209 
ASN 'L-peptide linking' y ASPARAGINE      ? 'C4 H8 N2 O3'    132.118 
ASP 'L-peptide linking' y 'ASPARTIC ACID' ? 'C4 H7 N O4'     133.103 
CYS 'L-peptide linking' y CYSTEINE        ? 'C3 H7 N O2 S'   121.158 
GLN 'L-peptide linking' y GLUTAMINE       ? 'C5 H10 N2 O3'   146.144 
GLU 'L-peptide linking' y 'GLUTAMIC ACID' ? 'C5 H9 N O4'     147.129 
GLY 'peptide linking'   y GLYCINE         ? 'C2 H5 N O2'     75.067  
HIS 'L-peptide linking' y HISTIDINE       ? 'C6 H10 N3 O2 1' 156.162 
HOH non-polymer         . WATER           ? 'H2 O'           18.015  
ILE 'L-peptide linking' y ISOLEUCINE      ? 'C6 H13 N O2'    131.173 
LEU 'L-peptide linking' y LEUCINE         ? 'C6 H13 N O2'    131.173 
LYS 'L-peptide linking' y LYSINE          ? 'C6 H15 N2 O2 1' 147.195 
MET 'L-peptide linking' y METHIONINE      ? 'C5 H11 N O2 S'  149.211 
PHE 'L-peptide linking' y PHENYLALANINE   ? 'C9 H11 N O2'    165.189 
PRO 'L-peptide linking' y PROLINE         ? 'C5 H9 N O2'     115.130 
SER 'L-peptide linking' y SERINE          ? 'C3 H7 N O3'     105.093 
THR 'L-peptide linking' y THREONINE       ? 'C4 H9 N O3'     119.119 
TYR 'L-peptide linking' y TYROSINE        ? 'C9 H11 N O3'    181.189 
VAL 'L-peptide linking' y VALINE          ? 'C5 H11 N O2'    117.146 
# 
_exptl.entry_id          2EIF 
_exptl.method            'X-RAY DIFFRACTION' 
_exptl.crystals_number   1 
# 
_exptl_crystal.id                    1 
_exptl_crystal.density_meas          ? 
_exptl_crystal.density_Matthews      2.22 
_exptl_crystal.density_percent_sol   45 
_exptl_crystal.description           ? 
_exptl_crystal.F_000                 ? 
_exptl_crystal.preparation           ? 
# 
_exptl_crystal_grow.crystal_id      1 
_exptl_crystal_grow.method          ? 
_exptl_crystal_grow.temp            ? 
_exptl_crystal_grow.temp_details    ? 
_exptl_crystal_grow.pH              8.5 
_exptl_crystal_grow.pdbx_details    '0.1M TRIS-HCL (PH 8.5), 0.2M MGCL2, 30% PEG4000' 
_exptl_crystal_grow.pdbx_pH_range   . 
# 
loop_
_diffrn.id 
_diffrn.ambient_temp 
_diffrn.ambient_temp_details 
_diffrn.crystal_id 
1 100 ? 1 
2 ?   ? 1 
3 ?   ? 1 
# 
_diffrn_detector.diffrn_id              1 
_diffrn_detector.detector               'IMAGE PLATE' 
_diffrn_detector.type                   'RIGAKU RAXIS IIC' 
_diffrn_detector.pdbx_collection_date   1997-07-01 
_diffrn_detector.details                'MSC FOCUSING MIRROR' 
# 
_diffrn_radiation.diffrn_id                        1 
_diffrn_radiation.wavelength_id                    1 
_diffrn_radiation.pdbx_monochromatic_or_laue_m_l   M 
_diffrn_radiation.monochromator                    ? 
_diffrn_radiation.pdbx_diffrn_protocol             'SINGLE WAVELENGTH' 
_diffrn_radiation.pdbx_scattering_type             x-ray 
# 
_diffrn_radiation_wavelength.id           1 
_diffrn_radiation_wavelength.wavelength   1.54 
_diffrn_radiation_wavelength.wt           1.0 
# 
loop_
_diffrn_source.diffrn_id 
_diffrn_source.source 
_diffrn_source.type 
_diffrn_source.pdbx_synchrotron_site 
_diffrn_source.pdbx_synchrotron_beamline 
_diffrn_source.pdbx_wavelength 
_diffrn_source.pdbx_wavelength_list 
1 SYNCHROTRON      'NSLS BEAMLINE X4A'  NSLS X4A  ? ?    
2 SYNCHROTRON      'NSLS BEAMLINE X12B' NSLS X12B ? ?    
3 'ROTATING ANODE' RIGAKU               ?    ?    ? 1.54 
# 
_reflns.entry_id                     2EIF 
_reflns.observed_criterion_sigma_I   -3 
_reflns.observed_criterion_sigma_F   ? 
_reflns.d_resolution_low             50.0 
_reflns.d_resolution_high            1.8 
_reflns.number_obs                   11659 
_reflns.number_all                   ? 
_reflns.percent_possible_obs         96.7 
_reflns.pdbx_Rmerge_I_obs            0.045 
_reflns.pdbx_Rsym_value              0.045 
_reflns.pdbx_netI_over_sigmaI        16.2 
_reflns.B_iso_Wilson_estimate        22.1 
_reflns.pdbx_redundancy              1.98 
_reflns.R_free_details               ? 
_reflns.limit_h_max                  ? 
_reflns.limit_h_min                  ? 
_reflns.limit_k_max                  ? 
_reflns.limit_k_min                  ? 
_reflns.limit_l_max                  ? 
_reflns.limit_l_min                  ? 
_reflns.observed_criterion_F_max     ? 
_reflns.observed_criterion_F_min     ? 
_reflns.pdbx_chi_squared             ? 
_reflns.pdbx_scaling_rejects         ? 
_reflns.pdbx_ordinal                 1 
_reflns.pdbx_diffrn_id               1 
# 
_reflns_shell.d_res_high             1.8 
_reflns_shell.d_res_low              1.83 
_reflns_shell.percent_possible_all   91.2 
_reflns_shell.Rmerge_I_obs           0.233 
_reflns_shell.pdbx_Rsym_value        0.233 
_reflns_shell.meanI_over_sigI_obs    3.7 
_reflns_shell.pdbx_redundancy        1.6 
_reflns_shell.percent_possible_obs   ? 
_reflns_shell.number_unique_all      ? 
_reflns_shell.number_measured_all    ? 
_reflns_shell.number_measured_obs    ? 
_reflns_shell.number_unique_obs      ? 
_reflns_shell.pdbx_chi_squared       ? 
_reflns_shell.pdbx_ordinal           1 
_reflns_shell.pdbx_diffrn_id         1 
# 
_refine.entry_id                                 2EIF 
_refine.ls_number_reflns_obs                     11482 
_refine.ls_number_reflns_all                     ? 
_refine.pdbx_ls_sigma_I                          ? 
_refine.pdbx_ls_sigma_F                          2.0 
_refine.pdbx_data_cutoff_high_absF               ? 
_refine.pdbx_data_cutoff_low_absF                ? 
_refine.pdbx_data_cutoff_high_rms_absF           1097804.99 
_refine.ls_d_res_low                             20.0 
_refine.ls_d_res_high                            1.8 
_refine.ls_percent_reflns_obs                    95.4 
_refine.ls_R_factor_obs                          0.214 
_refine.ls_R_factor_all                          ? 
_refine.ls_R_factor_R_work                       0.214 
_refine.ls_R_factor_R_free                       0.249 
_refine.ls_R_factor_R_free_error                 0.007 
_refine.ls_R_factor_R_free_error_details         ? 
_refine.ls_percent_reflns_R_free                 10.3 
_refine.ls_number_reflns_R_free                  1185 
_refine.ls_number_parameters                     ? 
_refine.ls_number_restraints                     ? 
_refine.occupancy_min                            ? 
_refine.occupancy_max                            ? 
_refine.B_iso_mean                               25.3 
_refine.aniso_B[1][1]                            4.74 
_refine.aniso_B[2][2]                            -4.14 
_refine.aniso_B[3][3]                            -0.6 
_refine.aniso_B[1][2]                            0. 
_refine.aniso_B[1][3]                            4.88 
_refine.aniso_B[2][3]                            0. 
_refine.solvent_model_details                    'FLAT MODEL' 
_refine.solvent_model_param_ksol                 0.397 
_refine.solvent_model_param_bsol                 48.9 
_refine.pdbx_ls_cross_valid_method               THROUGHOUT 
_refine.details                                  ? 
_refine.pdbx_starting_model                      1EIF 
_refine.pdbx_method_to_determine_struct          'MOLECULAR REPLACEMENT' 
_refine.pdbx_isotropic_thermal_model             RESTRAINED 
_refine.pdbx_stereochemistry_target_values       ? 
_refine.pdbx_stereochem_target_val_spec_case     ? 
_refine.pdbx_R_Free_selection_details            RANDOM 
_refine.pdbx_overall_ESU_R                       ? 
_refine.pdbx_overall_ESU_R_Free                  ? 
_refine.overall_SU_ML                            ? 
_refine.overall_SU_B                             ? 
_refine.ls_redundancy_reflns_obs                 ? 
_refine.B_iso_min                                ? 
_refine.B_iso_max                                ? 
_refine.correlation_coeff_Fo_to_Fc               ? 
_refine.correlation_coeff_Fo_to_Fc_free          ? 
_refine.pdbx_solvent_vdw_probe_radii             ? 
_refine.pdbx_solvent_ion_probe_radii             ? 
_refine.pdbx_solvent_shrinkage_radii             ? 
_refine.overall_SU_R_Cruickshank_DPI             ? 
_refine.overall_SU_R_free                        ? 
_refine.ls_wR_factor_R_free                      ? 
_refine.ls_wR_factor_R_work                      ? 
_refine.overall_FOM_free_R_set                   ? 
_refine.overall_FOM_work_R_set                   ? 
_refine.pdbx_refine_id                           'X-RAY DIFFRACTION' 
_refine.pdbx_diffrn_id                           1 
_refine.pdbx_TLS_residual_ADP_flag               ? 
_refine.pdbx_overall_phase_error                 ? 
_refine.pdbx_overall_SU_R_free_Cruickshank_DPI   ? 
_refine.pdbx_overall_SU_R_Blow_DPI               ? 
_refine.pdbx_overall_SU_R_free_Blow_DPI          ? 
# 
_refine_analyze.entry_id                        2EIF 
_refine_analyze.Luzzati_coordinate_error_obs    0.22 
_refine_analyze.Luzzati_sigma_a_obs             0.14 
_refine_analyze.Luzzati_d_res_low_obs           5.0 
_refine_analyze.Luzzati_coordinate_error_free   0.27 
_refine_analyze.Luzzati_sigma_a_free            0.19 
_refine_analyze.Luzzati_d_res_low_free          ? 
_refine_analyze.number_disordered_residues      ? 
_refine_analyze.occupancy_sum_hydrogen          ? 
_refine_analyze.occupancy_sum_non_hydrogen      ? 
_refine_analyze.pdbx_Luzzati_d_res_high_obs     ? 
_refine_analyze.pdbx_refine_id                  'X-RAY DIFFRACTION' 
# 
_refine_hist.pdbx_refine_id                   'X-RAY DIFFRACTION' 
_refine_hist.cycle_id                         LAST 
_refine_hist.pdbx_number_atoms_protein        992 
_refine_hist.pdbx_number_atoms_nucleic_acid   0 
_refine_hist.pdbx_number_atoms_ligand         0 
_refine_hist.number_atoms_solvent             108 
_refine_hist.number_atoms_total               1100 
_refine_hist.d_res_high                       1.8 
_refine_hist.d_res_low                        20.0 
# 
loop_
_refine_ls_restr.type 
_refine_ls_restr.dev_ideal 
_refine_ls_restr.dev_ideal_target 
_refine_ls_restr.weight 
_refine_ls_restr.number 
_refine_ls_restr.pdbx_refine_id 
_refine_ls_restr.pdbx_restraint_function 
c_bond_d                0.011 ?    ? ? 'X-RAY DIFFRACTION' ? 
c_bond_d_na             ?     ?    ? ? 'X-RAY DIFFRACTION' ? 
c_bond_d_prot           ?     ?    ? ? 'X-RAY DIFFRACTION' ? 
c_angle_d               ?     ?    ? ? 'X-RAY DIFFRACTION' ? 
c_angle_d_na            ?     ?    ? ? 'X-RAY DIFFRACTION' ? 
c_angle_d_prot          ?     ?    ? ? 'X-RAY DIFFRACTION' ? 
c_angle_deg             1.7   ?    ? ? 'X-RAY DIFFRACTION' ? 
c_angle_deg_na          ?     ?    ? ? 'X-RAY DIFFRACTION' ? 
c_angle_deg_prot        ?     ?    ? ? 'X-RAY DIFFRACTION' ? 
c_dihedral_angle_d      26.3  ?    ? ? 'X-RAY DIFFRACTION' ? 
c_dihedral_angle_d_na   ?     ?    ? ? 'X-RAY DIFFRACTION' ? 
c_dihedral_angle_d_prot ?     ?    ? ? 'X-RAY DIFFRACTION' ? 
c_improper_angle_d      0.89  ?    ? ? 'X-RAY DIFFRACTION' ? 
c_improper_angle_d_na   ?     ?    ? ? 'X-RAY DIFFRACTION' ? 
c_improper_angle_d_prot ?     ?    ? ? 'X-RAY DIFFRACTION' ? 
c_mcbond_it             3.02  1.50 ? ? 'X-RAY DIFFRACTION' ? 
c_mcangle_it            4.06  2.00 ? ? 'X-RAY DIFFRACTION' ? 
c_scbond_it             21.03 2.00 ? ? 'X-RAY DIFFRACTION' ? 
c_scangle_it            14.80 2.50 ? ? 'X-RAY DIFFRACTION' ? 
# 
_refine_ls_shell.pdbx_total_number_of_bins_used   6 
_refine_ls_shell.d_res_high                       1.80 
_refine_ls_shell.d_res_low                        1.91 
_refine_ls_shell.number_reflns_R_work             1621 
_refine_ls_shell.R_factor_R_work                  0.285 
_refine_ls_shell.percent_reflns_obs               93.4 
_refine_ls_shell.R_factor_R_free                  0.342 
_refine_ls_shell.R_factor_R_free_error            0.023 
_refine_ls_shell.percent_reflns_R_free            11.9 
_refine_ls_shell.number_reflns_R_free             218 
_refine_ls_shell.redundancy_reflns_obs            ? 
_refine_ls_shell.number_reflns_all                ? 
_refine_ls_shell.number_reflns_obs                ? 
_refine_ls_shell.R_factor_all                     ? 
_refine_ls_shell.pdbx_refine_id                   'X-RAY DIFFRACTION' 
# 
loop_
_pdbx_xplor_file.serial_no 
_pdbx_xplor_file.param_file 
_pdbx_xplor_file.topol_file 
_pdbx_xplor_file.pdbx_refine_id 
1 PROTEIN_REP.PARAM PROTEIN.TOP 'X-RAY DIFFRACTION' 
2 WATER_REP.PARAM   WATER.TOP   'X-RAY DIFFRACTION' 
# 
_struct.entry_id                  2EIF 
_struct.title                     'Eukaryotic translation initiation factor 5A from Methanococcus jannaschii' 
_struct.pdbx_model_details        ? 
_struct.pdbx_CASP_flag            ? 
_struct.pdbx_model_type_details   ? 
# 
_struct_keywords.entry_id        2EIF 
_struct_keywords.pdbx_keywords   'GENE REGULATION' 
_struct_keywords.text            
;EIF-5A, TRANSLATION, OB-FOLD, Structural Genomics, BSGC structure funded by NIH, Protein Structure Initiative, PSI, Berkeley Structural Genomics Center, GENE REGULATION
;
# 
loop_
_struct_asym.id 
_struct_asym.pdbx_blank_PDB_chainid_flag 
_struct_asym.pdbx_modified 
_struct_asym.entity_id 
_struct_asym.details 
A N N 1 ? 
B N N 2 ? 
# 
_struct_biol.id                    1 
_struct_biol.pdbx_parent_biol_id   ? 
_struct_biol.details               ? 
# 
_struct_conf.conf_type_id            HELX_P 
_struct_conf.id                      HELX_P1 
_struct_conf.pdbx_PDB_helix_id       1 
_struct_conf.beg_label_comp_id       VAL 
_struct_conf.beg_label_asym_id       A 
_struct_conf.beg_label_seq_id        13 
_struct_conf.pdbx_beg_PDB_ins_code   ? 
_struct_conf.end_label_comp_id       SER 
_struct_conf.end_label_asym_id       A 
_struct_conf.end_label_seq_id        15 
_struct_conf.pdbx_end_PDB_ins_code   ? 
_struct_conf.beg_auth_comp_id        VAL 
_struct_conf.beg_auth_asym_id        A 
_struct_conf.beg_auth_seq_id         12 
_struct_conf.end_auth_comp_id        SER 
_struct_conf.end_auth_asym_id        A 
_struct_conf.end_auth_seq_id         14 
_struct_conf.pdbx_PDB_helix_class    5 
_struct_conf.details                 ? 
_struct_conf.pdbx_PDB_helix_length   3 
# 
_struct_conf_type.id          HELX_P 
_struct_conf_type.criteria    ? 
_struct_conf_type.reference   ? 
# 
loop_
_struct_sheet.id 
_struct_sheet.type 
_struct_sheet.number_strands 
_struct_sheet.details 
A ? 2 ? 
B ? 4 ? 
C ? 5 ? 
# 
loop_
_struct_sheet_order.sheet_id 
_struct_sheet_order.range_id_1 
_struct_sheet_order.range_id_2 
_struct_sheet_order.offset 
_struct_sheet_order.sense 
A 1 2 ? anti-parallel 
B 1 2 ? anti-parallel 
B 2 3 ? anti-parallel 
B 3 4 ? anti-parallel 
C 1 2 ? anti-parallel 
C 2 3 ? anti-parallel 
C 3 4 ? anti-parallel 
C 4 5 ? anti-parallel 
# 
loop_
_struct_sheet_range.sheet_id 
_struct_sheet_range.id 
_struct_sheet_range.beg_label_comp_id 
_struct_sheet_range.beg_label_asym_id 
_struct_sheet_range.beg_label_seq_id 
_struct_sheet_range.pdbx_beg_PDB_ins_code 
_struct_sheet_range.end_label_comp_id 
_struct_sheet_range.end_label_asym_id 
_struct_sheet_range.end_label_seq_id 
_struct_sheet_range.pdbx_end_PDB_ins_code 
_struct_sheet_range.beg_auth_comp_id 
_struct_sheet_range.beg_auth_asym_id 
_struct_sheet_range.beg_auth_seq_id 
_struct_sheet_range.end_auth_comp_id 
_struct_sheet_range.end_auth_asym_id 
_struct_sheet_range.end_auth_seq_id 
A 1 THR A 8   ? ASN A 12  ? THR A 7   ASN A 11  
A 2 LYS A 69  ? PRO A 73  ? LYS A 68  PRO A 72  
B 1 TYR A 21  ? ILE A 24  ? TYR A 20  ILE A 23  
B 2 VAL A 27  ? VAL A 36  ? VAL A 26  VAL A 35  
B 3 LYS A 46  ? GLY A 53  ? LYS A 45  GLY A 52  
B 4 LYS A 59  ? PRO A 65  ? LYS A 58  PRO A 64  
C 1 THR A 100 ? PRO A 104 ? THR A 99  PRO A 103 
C 2 MET A 89  ? ASP A 94  ? MET A 88  ASP A 93  
C 3 ILE A 75  ? MET A 86  ? ILE A 74  MET A 85  
C 4 GLU A 117 ? ALA A 123 ? GLU A 116 ALA A 122 
C 5 GLN A 126 ? VAL A 132 ? GLN A 125 VAL A 131 
# 
loop_
_pdbx_struct_sheet_hbond.sheet_id 
_pdbx_struct_sheet_hbond.range_id_1 
_pdbx_struct_sheet_hbond.range_id_2 
_pdbx_struct_sheet_hbond.range_1_label_atom_id 
_pdbx_struct_sheet_hbond.range_1_label_comp_id 
_pdbx_struct_sheet_hbond.range_1_label_asym_id 
_pdbx_struct_sheet_hbond.range_1_label_seq_id 
_pdbx_struct_sheet_hbond.range_1_PDB_ins_code 
_pdbx_struct_sheet_hbond.range_1_auth_atom_id 
_pdbx_struct_sheet_hbond.range_1_auth_comp_id 
_pdbx_struct_sheet_hbond.range_1_auth_asym_id 
_pdbx_struct_sheet_hbond.range_1_auth_seq_id 
_pdbx_struct_sheet_hbond.range_2_label_atom_id 
_pdbx_struct_sheet_hbond.range_2_label_comp_id 
_pdbx_struct_sheet_hbond.range_2_label_asym_id 
_pdbx_struct_sheet_hbond.range_2_label_seq_id 
_pdbx_struct_sheet_hbond.range_2_PDB_ins_code 
_pdbx_struct_sheet_hbond.range_2_auth_atom_id 
_pdbx_struct_sheet_hbond.range_2_auth_comp_id 
_pdbx_struct_sheet_hbond.range_2_auth_asym_id 
_pdbx_struct_sheet_hbond.range_2_auth_seq_id 
A 1 2 O LYS A 9   ? O LYS A 8   N VAL A 72  ? N VAL A 71  
B 1 2 O VAL A 22  ? O VAL A 21  N CYS A 29  ? N CYS A 28  
B 2 3 O GLU A 30  ? O GLU A 29  N ILE A 52  ? N ILE A 51  
B 3 4 O ALA A 47  ? O ALA A 46  N ALA A 64  ? N ALA A 63  
C 1 2 O LEU A 101 ? O LEU A 100 N ILE A 92  ? N ILE A 91  
C 2 3 O MET A 89  ? O MET A 88  N MET A 86  ? N MET A 85  
C 3 4 O ASP A 76  ? O ASP A 75  N GLU A 122 ? N GLU A 121 
C 4 5 O GLU A 119 ? O GLU A 118 N ARG A 131 ? N ARG A 130 
# 
_atom_sites.entry_id                    2EIF 
_atom_sites.fract_transf_matrix[1][1]   0.01152202 
_atom_sites.fract_transf_matrix[1][2]   -0.00748857 
_atom_sites.fract_transf_matrix[1][3]   -0.00610899 
_atom_sites.fract_transf_matrix[2][1]   0.00932652 
_atom_sites.fract_transf_matrix[2][2]   -0.00415596 
_atom_sites.fract_transf_matrix[2][3]   0.02268500 
_atom_sites.fract_transf_matrix[3][1]   0.00000958 
_atom_sites.fract_transf_matrix[3][2]   -0.02450642 
_atom_sites.fract_transf_matrix[3][3]   -0.00449359 
_atom_sites.fract_transf_vector[1]      0.210984 
_atom_sites.fract_transf_vector[2]      -0.012725 
_atom_sites.fract_transf_vector[3]      0.222217 
# 
loop_
_atom_type.symbol 
C 
N 
O 
S 
# 
loop_
_atom_site.group_PDB 
_atom_site.id 
_atom_site.type_symbol 
_atom_site.label_atom_id 
_atom_site.label_alt_id 
_atom_site.label_comp_id 
_atom_site.label_asym_id 
_atom_site.label_entity_id 
_atom_site.label_seq_id 
_atom_site.pdbx_PDB_ins_code 
_atom_site.Cartn_x 
_atom_site.Cartn_y 
_atom_site.Cartn_z 
_atom_site.occupancy 
_atom_site.B_iso_or_equiv 
_atom_site.pdbx_formal_charge 
_atom_site.auth_seq_id 
_atom_site.auth_comp_id 
_atom_site.auth_asym_id 
_atom_site.auth_atom_id 
_atom_site.pdbx_PDB_model_num 
ATOM   1    N N   . MET A 1 1   ? -0.730  -13.094 -20.002 1.00 49.97 ? 0   MET A N   1 
ATOM   2    C CA  . MET A 1 1   ? -0.175  -12.221 -21.079 1.00 49.97 ? 0   MET A CA  1 
ATOM   3    C C   . MET A 1 1   ? 0.112   -10.820 -20.547 1.00 49.97 ? 0   MET A C   1 
ATOM   4    O O   . MET A 1 1   ? -0.180  -10.511 -19.391 1.00 49.97 ? 0   MET A O   1 
ATOM   5    C CB  . MET A 1 1   ? -1.158  -12.147 -22.246 1.00 49.97 ? 0   MET A CB  1 
ATOM   6    N N   . VAL A 1 2   ? 0.687   -9.970  -21.391 1.00 49.97 ? 1   VAL A N   1 
ATOM   7    C CA  . VAL A 1 2   ? 1.004   -8.601  -20.984 1.00 49.97 ? 1   VAL A CA  1 
ATOM   8    C C   . VAL A 1 2   ? 2.082   -8.566  -19.893 1.00 49.97 ? 1   VAL A C   1 
ATOM   9    O O   . VAL A 1 2   ? 2.125   -9.436  -19.022 1.00 49.97 ? 1   VAL A O   1 
ATOM   10   C CB  . VAL A 1 2   ? -0.275  -7.893  -20.493 1.00 49.97 ? 1   VAL A CB  1 
ATOM   11   N N   . ILE A 1 3   ? 2.948   -7.555  -19.941 1.00 50.77 ? 2   ILE A N   1 
ATOM   12   C CA  . ILE A 1 3   ? 4.019   -7.425  -18.957 1.00 51.67 ? 2   ILE A CA  1 
ATOM   13   C C   . ILE A 1 3   ? 3.485   -7.006  -17.589 1.00 51.24 ? 2   ILE A C   1 
ATOM   14   O O   . ILE A 1 3   ? 2.436   -6.375  -17.491 1.00 54.34 ? 2   ILE A O   1 
ATOM   15   C CB  . ILE A 1 3   ? 5.058   -6.417  -19.445 1.00 51.73 ? 2   ILE A CB  1 
ATOM   16   N N   . ILE A 1 4   ? 4.212   -7.360  -16.535 1.00 48.95 ? 3   ILE A N   1 
ATOM   17   C CA  . ILE A 1 4   ? 3.808   -7.016  -15.172 1.00 46.56 ? 3   ILE A CA  1 
ATOM   18   C C   . ILE A 1 4   ? 4.002   -5.527  -14.899 1.00 44.15 ? 3   ILE A C   1 
ATOM   19   O O   . ILE A 1 4   ? 5.139   -5.073  -14.738 1.00 45.05 ? 3   ILE A O   1 
ATOM   20   C CB  . ILE A 1 4   ? 4.615   -7.831  -14.167 1.00 45.87 ? 3   ILE A CB  1 
ATOM   21   N N   . MET A 1 5   ? 2.898   -4.780  -14.839 1.00 41.41 ? 4   MET A N   1 
ATOM   22   C CA  . MET A 1 5   ? 2.943   -3.333  -14.579 1.00 36.40 ? 4   MET A CA  1 
ATOM   23   C C   . MET A 1 5   ? 4.060   -2.998  -13.602 1.00 33.29 ? 4   MET A C   1 
ATOM   24   O O   . MET A 1 5   ? 4.321   -3.755  -12.669 1.00 32.13 ? 4   MET A O   1 
ATOM   25   C CB  . MET A 1 5   ? 1.595   -2.844  -14.027 1.00 38.04 ? 4   MET A CB  1 
ATOM   26   N N   . PRO A 1 6   ? 4.740   -1.856  -13.807 1.00 28.76 ? 5   PRO A N   1 
ATOM   27   C CA  . PRO A 1 6   ? 5.840   -1.424  -12.945 1.00 27.87 ? 5   PRO A CA  1 
ATOM   28   C C   . PRO A 1 6   ? 5.502   -1.173  -11.480 1.00 26.04 ? 5   PRO A C   1 
ATOM   29   O O   . PRO A 1 6   ? 4.338   -1.017  -11.111 1.00 24.97 ? 5   PRO A O   1 
ATOM   30   C CB  . PRO A 1 6   ? 6.331   -0.154  -13.632 1.00 28.28 ? 5   PRO A CB  1 
ATOM   31   C CG  . PRO A 1 6   ? 5.072   0.383   -14.240 1.00 30.01 ? 5   PRO A CG  1 
ATOM   32   C CD  . PRO A 1 6   ? 4.541   -0.870  -14.885 1.00 29.42 ? 5   PRO A CD  1 
ATOM   33   N N   . GLY A 1 7   ? 6.547   -1.131  -10.659 1.00 24.25 ? 6   GLY A N   1 
ATOM   34   C CA  . GLY A 1 7   ? 6.369   -0.858  -9.248  1.00 22.78 ? 6   GLY A CA  1 
ATOM   35   C C   . GLY A 1 7   ? 6.001   -2.037  -8.378  1.00 21.83 ? 6   GLY A C   1 
ATOM   36   O O   . GLY A 1 7   ? 5.673   -1.847  -7.208  1.00 20.71 ? 6   GLY A O   1 
ATOM   37   N N   . THR A 1 8   ? 6.038   -3.255  -8.923  1.00 21.41 ? 7   THR A N   1 
ATOM   38   C CA  . THR A 1 8   ? 5.703   -4.435  -8.115  1.00 20.73 ? 7   THR A CA  1 
ATOM   39   C C   . THR A 1 8   ? 6.818   -5.465  -8.175  1.00 21.25 ? 7   THR A C   1 
ATOM   40   O O   . THR A 1 8   ? 7.709   -5.383  -9.020  1.00 20.50 ? 7   THR A O   1 
ATOM   41   C CB  . THR A 1 8   ? 4.423   -5.140  -8.613  1.00 21.00 ? 7   THR A CB  1 
ATOM   42   O OG1 . THR A 1 8   ? 4.650   -5.645  -9.936  1.00 21.99 ? 7   THR A OG1 1 
ATOM   43   C CG2 . THR A 1 8   ? 3.245   -4.177  -8.635  1.00 20.10 ? 7   THR A CG2 1 
ATOM   44   N N   . LYS A 1 9   ? 6.781   -6.414  -7.243  1.00 21.73 ? 8   LYS A N   1 
ATOM   45   C CA  . LYS A 1 9   ? 7.728   -7.514  -7.225  1.00 22.10 ? 8   LYS A CA  1 
ATOM   46   C C   . LYS A 1 9   ? 6.870   -8.756  -6.987  1.00 20.64 ? 8   LYS A C   1 
ATOM   47   O O   . LYS A 1 9   ? 5.768   -8.671  -6.447  1.00 20.26 ? 8   LYS A O   1 
ATOM   48   C CB  . LYS A 1 9   ? 8.786   -7.371  -6.126  1.00 23.86 ? 8   LYS A CB  1 
ATOM   49   C CG  . LYS A 1 9   ? 8.281   -7.455  -4.695  1.00 27.99 ? 8   LYS A CG  1 
ATOM   50   C CD  . LYS A 1 9   ? 9.447   -7.455  -3.698  1.00 30.45 ? 8   LYS A CD  1 
ATOM   51   C CE  . LYS A 1 9   ? 8.964   -7.489  -2.247  1.00 30.91 ? 8   LYS A CE  1 
ATOM   52   N NZ  . LYS A 1 9   ? 8.315   -6.186  -1.856  1.00 35.05 ? 8   LYS A NZ  1 
ATOM   53   N N   . GLN A 1 10  ? 7.377   -9.903  -7.399  1.00 20.79 ? 9   GLN A N   1 
ATOM   54   C CA  . GLN A 1 10  ? 6.643   -11.164 -7.279  1.00 19.78 ? 9   GLN A CA  1 
ATOM   55   C C   . GLN A 1 10  ? 7.101   -11.991 -6.086  1.00 19.40 ? 9   GLN A C   1 
ATOM   56   O O   . GLN A 1 10  ? 8.297   -12.187 -5.894  1.00 18.22 ? 9   GLN A O   1 
ATOM   57   C CB  . GLN A 1 10  ? 6.848   -11.935 -8.582  1.00 23.35 ? 9   GLN A CB  1 
ATOM   58   C CG  . GLN A 1 10  ? 6.194   -13.278 -8.683  1.00 29.54 ? 9   GLN A CG  1 
ATOM   59   C CD  . GLN A 1 10  ? 6.518   -13.985 -10.009 1.00 32.80 ? 9   GLN A CD  1 
ATOM   60   O OE1 . GLN A 1 10  ? 7.679   -14.297 -10.300 1.00 36.71 ? 9   GLN A OE1 1 
ATOM   61   N NE2 . GLN A 1 10  ? 5.489   -14.231 -10.813 1.00 33.81 ? 9   GLN A NE2 1 
ATOM   62   N N   . VAL A 1 11  ? 6.157   -12.480 -5.284  1.00 19.03 ? 10  VAL A N   1 
ATOM   63   C CA  . VAL A 1 11  ? 6.509   -13.316 -4.127  1.00 18.68 ? 10  VAL A CA  1 
ATOM   64   C C   . VAL A 1 11  ? 5.528   -14.468 -4.039  1.00 18.65 ? 10  VAL A C   1 
ATOM   65   O O   . VAL A 1 11  ? 4.500   -14.471 -4.711  1.00 18.18 ? 10  VAL A O   1 
ATOM   66   C CB  . VAL A 1 11  ? 6.428   -12.529 -2.796  1.00 20.54 ? 10  VAL A CB  1 
ATOM   67   C CG1 . VAL A 1 11  ? 7.344   -11.321 -2.849  1.00 21.81 ? 10  VAL A CG1 1 
ATOM   68   C CG2 . VAL A 1 11  ? 4.973   -12.090 -2.531  1.00 19.18 ? 10  VAL A CG2 1 
ATOM   69   N N   . ASN A 1 12  ? 5.839   -15.465 -3.223  1.00 18.83 ? 11  ASN A N   1 
ATOM   70   C CA  . ASN A 1 12  ? 4.906   -16.557 -3.059  1.00 18.60 ? 11  ASN A CA  1 
ATOM   71   C C   . ASN A 1 12  ? 3.806   -16.149 -2.081  1.00 17.74 ? 11  ASN A C   1 
ATOM   72   O O   . ASN A 1 12  ? 4.067   -15.500 -1.070  1.00 15.97 ? 11  ASN A O   1 
ATOM   73   C CB  . ASN A 1 12  ? 5.602   -17.821 -2.531  1.00 22.12 ? 11  ASN A CB  1 
ATOM   74   C CG  . ASN A 1 12  ? 6.527   -18.452 -3.551  1.00 25.72 ? 11  ASN A CG  1 
ATOM   75   O OD1 . ASN A 1 12  ? 6.220   -18.479 -4.737  1.00 29.47 ? 11  ASN A OD1 1 
ATOM   76   N ND2 . ASN A 1 12  ? 7.648   -18.989 -3.090  1.00 27.24 ? 11  ASN A ND2 1 
ATOM   77   N N   . VAL A 1 13  ? 2.577   -16.548 -2.397  1.00 16.57 ? 12  VAL A N   1 
ATOM   78   C CA  . VAL A 1 13  ? 1.417   -16.273 -1.563  1.00 16.50 ? 12  VAL A CA  1 
ATOM   79   C C   . VAL A 1 13  ? 1.643   -16.703 -0.108  1.00 15.46 ? 12  VAL A C   1 
ATOM   80   O O   . VAL A 1 13  ? 1.232   -16.000 0.830   1.00 13.76 ? 12  VAL A O   1 
ATOM   81   C CB  . VAL A 1 13  ? 0.180   -16.999 -2.127  1.00 16.86 ? 12  VAL A CB  1 
ATOM   82   C CG1 . VAL A 1 13  ? -0.971  -16.969 -1.118  1.00 16.19 ? 12  VAL A CG1 1 
ATOM   83   C CG2 . VAL A 1 13  ? -0.260  -16.301 -3.435  1.00 14.96 ? 12  VAL A CG2 1 
ATOM   84   N N   . GLY A 1 14  ? 2.303   -17.845 0.067   1.00 16.16 ? 13  GLY A N   1 
ATOM   85   C CA  . GLY A 1 14  ? 2.558   -18.363 1.403   1.00 17.33 ? 13  GLY A CA  1 
ATOM   86   C C   . GLY A 1 14  ? 3.530   -17.533 2.219   1.00 16.31 ? 13  GLY A C   1 
ATOM   87   O O   . GLY A 1 14  ? 3.689   -17.757 3.435   1.00 17.51 ? 13  GLY A O   1 
ATOM   88   N N   . SER A 1 15  ? 4.197   -16.593 1.576   1.00 16.09 ? 14  SER A N   1 
ATOM   89   C CA  . SER A 1 15  ? 5.141   -15.719 2.272   1.00 16.01 ? 14  SER A CA  1 
ATOM   90   C C   . SER A 1 15  ? 4.491   -14.408 2.717   1.00 16.25 ? 14  SER A C   1 
ATOM   91   O O   . SER A 1 15  ? 5.096   -13.636 3.462   1.00 15.02 ? 14  SER A O   1 
ATOM   92   C CB  . SER A 1 15  ? 6.324   -15.359 1.376   1.00 15.87 ? 14  SER A CB  1 
ATOM   93   O OG  . SER A 1 15  ? 5.925   -14.503 0.312   1.00 16.49 ? 14  SER A OG  1 
ATOM   94   N N   . LEU A 1 16  ? 3.279   -14.139 2.256   1.00 15.10 ? 15  LEU A N   1 
ATOM   95   C CA  . LEU A 1 16  ? 2.634   -12.872 2.618   1.00 14.44 ? 15  LEU A CA  1 
ATOM   96   C C   . LEU A 1 16  ? 2.365   -12.783 4.112   1.00 14.02 ? 15  LEU A C   1 
ATOM   97   O O   . LEU A 1 16  ? 2.049   -13.769 4.748   1.00 17.36 ? 15  LEU A O   1 
ATOM   98   C CB  . LEU A 1 16  ? 1.323   -12.695 1.849   1.00 15.18 ? 15  LEU A CB  1 
ATOM   99   C CG  . LEU A 1 16  ? 1.421   -12.583 0.319   1.00 12.62 ? 15  LEU A CG  1 
ATOM   100  C CD1 . LEU A 1 16  ? -0.005  -12.623 -0.179  1.00 15.52 ? 15  LEU A CD1 1 
ATOM   101  C CD2 . LEU A 1 16  ? 2.147   -11.302 -0.150  1.00 13.76 ? 15  LEU A CD2 1 
ATOM   102  N N   . LYS A 1 17  ? 2.475   -11.574 4.656   1.00 14.37 ? 16  LYS A N   1 
ATOM   103  C CA  . LYS A 1 17  ? 2.275   -11.349 6.080   1.00 14.53 ? 16  LYS A CA  1 
ATOM   104  C C   . LYS A 1 17  ? 1.186   -10.297 6.308   1.00 14.59 ? 16  LYS A C   1 
ATOM   105  O O   . LYS A 1 17  ? 1.113   -9.301  5.579   1.00 13.71 ? 16  LYS A O   1 
ATOM   106  C CB  . LYS A 1 17  ? 3.582   -10.837 6.706   1.00 13.00 ? 16  LYS A CB  1 
ATOM   107  C CG  . LYS A 1 17  ? 4.741   -11.822 6.682   1.00 14.51 ? 16  LYS A CG  1 
ATOM   108  C CD  . LYS A 1 17  ? 6.078   -11.107 6.914   1.00 21.76 ? 16  LYS A CD  1 
ATOM   109  C CE  . LYS A 1 17  ? 6.186   -10.502 8.297   1.00 20.46 ? 16  LYS A CE  1 
ATOM   110  N NZ  . LYS A 1 17  ? 6.475   -11.586 9.280   1.00 23.52 ? 16  LYS A NZ  1 
ATOM   111  N N   . VAL A 1 18  ? 0.354   -10.528 7.315   1.00 13.18 ? 17  VAL A N   1 
ATOM   112  C CA  . VAL A 1 18  ? -0.696  -9.565  7.658   1.00 15.47 ? 17  VAL A CA  1 
ATOM   113  C C   . VAL A 1 18  ? -0.021  -8.209  7.920   1.00 15.81 ? 17  VAL A C   1 
ATOM   114  O O   . VAL A 1 18  ? 1.074   -8.138  8.505   1.00 14.98 ? 17  VAL A O   1 
ATOM   115  C CB  . VAL A 1 18  ? -1.494  -10.062 8.899   1.00 13.05 ? 17  VAL A CB  1 
ATOM   116  C CG1 . VAL A 1 18  ? -2.523  -8.973  9.366   1.00 13.49 ? 17  VAL A CG1 1 
ATOM   117  C CG2 . VAL A 1 18  ? -2.258  -11.353 8.536   1.00 13.03 ? 17  VAL A CG2 1 
ATOM   118  N N   . GLY A 1 19  ? -0.636  -7.133  7.441   1.00 16.89 ? 18  GLY A N   1 
ATOM   119  C CA  . GLY A 1 19  ? -0.063  -5.811  7.645   1.00 16.97 ? 18  GLY A CA  1 
ATOM   120  C C   . GLY A 1 19  ? 0.889   -5.365  6.546   1.00 17.60 ? 18  GLY A C   1 
ATOM   121  O O   . GLY A 1 19  ? 1.241   -4.177  6.472   1.00 18.62 ? 18  GLY A O   1 
ATOM   122  N N   . GLN A 1 20  ? 1.298   -6.319  5.706   1.00 16.63 ? 19  GLN A N   1 
ATOM   123  C CA  . GLN A 1 20  ? 2.187   -6.101  4.553   1.00 15.75 ? 19  GLN A CA  1 
ATOM   124  C C   . GLN A 1 20  ? 1.239   -5.801  3.354   1.00 14.62 ? 19  GLN A C   1 
ATOM   125  O O   . GLN A 1 20  ? 0.021   -5.769  3.520   1.00 15.06 ? 19  GLN A O   1 
ATOM   126  C CB  . GLN A 1 20  ? 2.979   -7.383  4.311   1.00 20.15 ? 19  GLN A CB  1 
ATOM   127  C CG  . GLN A 1 20  ? 4.114   -7.315  3.353   1.00 22.03 ? 19  GLN A CG  1 
ATOM   128  C CD  . GLN A 1 20  ? 4.201   -8.539  2.425   1.00 24.56 ? 19  GLN A CD  1 
ATOM   129  O OE1 . GLN A 1 20  ? 4.310   -9.705  2.888   1.00 15.60 ? 19  GLN A OE1 1 
ATOM   130  N NE2 . GLN A 1 20  ? 4.155   -8.266  1.085   1.00 19.60 ? 19  GLN A NE2 1 
ATOM   131  N N   . TYR A 1 21  ? 1.788   -5.608  2.164   1.00 15.64 ? 20  TYR A N   1 
ATOM   132  C CA  . TYR A 1 21  ? 0.968   -5.229  1.011   1.00 15.16 ? 20  TYR A CA  1 
ATOM   133  C C   . TYR A 1 21  ? 0.918   -6.255  -0.121  1.00 14.83 ? 20  TYR A C   1 
ATOM   134  O O   . TYR A 1 21  ? 1.780   -7.110  -0.220  1.00 14.12 ? 20  TYR A O   1 
ATOM   135  C CB  . TYR A 1 21  ? 1.470   -3.888  0.456   1.00 14.87 ? 20  TYR A CB  1 
ATOM   136  C CG  . TYR A 1 21  ? 1.637   -2.865  1.543   1.00 20.19 ? 20  TYR A CG  1 
ATOM   137  C CD1 . TYR A 1 21  ? 2.852   -2.750  2.233   1.00 21.65 ? 20  TYR A CD1 1 
ATOM   138  C CD2 . TYR A 1 21  ? 0.556   -2.087  1.962   1.00 19.99 ? 20  TYR A CD2 1 
ATOM   139  C CE1 . TYR A 1 21  ? 2.986   -1.885  3.322   1.00 22.91 ? 20  TYR A CE1 1 
ATOM   140  C CE2 . TYR A 1 21  ? 0.681   -1.210  3.054   1.00 22.63 ? 20  TYR A CE2 1 
ATOM   141  C CZ  . TYR A 1 21  ? 1.900   -1.116  3.722   1.00 24.08 ? 20  TYR A CZ  1 
ATOM   142  O OH  . TYR A 1 21  ? 2.059   -0.202  4.744   1.00 24.42 ? 20  TYR A OH  1 
ATOM   143  N N   . VAL A 1 22  ? -0.116  -6.170  -0.959  1.00 12.95 ? 21  VAL A N   1 
ATOM   144  C CA  . VAL A 1 22  ? -0.249  -7.103  -2.068  1.00 12.92 ? 21  VAL A CA  1 
ATOM   145  C C   . VAL A 1 22  ? -1.214  -6.496  -3.080  1.00 13.48 ? 21  VAL A C   1 
ATOM   146  O O   . VAL A 1 22  ? -2.055  -5.688  -2.711  1.00 11.69 ? 21  VAL A O   1 
ATOM   147  C CB  . VAL A 1 22  ? -0.810  -8.460  -1.592  1.00 13.66 ? 21  VAL A CB  1 
ATOM   148  C CG1 . VAL A 1 22  ? -2.274  -8.322  -1.169  1.00 16.51 ? 21  VAL A CG1 1 
ATOM   149  C CG2 . VAL A 1 22  ? -0.645  -9.516  -2.692  1.00 15.08 ? 21  VAL A CG2 1 
ATOM   150  N N   . MET A 1 23  ? -1.033  -6.839  -4.355  1.00 12.31 ? 22  MET A N   1 
ATOM   151  C CA  . MET A 1 23  ? -1.936  -6.364  -5.406  1.00 11.98 ? 22  MET A CA  1 
ATOM   152  C C   . MET A 1 23  ? -3.101  -7.358  -5.496  1.00 13.10 ? 22  MET A C   1 
ATOM   153  O O   . MET A 1 23  ? -2.877  -8.583  -5.518  1.00 12.70 ? 22  MET A O   1 
ATOM   154  C CB  . MET A 1 23  ? -1.229  -6.334  -6.775  1.00 11.65 ? 22  MET A CB  1 
ATOM   155  C CG  . MET A 1 23  ? -0.009  -5.433  -6.881  1.00 12.47 ? 22  MET A CG  1 
ATOM   156  S SD  . MET A 1 23  ? -0.391  -3.682  -6.560  1.00 12.40 ? 22  MET A SD  1 
ATOM   157  C CE  . MET A 1 23  ? -1.602  -3.248  -7.972  1.00 14.45 ? 22  MET A CE  1 
ATOM   158  N N   . ILE A 1 24  ? -4.340  -6.849  -5.549  1.00 12.17 ? 23  ILE A N   1 
ATOM   159  C CA  . ILE A 1 24  ? -5.496  -7.737  -5.687  1.00 11.87 ? 23  ILE A CA  1 
ATOM   160  C C   . ILE A 1 24  ? -6.378  -7.087  -6.735  1.00 12.50 ? 23  ILE A C   1 
ATOM   161  O O   . ILE A 1 24  ? -6.807  -5.957  -6.567  1.00 11.76 ? 23  ILE A O   1 
ATOM   162  C CB  . ILE A 1 24  ? -6.310  -7.907  -4.399  1.00 10.17 ? 23  ILE A CB  1 
ATOM   163  C CG1 . ILE A 1 24  ? -5.392  -8.290  -3.226  1.00 11.60 ? 23  ILE A CG1 1 
ATOM   164  C CG2 . ILE A 1 24  ? -7.339  -9.045  -4.593  1.00 11.17 ? 23  ILE A CG2 1 
ATOM   165  C CD1 . ILE A 1 24  ? -6.162  -8.617  -1.932  1.00 13.18 ? 23  ILE A CD1 1 
ATOM   166  N N   . ASP A 1 25  ? -6.629  -7.801  -7.818  1.00 13.01 ? 24  ASP A N   1 
ATOM   167  C CA  . ASP A 1 25  ? -7.464  -7.280  -8.908  1.00 14.28 ? 24  ASP A CA  1 
ATOM   168  C C   . ASP A 1 25  ? -7.017  -5.872  -9.331  1.00 13.54 ? 24  ASP A C   1 
ATOM   169  O O   . ASP A 1 25  ? -7.844  -4.967  -9.564  1.00 14.71 ? 24  ASP A O   1 
ATOM   170  C CB  . ASP A 1 25  ? -8.950  -7.286  -8.512  1.00 15.51 ? 24  ASP A CB  1 
ATOM   171  C CG  . ASP A 1 25  ? -9.440  -8.666  -8.066  1.00 13.79 ? 24  ASP A CG  1 
ATOM   172  O OD1 . ASP A 1 25  ? -8.971  -9.666  -8.620  1.00 15.41 ? 24  ASP A OD1 1 
ATOM   173  O OD2 . ASP A 1 25  ? -10.320 -8.747  -7.183  1.00 16.36 ? 24  ASP A OD2 1 
ATOM   174  N N   . GLY A 1 26  ? -5.702  -5.723  -9.439  1.00 13.81 ? 25  GLY A N   1 
ATOM   175  C CA  . GLY A 1 26  ? -5.075  -4.483  -9.874  1.00 15.23 ? 25  GLY A CA  1 
ATOM   176  C C   . GLY A 1 26  ? -5.062  -3.352  -8.870  1.00 14.11 ? 25  GLY A C   1 
ATOM   177  O O   . GLY A 1 26  ? -4.664  -2.239  -9.206  1.00 16.21 ? 25  GLY A O   1 
ATOM   178  N N   . VAL A 1 27  ? -5.505  -3.613  -7.646  1.00 13.31 ? 26  VAL A N   1 
ATOM   179  C CA  . VAL A 1 27  ? -5.532  -2.555  -6.644  1.00 14.01 ? 26  VAL A CA  1 
ATOM   180  C C   . VAL A 1 27  ? -4.489  -2.844  -5.559  1.00 13.21 ? 26  VAL A C   1 
ATOM   181  O O   . VAL A 1 27  ? -4.445  -3.950  -5.025  1.00 13.72 ? 26  VAL A O   1 
ATOM   182  C CB  . VAL A 1 27  ? -6.938  -2.460  -6.001  1.00 13.78 ? 26  VAL A CB  1 
ATOM   183  C CG1 . VAL A 1 27  ? -6.982  -1.361  -4.933  1.00 14.21 ? 26  VAL A CG1 1 
ATOM   184  C CG2 . VAL A 1 27  ? -7.975  -2.176  -7.084  1.00 16.79 ? 26  VAL A CG2 1 
ATOM   185  N N   . PRO A 1 28  ? -3.663  -1.848  -5.216  1.00 13.66 ? 27  PRO A N   1 
ATOM   186  C CA  . PRO A 1 28  ? -2.643  -2.063  -4.183  1.00 12.93 ? 27  PRO A CA  1 
ATOM   187  C C   . PRO A 1 28  ? -3.355  -2.088  -2.837  1.00 12.21 ? 27  PRO A C   1 
ATOM   188  O O   . PRO A 1 28  ? -4.090  -1.148  -2.502  1.00 12.80 ? 27  PRO A O   1 
ATOM   189  C CB  . PRO A 1 28  ? -1.710  -0.857  -4.372  1.00 12.21 ? 27  PRO A CB  1 
ATOM   190  C CG  . PRO A 1 28  ? -2.683  0.214   -4.727  1.00 13.91 ? 27  PRO A CG  1 
ATOM   191  C CD  . PRO A 1 28  ? -3.592  -0.469  -5.743  1.00 12.89 ? 27  PRO A CD  1 
ATOM   192  N N   . CYS A 1 29  ? -3.137  -3.155  -2.060  1.00 12.48 ? 28  CYS A N   1 
ATOM   193  C CA  . CYS A 1 29  ? -3.824  -3.324  -0.782  1.00 12.56 ? 28  CYS A CA  1 
ATOM   194  C C   . CYS A 1 29  ? -2.908  -3.633  0.375   1.00 13.71 ? 28  CYS A C   1 
ATOM   195  O O   . CYS A 1 29  ? -1.771  -4.068  0.184   1.00 13.89 ? 28  CYS A O   1 
ATOM   196  C CB  . CYS A 1 29  ? -4.819  -4.494  -0.855  1.00 11.87 ? 28  CYS A CB  1 
ATOM   197  S SG  . CYS A 1 29  ? -6.220  -4.341  -2.045  1.00 14.63 ? 28  CYS A SG  1 
ATOM   198  N N   . GLU A 1 30  ? -3.441  -3.408  1.569   1.00 13.29 ? 29  GLU A N   1 
ATOM   199  C CA  . GLU A 1 30  ? -2.756  -3.758  2.811   1.00 14.15 ? 29  GLU A CA  1 
ATOM   200  C C   . GLU A 1 30  ? -3.501  -5.016  3.264   1.00 12.45 ? 29  GLU A C   1 
ATOM   201  O O   . GLU A 1 30  ? -4.742  -5.048  3.302   1.00 14.26 ? 29  GLU A O   1 
ATOM   202  C CB  . GLU A 1 30  ? -2.888  -2.655  3.885   1.00 15.95 ? 29  GLU A CB  1 
ATOM   203  C CG  . GLU A 1 30  ? -2.429  -3.180  5.268   1.00 19.32 ? 29  GLU A CG  1 
ATOM   204  C CD  . GLU A 1 30  ? -2.451  -2.145  6.369   1.00 23.73 ? 29  GLU A CD  1 
ATOM   205  O OE1 . GLU A 1 30  ? -2.471  -2.557  7.554   1.00 25.14 ? 29  GLU A OE1 1 
ATOM   206  O OE2 . GLU A 1 30  ? -2.412  -0.935  6.067   1.00 23.30 ? 29  GLU A OE2 1 
ATOM   207  N N   . ILE A 1 31  ? -2.752  -6.066  3.586   1.00 13.31 ? 30  ILE A N   1 
ATOM   208  C CA  . ILE A 1 31  ? -3.375  -7.301  4.005   1.00 13.04 ? 30  ILE A CA  1 
ATOM   209  C C   . ILE A 1 31  ? -3.929  -7.180  5.422   1.00 13.60 ? 30  ILE A C   1 
ATOM   210  O O   . ILE A 1 31  ? -3.219  -6.762  6.370   1.00 12.01 ? 30  ILE A O   1 
ATOM   211  C CB  . ILE A 1 31  ? -2.389  -8.478  3.906   1.00 13.42 ? 30  ILE A CB  1 
ATOM   212  C CG1 . ILE A 1 31  ? -1.970  -8.658  2.441   1.00 13.68 ? 30  ILE A CG1 1 
ATOM   213  C CG2 . ILE A 1 31  ? -3.010  -9.748  4.487   1.00 13.59 ? 30  ILE A CG2 1 
ATOM   214  C CD1 . ILE A 1 31  ? -0.833  -9.686  2.231   1.00 15.57 ? 30  ILE A CD1 1 
ATOM   215  N N   . VAL A 1 32  ? -5.197  -7.539  5.560   1.00 14.14 ? 31  VAL A N   1 
ATOM   216  C CA  . VAL A 1 32  ? -5.845  -7.458  6.864   1.00 16.17 ? 31  VAL A CA  1 
ATOM   217  C C   . VAL A 1 32  ? -6.116  -8.829  7.417   1.00 17.54 ? 31  VAL A C   1 
ATOM   218  O O   . VAL A 1 32  ? -6.232  -8.993  8.642   1.00 18.37 ? 31  VAL A O   1 
ATOM   219  C CB  . VAL A 1 32  ? -7.168  -6.626  6.813   1.00 16.59 ? 31  VAL A CB  1 
ATOM   220  C CG1 . VAL A 1 32  ? -6.870  -5.240  6.332   1.00 18.29 ? 31  VAL A CG1 1 
ATOM   221  C CG2 . VAL A 1 32  ? -8.200  -7.264  5.908   1.00 17.85 ? 31  VAL A CG2 1 
ATOM   222  N N   . ASP A 1 33  ? -6.192  -9.831  6.546   1.00 15.61 ? 32  ASP A N   1 
ATOM   223  C CA  . ASP A 1 33  ? -6.466  -11.166 7.042   1.00 17.05 ? 32  ASP A CA  1 
ATOM   224  C C   . ASP A 1 33  ? -5.946  -12.246 6.102   1.00 16.42 ? 32  ASP A C   1 
ATOM   225  O O   . ASP A 1 33  ? -6.023  -12.107 4.876   1.00 13.89 ? 32  ASP A O   1 
ATOM   226  C CB  . ASP A 1 33  ? -7.979  -11.317 7.259   1.00 20.12 ? 32  ASP A CB  1 
ATOM   227  C CG  . ASP A 1 33  ? -8.338  -12.542 8.053   1.00 25.20 ? 32  ASP A CG  1 
ATOM   228  O OD1 . ASP A 1 33  ? -8.344  -13.670 7.502   1.00 25.77 ? 32  ASP A OD1 1 
ATOM   229  O OD2 . ASP A 1 33  ? -8.612  -12.371 9.259   1.00 26.73 ? 32  ASP A OD2 1 
ATOM   230  N N   . ILE A 1 34  ? -5.394  -13.302 6.685   1.00 14.74 ? 33  ILE A N   1 
ATOM   231  C CA  . ILE A 1 34  ? -4.882  -14.442 5.912   1.00 14.79 ? 33  ILE A CA  1 
ATOM   232  C C   . ILE A 1 34  ? -5.358  -15.735 6.591   1.00 15.50 ? 33  ILE A C   1 
ATOM   233  O O   . ILE A 1 34  ? -5.228  -15.894 7.805   1.00 12.63 ? 33  ILE A O   1 
ATOM   234  C CB  . ILE A 1 34  ? -3.338  -14.459 5.843   1.00 13.02 ? 33  ILE A CB  1 
ATOM   235  C CG1 . ILE A 1 34  ? -2.835  -13.169 5.193   1.00 13.23 ? 33  ILE A CG1 1 
ATOM   236  C CG2 . ILE A 1 34  ? -2.851  -15.705 5.045   1.00 10.96 ? 33  ILE A CG2 1 
ATOM   237  C CD1 . ILE A 1 34  ? -1.318  -13.017 5.168   1.00 13.51 ? 33  ILE A CD1 1 
ATOM   238  N N   . SER A 1 35  ? -5.942  -16.625 5.789   1.00 16.96 ? 34  SER A N   1 
ATOM   239  C CA  . SER A 1 35  ? -6.423  -17.946 6.226   1.00 19.31 ? 34  SER A CA  1 
ATOM   240  C C   . SER A 1 35  ? -5.714  -18.944 5.307   1.00 18.17 ? 34  SER A C   1 
ATOM   241  O O   . SER A 1 35  ? -5.673  -18.723 4.096   1.00 18.15 ? 34  SER A O   1 
ATOM   242  C CB  . SER A 1 35  ? -7.922  -18.085 5.985   1.00 21.01 ? 34  SER A CB  1 
ATOM   243  O OG  . SER A 1 35  ? -8.640  -17.045 6.614   1.00 28.76 ? 34  SER A OG  1 
ATOM   244  N N   . VAL A 1 36  ? -5.162  -20.021 5.860   1.00 17.34 ? 35  VAL A N   1 
ATOM   245  C CA  . VAL A 1 36  ? -4.456  -21.036 5.063   1.00 17.83 ? 35  VAL A CA  1 
ATOM   246  C C   . VAL A 1 36  ? -5.100  -22.393 5.354   1.00 20.93 ? 35  VAL A C   1 
ATOM   247  O O   . VAL A 1 36  ? -5.314  -22.753 6.510   1.00 18.17 ? 35  VAL A O   1 
ATOM   248  C CB  . VAL A 1 36  ? -2.957  -21.072 5.419   1.00 19.56 ? 35  VAL A CB  1 
ATOM   249  C CG1 . VAL A 1 36  ? -2.234  -22.179 4.619   1.00 18.16 ? 35  VAL A CG1 1 
ATOM   250  C CG2 . VAL A 1 36  ? -2.333  -19.692 5.118   1.00 19.84 ? 35  VAL A CG2 1 
ATOM   251  N N   . SER A 1 37  ? -5.421  -23.142 4.305   1.00 22.01 ? 36  SER A N   1 
ATOM   252  C CA  . SER A 1 37  ? -6.090  -24.434 4.473   1.00 23.55 ? 36  SER A CA  1 
ATOM   253  C C   . SER A 1 37  ? -5.152  -25.591 4.803   1.00 25.91 ? 36  SER A C   1 
ATOM   254  O O   . SER A 1 37  ? -3.939  -25.485 4.663   1.00 24.68 ? 36  SER A O   1 
ATOM   255  C CB  . SER A 1 37  ? -6.850  -24.782 3.191   1.00 22.64 ? 36  SER A CB  1 
ATOM   256  O OG  . SER A 1 37  ? -5.923  -25.049 2.154   1.00 25.19 ? 36  SER A OG  1 
ATOM   257  N N   . LYS A 1 38  ? -5.738  -26.708 5.230   1.00 29.39 ? 37  LYS A N   1 
ATOM   258  C CA  . LYS A 1 38  ? -4.959  -27.893 5.538   1.00 34.05 ? 37  LYS A CA  1 
ATOM   259  C C   . LYS A 1 38  ? -4.406  -28.348 4.193   1.00 36.50 ? 37  LYS A C   1 
ATOM   260  O O   . LYS A 1 38  ? -4.989  -28.050 3.148   1.00 34.59 ? 37  LYS A O   1 
ATOM   261  C CB  . LYS A 1 38  ? -5.857  -28.987 6.136   1.00 35.80 ? 37  LYS A CB  1 
ATOM   262  C CG  . LYS A 1 38  ? -6.920  -29.528 5.190   1.00 37.13 ? 37  LYS A CG  1 
ATOM   263  C CD  . LYS A 1 38  ? -7.707  -30.667 5.845   1.00 39.44 ? 37  LYS A CD  1 
ATOM   264  C CE  . LYS A 1 38  ? -8.781  -31.229 4.915   1.00 40.00 ? 37  LYS A CE  1 
ATOM   265  N NZ  . LYS A 1 38  ? -9.577  -32.328 5.555   1.00 40.88 ? 37  LYS A NZ  1 
ATOM   266  N N   . PRO A 1 39  ? -3.266  -29.054 4.194   1.00 39.74 ? 38  PRO A N   1 
ATOM   267  C CA  . PRO A 1 39  ? -2.715  -29.504 2.921   1.00 41.45 ? 38  PRO A CA  1 
ATOM   268  C C   . PRO A 1 39  ? -3.745  -30.338 2.178   1.00 43.87 ? 38  PRO A C   1 
ATOM   269  O O   . PRO A 1 39  ? -4.355  -31.253 2.741   1.00 43.96 ? 38  PRO A O   1 
ATOM   270  C CB  . PRO A 1 39  ? -1.484  -30.294 3.350   1.00 41.99 ? 38  PRO A CB  1 
ATOM   271  C CG  . PRO A 1 39  ? -1.873  -30.795 4.731   1.00 42.10 ? 38  PRO A CG  1 
ATOM   272  C CD  . PRO A 1 39  ? -2.404  -29.503 5.299   1.00 41.51 ? 38  PRO A CD  1 
ATOM   273  N N   . GLY A 1 40  ? -3.949  -29.984 0.917   1.00 46.03 ? 39  GLY A N   1 
ATOM   274  C CA  . GLY A 1 40  ? -4.910  -30.660 0.071   1.00 48.83 ? 39  GLY A CA  1 
ATOM   275  C C   . GLY A 1 40  ? -5.059  -32.141 0.298   1.00 50.12 ? 39  GLY A C   1 
ATOM   276  O O   . GLY A 1 40  ? -6.034  -32.600 0.908   1.00 51.44 ? 39  GLY A O   1 
ATOM   277  N N   . LYS A 1 41  ? -4.076  -32.883 -0.191  1.00 51.08 ? 40  LYS A N   1 
ATOM   278  C CA  . LYS A 1 41  ? -4.059  -34.334 -0.104  1.00 52.12 ? 40  LYS A CA  1 
ATOM   279  C C   . LYS A 1 41  ? -2.821  -34.735 -0.886  1.00 52.49 ? 40  LYS A C   1 
ATOM   280  O O   . LYS A 1 41  ? -2.466  -35.909 -0.990  1.00 52.96 ? 40  LYS A O   1 
ATOM   281  C CB  . LYS A 1 41  ? -5.338  -34.888 -0.752  1.00 52.51 ? 40  LYS A CB  1 
ATOM   282  C CG  . LYS A 1 41  ? -5.724  -34.169 -2.054  1.00 52.55 ? 40  LYS A CG  1 
ATOM   283  C CD  . LYS A 1 41  ? -7.123  -34.534 -2.572  1.00 53.54 ? 40  LYS A CD  1 
ATOM   284  C CE  . LYS A 1 41  ? -7.250  -35.992 -3.023  1.00 53.91 ? 40  LYS A CE  1 
ATOM   285  N NZ  . LYS A 1 41  ? -7.083  -36.996 -1.927  1.00 54.28 ? 40  LYS A NZ  1 
ATOM   286  N N   . HIS A 1 42  ? -2.161  -33.713 -1.423  1.00 52.50 ? 41  HIS A N   1 
ATOM   287  C CA  . HIS A 1 42  ? -0.955  -33.882 -2.212  1.00 51.67 ? 41  HIS A CA  1 
ATOM   288  C C   . HIS A 1 42  ? 0.104   -32.950 -1.612  1.00 50.49 ? 41  HIS A C   1 
ATOM   289  O O   . HIS A 1 42  ? 1.261   -32.924 -2.038  1.00 51.01 ? 41  HIS A O   1 
ATOM   290  C CB  . HIS A 1 42  ? -1.260  -33.503 -3.659  1.00 52.78 ? 41  HIS A CB  1 
ATOM   291  C CG  . HIS A 1 42  ? -2.584  -34.015 -4.145  1.00 54.01 ? 41  HIS A CG  1 
ATOM   292  N ND1 . HIS A 1 42  ? -2.931  -35.350 -4.102  1.00 55.07 ? 41  HIS A ND1 1 
ATOM   293  C CD2 . HIS A 1 42  ? -3.650  -33.369 -4.677  1.00 54.24 ? 41  HIS A CD2 1 
ATOM   294  C CE1 . HIS A 1 42  ? -4.151  -35.504 -4.586  1.00 54.83 ? 41  HIS A CE1 1 
ATOM   295  N NE2 . HIS A 1 42  ? -4.609  -34.317 -4.943  1.00 54.80 ? 41  HIS A NE2 1 
ATOM   296  N N   . GLY A 1 43  ? -0.310  -32.190 -0.607  1.00 48.52 ? 42  GLY A N   1 
ATOM   297  C CA  . GLY A 1 43  ? 0.595   -31.262 0.040   1.00 46.41 ? 42  GLY A CA  1 
ATOM   298  C C   . GLY A 1 43  ? 0.239   -29.808 -0.215  1.00 43.95 ? 42  GLY A C   1 
ATOM   299  O O   . GLY A 1 43  ? 0.635   -28.924 0.550   1.00 44.78 ? 42  GLY A O   1 
ATOM   300  N N   . GLY A 1 44  ? -0.522  -29.560 -1.279  1.00 42.25 ? 43  GLY A N   1 
ATOM   301  C CA  . GLY A 1 44  ? -0.908  -28.199 -1.624  1.00 38.29 ? 43  GLY A CA  1 
ATOM   302  C C   . GLY A 1 44  ? -1.883  -27.576 -0.643  1.00 36.00 ? 43  GLY A C   1 
ATOM   303  O O   . GLY A 1 44  ? -2.724  -28.266 -0.077  1.00 36.95 ? 43  GLY A O   1 
ATOM   304  N N   . ALA A 1 45  ? -1.766  -26.272 -0.433  1.00 31.39 ? 44  ALA A N   1 
ATOM   305  C CA  . ALA A 1 45  ? -2.647  -25.569 0.479   1.00 28.24 ? 44  ALA A CA  1 
ATOM   306  C C   . ALA A 1 45  ? -3.082  -24.280 -0.193  1.00 25.65 ? 44  ALA A C   1 
ATOM   307  O O   . ALA A 1 45  ? -2.330  -23.694 -0.947  1.00 25.51 ? 44  ALA A O   1 
ATOM   308  C CB  . ALA A 1 45  ? -1.914  -25.248 1.791   1.00 29.24 ? 44  ALA A CB  1 
ATOM   309  N N   . LYS A 1 46  ? -4.309  -23.866 0.075   1.00 25.77 ? 45  LYS A N   1 
ATOM   310  C CA  . LYS A 1 46  ? -4.861  -22.628 -0.463  1.00 24.40 ? 45  LYS A CA  1 
ATOM   311  C C   . LYS A 1 46  ? -4.808  -21.587 0.653   1.00 22.59 ? 45  LYS A C   1 
ATOM   312  O O   . LYS A 1 46  ? -4.834  -21.945 1.828   1.00 21.46 ? 45  LYS A O   1 
ATOM   313  C CB  . LYS A 1 46  ? -6.331  -22.829 -0.856  1.00 27.61 ? 45  LYS A CB  1 
ATOM   314  C CG  . LYS A 1 46  ? -6.602  -23.595 -2.148  1.00 30.78 ? 45  LYS A CG  1 
ATOM   315  C CD  . LYS A 1 46  ? -6.288  -22.698 -3.336  1.00 35.26 ? 45  LYS A CD  1 
ATOM   316  C CE  . LYS A 1 46  ? -6.925  -23.204 -4.626  1.00 36.97 ? 45  LYS A CE  1 
ATOM   317  N NZ  . LYS A 1 46  ? -6.759  -22.220 -5.743  1.00 37.35 ? 45  LYS A NZ  1 
ATOM   318  N N   . ALA A 1 47  ? -4.698  -20.318 0.278   1.00 19.66 ? 46  ALA A N   1 
ATOM   319  C CA  . ALA A 1 47  ? -4.726  -19.228 1.246   1.00 17.97 ? 46  ALA A CA  1 
ATOM   320  C C   . ALA A 1 47  ? -5.811  -18.269 0.776   1.00 17.89 ? 46  ALA A C   1 
ATOM   321  O O   . ALA A 1 47  ? -6.000  -18.079 -0.424  1.00 18.01 ? 46  ALA A O   1 
ATOM   322  C CB  . ALA A 1 47  ? -3.394  -18.493 1.295   1.00 17.66 ? 46  ALA A CB  1 
ATOM   323  N N   . ARG A 1 48  ? -6.557  -17.705 1.715   1.00 16.32 ? 47  ARG A N   1 
ATOM   324  C CA  . ARG A 1 48  ? -7.537  -16.707 1.372   1.00 16.44 ? 47  ARG A CA  1 
ATOM   325  C C   . ARG A 1 48  ? -6.901  -15.448 1.932   1.00 17.12 ? 47  ARG A C   1 
ATOM   326  O O   . ARG A 1 48  ? -6.563  -15.383 3.126   1.00 16.69 ? 47  ARG A O   1 
ATOM   327  C CB  . ARG A 1 48  ? -8.883  -16.926 2.054   1.00 18.73 ? 47  ARG A CB  1 
ATOM   328  C CG  . ARG A 1 48  ? -9.887  -15.867 1.630   1.00 21.77 ? 47  ARG A CG  1 
ATOM   329  C CD  . ARG A 1 48  ? -11.199 -16.019 2.334   1.00 26.60 ? 47  ARG A CD  1 
ATOM   330  N NE  . ARG A 1 48  ? -10.990 -16.102 3.776   1.00 30.03 ? 47  ARG A NE  1 
ATOM   331  C CZ  . ARG A 1 48  ? -11.970 -16.171 4.672   1.00 30.24 ? 47  ARG A CZ  1 
ATOM   332  N NH1 . ARG A 1 48  ? -13.229 -16.160 4.272   1.00 30.71 ? 47  ARG A NH1 1 
ATOM   333  N NH2 . ARG A 1 48  ? -11.688 -16.302 5.959   1.00 30.51 ? 47  ARG A NH2 1 
ATOM   334  N N   . VAL A 1 49  ? -6.711  -14.467 1.061   1.00 15.31 ? 48  VAL A N   1 
ATOM   335  C CA  . VAL A 1 49  ? -6.112  -13.213 1.460   1.00 15.52 ? 48  VAL A CA  1 
ATOM   336  C C   . VAL A 1 49  ? -7.101  -12.080 1.262   1.00 16.44 ? 48  VAL A C   1 
ATOM   337  O O   . VAL A 1 49  ? -7.652  -11.895 0.177   1.00 17.32 ? 48  VAL A O   1 
ATOM   338  C CB  . VAL A 1 49  ? -4.820  -12.968 0.646   1.00 14.23 ? 48  VAL A CB  1 
ATOM   339  C CG1 . VAL A 1 49  ? -4.195  -11.622 1.002   1.00 13.94 ? 48  VAL A CG1 1 
ATOM   340  C CG2 . VAL A 1 49  ? -3.844  -14.122 0.911   1.00 13.70 ? 48  VAL A CG2 1 
ATOM   341  N N   . VAL A 1 50  ? -7.336  -11.345 2.336   1.00 14.90 ? 49  VAL A N   1 
ATOM   342  C CA  . VAL A 1 50  ? -8.251  -10.223 2.340   1.00 14.12 ? 49  VAL A CA  1 
ATOM   343  C C   . VAL A 1 50  ? -7.478  -8.937  2.573   1.00 15.03 ? 49  VAL A C   1 
ATOM   344  O O   . VAL A 1 50  ? -6.653  -8.850  3.503   1.00 15.51 ? 49  VAL A O   1 
ATOM   345  C CB  . VAL A 1 50  ? -9.298  -10.394 3.459   1.00 12.68 ? 49  VAL A CB  1 
ATOM   346  C CG1 . VAL A 1 50  ? -10.312 -9.195  3.449   1.00 13.12 ? 49  VAL A CG1 1 
ATOM   347  C CG2 . VAL A 1 50  ? -10.022 -11.696 3.271   1.00 14.75 ? 49  VAL A CG2 1 
ATOM   348  N N   . GLY A 1 51  ? -7.733  -7.940  1.729   1.00 14.89 ? 50  GLY A N   1 
ATOM   349  C CA  . GLY A 1 51  ? -7.032  -6.685  1.874   1.00 12.76 ? 50  GLY A CA  1 
ATOM   350  C C   . GLY A 1 51  ? -7.937  -5.475  1.788   1.00 14.35 ? 50  GLY A C   1 
ATOM   351  O O   . GLY A 1 51  ? -9.101  -5.595  1.398   1.00 14.46 ? 50  GLY A O   1 
ATOM   352  N N   . ILE A 1 52  ? -7.397  -4.337  2.209   1.00 13.90 ? 51  ILE A N   1 
ATOM   353  C CA  . ILE A 1 52  ? -8.085  -3.056  2.123   1.00 15.18 ? 51  ILE A CA  1 
ATOM   354  C C   . ILE A 1 52  ? -7.209  -2.175  1.249   1.00 13.75 ? 51  ILE A C   1 
ATOM   355  O O   . ILE A 1 52  ? -5.985  -2.151  1.396   1.00 11.98 ? 51  ILE A O   1 
ATOM   356  C CB  . ILE A 1 52  ? -8.266  -2.398  3.508   1.00 17.37 ? 51  ILE A CB  1 
ATOM   357  C CG1 . ILE A 1 52  ? -9.147  -3.299  4.353   1.00 20.51 ? 51  ILE A CG1 1 
ATOM   358  C CG2 . ILE A 1 52  ? -8.972  -1.014  3.366   1.00 17.72 ? 51  ILE A CG2 1 
ATOM   359  C CD1 . ILE A 1 52  ? -10.478 -3.555  3.703   1.00 23.28 ? 51  ILE A CD1 1 
ATOM   360  N N   . GLY A 1 53  ? -7.822  -1.435  0.327   1.00 12.76 ? 52  GLY A N   1 
ATOM   361  C CA  . GLY A 1 53  ? -7.012  -0.578  -0.512  1.00 13.01 ? 52  GLY A CA  1 
ATOM   362  C C   . GLY A 1 53  ? -6.106  0.331   0.290   1.00 14.96 ? 52  GLY A C   1 
ATOM   363  O O   . GLY A 1 53  ? -6.504  0.857   1.323   1.00 15.67 ? 52  GLY A O   1 
ATOM   364  N N   . ILE A 1 54  ? -4.885  0.518   -0.182  1.00 13.97 ? 53  ILE A N   1 
ATOM   365  C CA  . ILE A 1 54  ? -3.950  1.412   0.470   1.00 15.74 ? 53  ILE A CA  1 
ATOM   366  C C   . ILE A 1 54  ? -4.460  2.833   0.283   1.00 16.25 ? 53  ILE A C   1 
ATOM   367  O O   . ILE A 1 54  ? -4.500  3.633   1.237   1.00 18.34 ? 53  ILE A O   1 
ATOM   368  C CB  . ILE A 1 54  ? -2.534  1.330   -0.187  1.00 16.22 ? 53  ILE A CB  1 
ATOM   369  C CG1 . ILE A 1 54  ? -1.915  -0.061  0.062   1.00 18.83 ? 53  ILE A CG1 1 
ATOM   370  C CG2 . ILE A 1 54  ? -1.641  2.450   0.349   1.00 15.61 ? 53  ILE A CG2 1 
ATOM   371  C CD1 . ILE A 1 54  ? -0.589  -0.284  -0.684  1.00 20.01 ? 53  ILE A CD1 1 
ATOM   372  N N   . PHE A 1 55  ? -4.873  3.122   -0.952  1.00 18.43 ? 54  PHE A N   1 
ATOM   373  C CA  . PHE A 1 55  ? -5.314  4.468   -1.361  1.00 18.31 ? 54  PHE A CA  1 
ATOM   374  C C   . PHE A 1 55  ? -6.790  4.716   -1.538  1.00 19.55 ? 54  PHE A C   1 
ATOM   375  O O   . PHE A 1 55  ? -7.206  5.870   -1.760  1.00 19.93 ? 54  PHE A O   1 
ATOM   376  C CB  . PHE A 1 55  ? -4.630  4.854   -2.663  1.00 14.52 ? 54  PHE A CB  1 
ATOM   377  C CG  . PHE A 1 55  ? -3.143  4.708   -2.617  1.00 16.73 ? 54  PHE A CG  1 
ATOM   378  C CD1 . PHE A 1 55  ? -2.525  3.593   -3.180  1.00 15.67 ? 54  PHE A CD1 1 
ATOM   379  C CD2 . PHE A 1 55  ? -2.355  5.677   -1.983  1.00 16.07 ? 54  PHE A CD2 1 
ATOM   380  C CE1 . PHE A 1 55  ? -1.117  3.453   -3.107  1.00 17.47 ? 54  PHE A CE1 1 
ATOM   381  C CE2 . PHE A 1 55  ? -0.963  5.541   -1.905  1.00 17.61 ? 54  PHE A CE2 1 
ATOM   382  C CZ  . PHE A 1 55  ? -0.341  4.443   -2.461  1.00 17.60 ? 54  PHE A CZ  1 
ATOM   383  N N   . GLU A 1 56  ? -7.569  3.647   -1.465  1.00 19.74 ? 55  GLU A N   1 
ATOM   384  C CA  . GLU A 1 56  ? -9.013  3.706   -1.639  1.00 23.09 ? 55  GLU A CA  1 
ATOM   385  C C   . GLU A 1 56  ? -9.622  2.793   -0.593  1.00 22.97 ? 55  GLU A C   1 
ATOM   386  O O   . GLU A 1 56  ? -9.115  1.701   -0.357  1.00 22.36 ? 55  GLU A O   1 
ATOM   387  C CB  . GLU A 1 56  ? -9.365  3.192   -3.034  1.00 26.18 ? 55  GLU A CB  1 
ATOM   388  C CG  . GLU A 1 56  ? -10.841 3.009   -3.313  1.00 31.22 ? 55  GLU A CG  1 
ATOM   389  C CD  . GLU A 1 56  ? -11.082 2.387   -4.690  1.00 32.71 ? 55  GLU A CD  1 
ATOM   390  O OE1 . GLU A 1 56  ? -12.257 2.125   -5.039  1.00 34.24 ? 55  GLU A OE1 1 
ATOM   391  O OE2 . GLU A 1 56  ? -10.087 2.155   -5.420  1.00 34.78 ? 55  GLU A OE2 1 
ATOM   392  N N   . LYS A 1 57  ? -10.714 3.225   0.024   1.00 23.44 ? 56  LYS A N   1 
ATOM   393  C CA  . LYS A 1 57  ? -11.341 2.400   1.039   1.00 23.58 ? 56  LYS A CA  1 
ATOM   394  C C   . LYS A 1 57  ? -12.187 1.306   0.402   1.00 21.92 ? 56  LYS A C   1 
ATOM   395  O O   . LYS A 1 57  ? -13.412 1.369   0.393   1.00 22.07 ? 56  LYS A O   1 
ATOM   396  C CB  . LYS A 1 57  ? -12.166 3.280   1.980   1.00 27.99 ? 56  LYS A CB  1 
ATOM   397  C CG  . LYS A 1 57  ? -11.347 3.854   3.160   1.00 34.26 ? 56  LYS A CG  1 
ATOM   398  C CD  . LYS A 1 57  ? -10.084 4.600   2.715   1.00 37.38 ? 56  LYS A CD  1 
ATOM   399  C CE  . LYS A 1 57  ? -10.404 5.801   1.817   1.00 40.13 ? 56  LYS A CE  1 
ATOM   400  N NZ  . LYS A 1 57  ? -9.169  6.516   1.335   1.00 38.78 ? 56  LYS A NZ  1 
ATOM   401  N N   . VAL A 1 58  ? -11.524 0.299   -0.149  1.00 19.02 ? 57  VAL A N   1 
ATOM   402  C CA  . VAL A 1 58  ? -12.234 -0.787  -0.799  1.00 18.88 ? 57  VAL A CA  1 
ATOM   403  C C   . VAL A 1 58  ? -11.690 -2.115  -0.299  1.00 18.72 ? 57  VAL A C   1 
ATOM   404  O O   . VAL A 1 58  ? -10.501 -2.228  -0.014  1.00 19.15 ? 57  VAL A O   1 
ATOM   405  C CB  . VAL A 1 58  ? -12.051 -0.718  -2.341  1.00 20.88 ? 57  VAL A CB  1 
ATOM   406  C CG1 . VAL A 1 58  ? -10.564 -0.830  -2.713  1.00 21.27 ? 57  VAL A CG1 1 
ATOM   407  C CG2 . VAL A 1 58  ? -12.854 -1.826  -3.006  1.00 22.15 ? 57  VAL A CG2 1 
ATOM   408  N N   . LYS A 1 59  ? -12.566 -3.101  -0.165  1.00 17.36 ? 58  LYS A N   1 
ATOM   409  C CA  . LYS A 1 59  ? -12.142 -4.429  0.271   1.00 17.46 ? 58  LYS A CA  1 
ATOM   410  C C   . LYS A 1 59  ? -11.938 -5.307  -0.968  1.00 17.88 ? 58  LYS A C   1 
ATOM   411  O O   . LYS A 1 59  ? -12.737 -5.261  -1.916  1.00 15.63 ? 58  LYS A O   1 
ATOM   412  C CB  . LYS A 1 59  ? -13.201 -5.070  1.174   1.00 18.99 ? 58  LYS A CB  1 
ATOM   413  C CG  . LYS A 1 59  ? -12.964 -6.567  1.477   1.00 19.37 ? 58  LYS A CG  1 
ATOM   414  C CD  . LYS A 1 59  ? -14.190 -7.176  2.150   1.00 22.08 ? 58  LYS A CD  1 
ATOM   415  C CE  . LYS A 1 59  ? -14.080 -8.678  2.396   1.00 24.73 ? 58  LYS A CE  1 
ATOM   416  N NZ  . LYS A 1 59  ? -15.369 -9.217  2.930   1.00 25.91 ? 58  LYS A NZ  1 
ATOM   417  N N   . LYS A 1 60  ? -10.865 -6.097  -0.958  1.00 16.60 ? 59  LYS A N   1 
ATOM   418  C CA  . LYS A 1 60  ? -10.559 -7.006  -2.053  1.00 15.56 ? 59  LYS A CA  1 
ATOM   419  C C   . LYS A 1 60  ? -10.076 -8.309  -1.429  1.00 17.04 ? 59  LYS A C   1 
ATOM   420  O O   . LYS A 1 60  ? -9.572  -8.316  -0.307  1.00 15.74 ? 59  LYS A O   1 
ATOM   421  C CB  . LYS A 1 60  ? -9.434  -6.452  -2.945  1.00 16.98 ? 59  LYS A CB  1 
ATOM   422  C CG  . LYS A 1 60  ? -9.717  -5.182  -3.721  1.00 18.43 ? 59  LYS A CG  1 
ATOM   423  C CD  . LYS A 1 60  ? -10.785 -5.402  -4.791  1.00 17.97 ? 59  LYS A CD  1 
ATOM   424  C CE  . LYS A 1 60  ? -10.777 -4.273  -5.824  1.00 17.16 ? 59  LYS A CE  1 
ATOM   425  N NZ  . LYS A 1 60  ? -11.807 -4.512  -6.916  1.00 16.23 ? 59  LYS A NZ  1 
ATOM   426  N N   . GLU A 1 61  ? -10.239 -9.417  -2.141  1.00 16.43 ? 60  GLU A N   1 
ATOM   427  C CA  . GLU A 1 61  ? -9.747  -10.683 -1.614  1.00 18.27 ? 60  GLU A CA  1 
ATOM   428  C C   . GLU A 1 61  ? -9.489  -11.645 -2.749  1.00 17.22 ? 60  GLU A C   1 
ATOM   429  O O   . GLU A 1 61  ? -10.008 -11.471 -3.857  1.00 17.13 ? 60  GLU A O   1 
ATOM   430  C CB  . GLU A 1 61  ? -10.765 -11.301 -0.639  1.00 20.61 ? 60  GLU A CB  1 
ATOM   431  C CG  . GLU A 1 61  ? -12.053 -11.781 -1.280  1.00 26.66 ? 60  GLU A CG  1 
ATOM   432  C CD  . GLU A 1 61  ? -13.099 -12.200 -0.260  1.00 30.50 ? 60  GLU A CD  1 
ATOM   433  O OE1 . GLU A 1 61  ? -12.785 -13.033 0.616   1.00 32.71 ? 60  GLU A OE1 1 
ATOM   434  O OE2 . GLU A 1 61  ? -14.245 -11.701 -0.342  1.00 34.23 ? 60  GLU A OE2 1 
ATOM   435  N N   . PHE A 1 62  ? -8.661  -12.640 -2.482  1.00 15.22 ? 61  PHE A N   1 
ATOM   436  C CA  . PHE A 1 62  ? -8.406  -13.689 -3.453  1.00 15.39 ? 61  PHE A CA  1 
ATOM   437  C C   . PHE A 1 62  ? -8.125  -14.985 -2.717  1.00 16.63 ? 61  PHE A C   1 
ATOM   438  O O   . PHE A 1 62  ? -7.822  -14.987 -1.503  1.00 14.21 ? 61  PHE A O   1 
ATOM   439  C CB  . PHE A 1 62  ? -7.247  -13.326 -4.413  1.00 16.14 ? 61  PHE A CB  1 
ATOM   440  C CG  . PHE A 1 62  ? -5.876  -13.256 -3.773  1.00 16.08 ? 61  PHE A CG  1 
ATOM   441  C CD1 . PHE A 1 62  ? -5.142  -14.420 -3.494  1.00 16.93 ? 61  PHE A CD1 1 
ATOM   442  C CD2 . PHE A 1 62  ? -5.290  -12.020 -3.516  1.00 16.21 ? 61  PHE A CD2 1 
ATOM   443  C CE1 . PHE A 1 62  ? -3.832  -14.347 -2.972  1.00 17.44 ? 61  PHE A CE1 1 
ATOM   444  C CE2 . PHE A 1 62  ? -3.983  -11.934 -2.997  1.00 17.10 ? 61  PHE A CE2 1 
ATOM   445  C CZ  . PHE A 1 62  ? -3.251  -13.102 -2.728  1.00 17.82 ? 61  PHE A CZ  1 
ATOM   446  N N   . VAL A 1 63  ? -8.270  -16.086 -3.441  1.00 16.41 ? 62  VAL A N   1 
ATOM   447  C CA  . VAL A 1 63  ? -7.965  -17.400 -2.909  1.00 15.26 ? 62  VAL A CA  1 
ATOM   448  C C   . VAL A 1 63  ? -6.972  -17.984 -3.911  1.00 17.58 ? 62  VAL A C   1 
ATOM   449  O O   . VAL A 1 63  ? -7.201  -17.962 -5.127  1.00 15.53 ? 62  VAL A O   1 
ATOM   450  C CB  . VAL A 1 63  ? -9.205  -18.321 -2.816  1.00 15.37 ? 62  VAL A CB  1 
ATOM   451  C CG1 . VAL A 1 63  ? -8.777  -19.698 -2.354  1.00 16.74 ? 62  VAL A CG1 1 
ATOM   452  C CG2 . VAL A 1 63  ? -10.225 -17.753 -1.808  1.00 14.30 ? 62  VAL A CG2 1 
ATOM   453  N N   . ALA A 1 64  ? -5.862  -18.497 -3.410  1.00 15.91 ? 63  ALA A N   1 
ATOM   454  C CA  . ALA A 1 64  ? -4.865  -19.056 -4.303  1.00 16.40 ? 63  ALA A CA  1 
ATOM   455  C C   . ALA A 1 64  ? -3.937  -20.008 -3.583  1.00 16.52 ? 63  ALA A C   1 
ATOM   456  O O   . ALA A 1 64  ? -3.849  -19.985 -2.358  1.00 15.56 ? 63  ALA A O   1 
ATOM   457  C CB  . ALA A 1 64  ? -4.057  -17.922 -4.920  1.00 16.98 ? 63  ALA A CB  1 
ATOM   458  N N   . PRO A 1 65  ? -3.255  -20.898 -4.336  1.00 16.32 ? 64  PRO A N   1 
ATOM   459  C CA  . PRO A 1 65  ? -2.324  -21.829 -3.701  1.00 17.23 ? 64  PRO A CA  1 
ATOM   460  C C   . PRO A 1 65  ? -1.197  -21.068 -3.023  1.00 16.61 ? 64  PRO A C   1 
ATOM   461  O O   . PRO A 1 65  ? -0.701  -20.054 -3.538  1.00 15.76 ? 64  PRO A O   1 
ATOM   462  C CB  . PRO A 1 65  ? -1.801  -22.649 -4.890  1.00 18.81 ? 64  PRO A CB  1 
ATOM   463  C CG  . PRO A 1 65  ? -3.016  -22.655 -5.820  1.00 18.56 ? 64  PRO A CG  1 
ATOM   464  C CD  . PRO A 1 65  ? -3.322  -21.171 -5.782  1.00 17.35 ? 64  PRO A CD  1 
ATOM   465  N N   . THR A 1 66  ? -0.770  -21.545 -1.861  1.00 17.09 ? 65  THR A N   1 
ATOM   466  C CA  . THR A 1 66  ? 0.303   -20.858 -1.177  1.00 16.68 ? 65  THR A CA  1 
ATOM   467  C C   . THR A 1 66  ? 1.595   -20.870 -1.997  1.00 17.25 ? 65  THR A C   1 
ATOM   468  O O   . THR A 1 66  ? 2.415   -19.984 -1.850  1.00 16.25 ? 65  THR A O   1 
ATOM   469  C CB  . THR A 1 66  ? 0.544   -21.472 0.226   1.00 17.52 ? 65  THR A CB  1 
ATOM   470  O OG1 . THR A 1 66  ? 0.735   -22.884 0.089   1.00 18.78 ? 65  THR A OG1 1 
ATOM   471  C CG2 . THR A 1 66  ? -0.663  -21.215 1.127   1.00 17.74 ? 65  THR A CG2 1 
ATOM   472  N N   . SER A 1 67  ? 1.744   -21.837 -2.908  1.00 18.14 ? 66  SER A N   1 
ATOM   473  C CA  . SER A 1 67  ? 2.944   -21.916 -3.730  1.00 19.95 ? 66  SER A CA  1 
ATOM   474  C C   . SER A 1 67  ? 2.806   -21.075 -5.011  1.00 22.00 ? 66  SER A C   1 
ATOM   475  O O   . SER A 1 67  ? 3.730   -21.028 -5.838  1.00 23.56 ? 66  SER A O   1 
ATOM   476  C CB  . SER A 1 67  ? 3.231   -23.375 -4.091  1.00 20.30 ? 66  SER A CB  1 
ATOM   477  O OG  . SER A 1 67  ? 2.110   -23.904 -4.765  1.00 20.96 ? 66  SER A OG  1 
ATOM   478  N N   . SER A 1 68  ? 1.661   -20.418 -5.188  1.00 22.09 ? 67  SER A N   1 
ATOM   479  C CA  . SER A 1 68  ? 1.482   -19.598 -6.386  1.00 21.63 ? 67  SER A CA  1 
ATOM   480  C C   . SER A 1 68  ? 2.119   -18.225 -6.177  1.00 21.87 ? 67  SER A C   1 
ATOM   481  O O   . SER A 1 68  ? 2.362   -17.814 -5.041  1.00 18.97 ? 67  SER A O   1 
ATOM   482  C CB  . SER A 1 68  ? -0.011  -19.470 -6.740  1.00 24.09 ? 67  SER A CB  1 
ATOM   483  O OG  . SER A 1 68  ? -0.703  -18.651 -5.807  1.00 25.13 ? 67  SER A OG  1 
ATOM   484  N N   . LYS A 1 69  ? 2.401   -17.528 -7.276  1.00 19.59 ? 68  LYS A N   1 
ATOM   485  C CA  . LYS A 1 69  ? 3.040   -16.210 -7.225  1.00 20.99 ? 68  LYS A CA  1 
ATOM   486  C C   . LYS A 1 69  ? 2.008   -15.082 -7.231  1.00 18.97 ? 68  LYS A C   1 
ATOM   487  O O   . LYS A 1 69  ? 0.899   -15.248 -7.727  1.00 18.97 ? 68  LYS A O   1 
ATOM   488  C CB  . LYS A 1 69  ? 3.970   -16.035 -8.433  1.00 22.77 ? 68  LYS A CB  1 
ATOM   489  C CG  . LYS A 1 69  ? 5.168   -16.983 -8.493  1.00 26.09 ? 68  LYS A CG  1 
ATOM   490  C CD  . LYS A 1 69  ? 6.171   -16.699 -7.381  1.00 27.88 ? 68  LYS A CD  1 
ATOM   491  C CE  . LYS A 1 69  ? 7.403   -17.598 -7.482  1.00 29.53 ? 68  LYS A CE  1 
ATOM   492  N NZ  . LYS A 1 69  ? 6.985   -19.031 -7.467  1.00 30.06 ? 68  LYS A NZ  1 
ATOM   493  N N   . VAL A 1 70  ? 2.371   -13.939 -6.660  1.00 18.52 ? 69  VAL A N   1 
ATOM   494  C CA  . VAL A 1 70  ? 1.472   -12.788 -6.653  1.00 17.76 ? 69  VAL A CA  1 
ATOM   495  C C   . VAL A 1 70  ? 2.337   -11.538 -6.620  1.00 17.27 ? 69  VAL A C   1 
ATOM   496  O O   . VAL A 1 70  ? 3.487   -11.574 -6.143  1.00 16.43 ? 69  VAL A O   1 
ATOM   497  C CB  . VAL A 1 70  ? 0.522   -12.820 -5.422  1.00 19.83 ? 69  VAL A CB  1 
ATOM   498  C CG1 . VAL A 1 70  ? 1.316   -12.617 -4.137  1.00 22.87 ? 69  VAL A CG1 1 
ATOM   499  C CG2 . VAL A 1 70  ? -0.577  -11.792 -5.577  1.00 17.80 ? 69  VAL A CG2 1 
ATOM   500  N N   . GLU A 1 71  ? 1.793   -10.444 -7.162  1.00 15.48 ? 70  GLU A N   1 
ATOM   501  C CA  . GLU A 1 71  ? 2.471   -9.156  -7.211  1.00 16.32 ? 70  GLU A CA  1 
ATOM   502  C C   . GLU A 1 71  ? 2.240   -8.360  -5.947  1.00 15.32 ? 70  GLU A C   1 
ATOM   503  O O   . GLU A 1 71  ? 1.132   -8.351  -5.433  1.00 14.31 ? 70  GLU A O   1 
ATOM   504  C CB  . GLU A 1 71  ? 1.945   -8.317  -8.385  1.00 21.09 ? 70  GLU A CB  1 
ATOM   505  C CG  . GLU A 1 71  ? 2.626   -8.556  -9.724  1.00 28.32 ? 70  GLU A CG  1 
ATOM   506  C CD  . GLU A 1 71  ? 2.985   -10.004 -9.987  1.00 32.14 ? 70  GLU A CD  1 
ATOM   507  O OE1 . GLU A 1 71  ? 2.065   -10.868 -10.035 1.00 35.96 ? 70  GLU A OE1 1 
ATOM   508  O OE2 . GLU A 1 71  ? 4.210   -10.271 -10.159 1.00 35.66 ? 70  GLU A OE2 1 
ATOM   509  N N   . VAL A 1 72  ? 3.297   -7.706  -5.454  1.00 15.24 ? 71  VAL A N   1 
ATOM   510  C CA  . VAL A 1 72  ? 3.190   -6.848  -4.272  1.00 16.51 ? 71  VAL A CA  1 
ATOM   511  C C   . VAL A 1 72  ? 3.756   -5.481  -4.648  1.00 15.66 ? 71  VAL A C   1 
ATOM   512  O O   . VAL A 1 72  ? 4.788   -5.370  -5.311  1.00 16.88 ? 71  VAL A O   1 
ATOM   513  C CB  . VAL A 1 72  ? 3.972   -7.428  -3.059  1.00 17.53 ? 71  VAL A CB  1 
ATOM   514  C CG1 . VAL A 1 72  ? 3.433   -8.807  -2.701  1.00 18.79 ? 71  VAL A CG1 1 
ATOM   515  C CG2 . VAL A 1 72  ? 5.416   -7.515  -3.371  1.00 23.17 ? 71  VAL A CG2 1 
ATOM   516  N N   . PRO A 1 73  ? 3.056   -4.410  -4.265  1.00 16.12 ? 72  PRO A N   1 
ATOM   517  C CA  . PRO A 1 73  ? 3.562   -3.079  -4.603  1.00 16.16 ? 72  PRO A CA  1 
ATOM   518  C C   . PRO A 1 73  ? 4.779   -2.730  -3.762  1.00 18.51 ? 72  PRO A C   1 
ATOM   519  O O   . PRO A 1 73  ? 4.808   -3.013  -2.567  1.00 17.52 ? 72  PRO A O   1 
ATOM   520  C CB  . PRO A 1 73  ? 2.365   -2.195  -4.291  1.00 17.22 ? 72  PRO A CB  1 
ATOM   521  C CG  . PRO A 1 73  ? 1.783   -2.867  -3.083  1.00 16.50 ? 72  PRO A CG  1 
ATOM   522  C CD  . PRO A 1 73  ? 1.751   -4.305  -3.581  1.00 15.58 ? 72  PRO A CD  1 
ATOM   523  N N   . ILE A 1 74  ? 5.788   -2.129  -4.384  1.00 18.11 ? 73  ILE A N   1 
ATOM   524  C CA  . ILE A 1 74  ? 6.973   -1.709  -3.652  1.00 18.30 ? 73  ILE A CA  1 
ATOM   525  C C   . ILE A 1 74  ? 6.613   -0.339  -3.055  1.00 17.80 ? 73  ILE A C   1 
ATOM   526  O O   . ILE A 1 74  ? 6.098   0.549   -3.755  1.00 17.86 ? 73  ILE A O   1 
ATOM   527  C CB  . ILE A 1 74  ? 8.193   -1.649  -4.594  1.00 18.99 ? 73  ILE A CB  1 
ATOM   528  C CG1 . ILE A 1 74  ? 8.419   -3.057  -5.179  1.00 21.72 ? 73  ILE A CG1 1 
ATOM   529  C CG2 . ILE A 1 74  ? 9.456   -1.250  -3.823  1.00 20.93 ? 73  ILE A CG2 1 
ATOM   530  C CD1 . ILE A 1 74  ? 9.558   -3.152  -6.176  1.00 25.10 ? 73  ILE A CD1 1 
ATOM   531  N N   . ILE A 1 75  ? 6.826   -0.205  -1.745  1.00 17.93 ? 74  ILE A N   1 
ATOM   532  C CA  . ILE A 1 75  ? 6.499   1.020   -1.017  1.00 19.12 ? 74  ILE A CA  1 
ATOM   533  C C   . ILE A 1 75  ? 7.724   1.907   -0.864  1.00 19.89 ? 74  ILE A C   1 
ATOM   534  O O   . ILE A 1 75  ? 8.775   1.430   -0.434  1.00 22.40 ? 74  ILE A O   1 
ATOM   535  C CB  . ILE A 1 75  ? 5.978   0.703   0.428   1.00 18.32 ? 74  ILE A CB  1 
ATOM   536  C CG1 . ILE A 1 75  ? 4.880   -0.366  0.407   1.00 17.11 ? 74  ILE A CG1 1 
ATOM   537  C CG2 . ILE A 1 75  ? 5.548   1.986   1.113   1.00 19.32 ? 74  ILE A CG2 1 
ATOM   538  C CD1 . ILE A 1 75  ? 3.728   -0.130  -0.521  1.00 19.19 ? 74  ILE A CD1 1 
ATOM   539  N N   . ASP A 1 76  ? 7.612   3.187   -1.214  1.00 20.64 ? 75  ASP A N   1 
ATOM   540  C CA  . ASP A 1 76  ? 8.738   4.125   -1.041  1.00 20.68 ? 75  ASP A CA  1 
ATOM   541  C C   . ASP A 1 76  ? 8.302   4.982   0.154   1.00 20.15 ? 75  ASP A C   1 
ATOM   542  O O   . ASP A 1 76  ? 7.344   5.719   0.033   1.00 18.17 ? 75  ASP A O   1 
ATOM   543  C CB  . ASP A 1 76  ? 8.895   5.038   -2.262  1.00 22.35 ? 75  ASP A CB  1 
ATOM   544  C CG  . ASP A 1 76  ? 10.155  5.919   -2.184  1.00 23.44 ? 75  ASP A CG  1 
ATOM   545  O OD1 . ASP A 1 76  ? 10.305  6.817   -3.032  1.00 26.94 ? 75  ASP A OD1 1 
ATOM   546  O OD2 . ASP A 1 76  ? 10.989  5.699   -1.288  1.00 23.00 ? 75  ASP A OD2 1 
ATOM   547  N N   . ARG A 1 77  ? 8.972   4.859   1.298   1.00 20.01 ? 76  ARG A N   1 
ATOM   548  C CA  . ARG A 1 77  ? 8.576   5.641   2.463   1.00 21.46 ? 76  ARG A CA  1 
ATOM   549  C C   . ARG A 1 77  ? 9.389   6.905   2.453   1.00 21.20 ? 76  ARG A C   1 
ATOM   550  O O   . ARG A 1 77  ? 10.633  6.877   2.465   1.00 20.66 ? 76  ARG A O   1 
ATOM   551  C CB  . ARG A 1 77  ? 8.783   4.864   3.768   1.00 22.86 ? 76  ARG A CB  1 
ATOM   552  C CG  . ARG A 1 77  ? 7.852   3.691   3.882   1.00 25.88 ? 76  ARG A CG  1 
ATOM   553  C CD  . ARG A 1 77  ? 7.995   2.871   5.141   1.00 28.92 ? 76  ARG A CD  1 
ATOM   554  N NE  . ARG A 1 77  ? 6.983   1.818   5.076   1.00 30.51 ? 76  ARG A NE  1 
ATOM   555  C CZ  . ARG A 1 77  ? 5.682   2.019   5.264   1.00 28.81 ? 76  ARG A CZ  1 
ATOM   556  N NH1 . ARG A 1 77  ? 5.210   3.228   5.545   1.00 30.48 ? 76  ARG A NH1 1 
ATOM   557  N NH2 . ARG A 1 77  ? 4.837   1.022   5.086   1.00 30.74 ? 76  ARG A NH2 1 
ATOM   558  N N   . ARG A 1 78  ? 8.690   8.027   2.412   1.00 20.67 ? 77  ARG A N   1 
ATOM   559  C CA  . ARG A 1 78  ? 9.388   9.302   2.332   1.00 20.06 ? 77  ARG A CA  1 
ATOM   560  C C   . ARG A 1 78  ? 8.985   10.276  3.433   1.00 20.41 ? 77  ARG A C   1 
ATOM   561  O O   . ARG A 1 78  ? 8.108   9.983   4.242   1.00 18.29 ? 77  ARG A O   1 
ATOM   562  C CB  . ARG A 1 78  ? 9.141   9.916   0.952   1.00 19.75 ? 77  ARG A CB  1 
ATOM   563  C CG  . ARG A 1 78  ? 9.436   8.931   -0.215  1.00 20.32 ? 77  ARG A CG  1 
ATOM   564  C CD  . ARG A 1 78  ? 9.257   9.590   -1.567  1.00 17.90 ? 77  ARG A CD  1 
ATOM   565  N NE  . ARG A 1 78  ? 10.237  10.656  -1.802  1.00 20.81 ? 77  ARG A NE  1 
ATOM   566  C CZ  . ARG A 1 78  ? 11.476  10.455  -2.250  1.00 21.68 ? 77  ARG A CZ  1 
ATOM   567  N NH1 . ARG A 1 78  ? 11.895  9.230   -2.517  1.00 20.16 ? 77  ARG A NH1 1 
ATOM   568  N NH2 . ARG A 1 78  ? 12.296  11.482  -2.440  1.00 21.64 ? 77  ARG A NH2 1 
ATOM   569  N N   . LYS A 1 79  ? 9.642   11.431  3.464   1.00 18.94 ? 78  LYS A N   1 
ATOM   570  C CA  . LYS A 1 79  ? 9.320   12.456  4.462   1.00 20.65 ? 78  LYS A CA  1 
ATOM   571  C C   . LYS A 1 79  ? 9.078   13.776  3.742   1.00 19.86 ? 78  LYS A C   1 
ATOM   572  O O   . LYS A 1 79  ? 9.737   14.079  2.736   1.00 19.75 ? 78  LYS A O   1 
ATOM   573  C CB  . LYS A 1 79  ? 10.473  12.633  5.460   1.00 22.85 ? 78  LYS A CB  1 
ATOM   574  C CG  . LYS A 1 79  ? 10.766  11.411  6.322   1.00 27.41 ? 78  LYS A CG  1 
ATOM   575  C CD  . LYS A 1 79  ? 9.598   11.035  7.211   1.00 29.53 ? 78  LYS A CD  1 
ATOM   576  C CE  . LYS A 1 79  ? 9.269   12.150  8.194   1.00 31.89 ? 78  LYS A CE  1 
ATOM   577  N NZ  . LYS A 1 79  ? 8.160   11.834  9.133   1.00 36.59 ? 78  LYS A NZ  1 
ATOM   578  N N   . GLY A 1 80  ? 8.136   14.553  4.257   1.00 19.93 ? 79  GLY A N   1 
ATOM   579  C CA  . GLY A 1 80  ? 7.832   15.833  3.660   1.00 19.83 ? 79  GLY A CA  1 
ATOM   580  C C   . GLY A 1 80  ? 7.508   16.887  4.708   1.00 20.23 ? 79  GLY A C   1 
ATOM   581  O O   . GLY A 1 80  ? 7.307   16.575  5.880   1.00 17.90 ? 79  GLY A O   1 
ATOM   582  N N   . GLN A 1 81  ? 7.477   18.139  4.277   1.00 21.02 ? 80  GLN A N   1 
ATOM   583  C CA  . GLN A 1 81  ? 7.120   19.234  5.167   1.00 21.03 ? 80  GLN A CA  1 
ATOM   584  C C   . GLN A 1 81  ? 5.869   19.838  4.562   1.00 21.66 ? 80  GLN A C   1 
ATOM   585  O O   . GLN A 1 81  ? 5.820   20.081  3.358   1.00 21.43 ? 80  GLN A O   1 
ATOM   586  C CB  . GLN A 1 81  ? 8.226   20.285  5.219   1.00 22.96 ? 80  GLN A CB  1 
ATOM   587  C CG  . GLN A 1 81  ? 7.959   21.356  6.269   1.00 24.88 ? 80  GLN A CG  1 
ATOM   588  C CD  . GLN A 1 81  ? 9.156   22.250  6.508   1.00 26.70 ? 80  GLN A CD  1 
ATOM   589  O OE1 . GLN A 1 81  ? 9.275   22.857  7.561   1.00 29.56 ? 80  GLN A OE1 1 
ATOM   590  N NE2 . GLN A 1 81  ? 10.037  22.343  5.525   1.00 27.77 ? 80  GLN A NE2 1 
ATOM   591  N N   . VAL A 1 82  ? 4.851   20.055  5.380   1.00 21.86 ? 81  VAL A N   1 
ATOM   592  C CA  . VAL A 1 82  ? 3.617   20.638  4.879   1.00 23.51 ? 81  VAL A CA  1 
ATOM   593  C C   . VAL A 1 82  ? 3.856   22.102  4.536   1.00 22.71 ? 81  VAL A C   1 
ATOM   594  O O   . VAL A 1 82  ? 4.459   22.833  5.319   1.00 23.58 ? 81  VAL A O   1 
ATOM   595  C CB  . VAL A 1 82  ? 2.498   20.538  5.930   1.00 23.39 ? 81  VAL A CB  1 
ATOM   596  C CG1 . VAL A 1 82  ? 1.224   21.173  5.411   1.00 23.39 ? 81  VAL A CG1 1 
ATOM   597  C CG2 . VAL A 1 82  ? 2.274   19.091  6.294   1.00 24.18 ? 81  VAL A CG2 1 
ATOM   598  N N   . LEU A 1 83  ? 3.402   22.525  3.360   1.00 23.23 ? 82  LEU A N   1 
ATOM   599  C CA  . LEU A 1 83  ? 3.549   23.920  2.960   1.00 24.26 ? 82  LEU A CA  1 
ATOM   600  C C   . LEU A 1 83  ? 2.187   24.607  3.003   1.00 25.49 ? 82  LEU A C   1 
ATOM   601  O O   . LEU A 1 83  ? 2.086   25.815  3.248   1.00 24.40 ? 82  LEU A O   1 
ATOM   602  C CB  . LEU A 1 83  ? 4.092   24.018  1.537   1.00 24.81 ? 82  LEU A CB  1 
ATOM   603  C CG  . LEU A 1 83  ? 5.397   23.287  1.230   1.00 25.00 ? 82  LEU A CG  1 
ATOM   604  C CD1 . LEU A 1 83  ? 5.674   23.340  -0.258  1.00 25.04 ? 82  LEU A CD1 1 
ATOM   605  C CD2 . LEU A 1 83  ? 6.534   23.916  2.017   1.00 26.19 ? 82  LEU A CD2 1 
ATOM   606  N N   . ALA A 1 84  ? 1.132   23.842  2.751   1.00 23.13 ? 83  ALA A N   1 
ATOM   607  C CA  . ALA A 1 84  ? -0.197  24.419  2.745   1.00 24.25 ? 83  ALA A CA  1 
ATOM   608  C C   . ALA A 1 84  ? -1.274  23.368  2.666   1.00 23.90 ? 83  ALA A C   1 
ATOM   609  O O   . ALA A 1 84  ? -1.014  22.250  2.240   1.00 23.70 ? 83  ALA A O   1 
ATOM   610  C CB  . ALA A 1 84  ? -0.344  25.372  1.548   1.00 24.99 ? 83  ALA A CB  1 
ATOM   611  N N   . ILE A 1 85  ? -2.483  23.733  3.091   1.00 22.85 ? 84  ILE A N   1 
ATOM   612  C CA  . ILE A 1 85  ? -3.634  22.845  2.993   1.00 22.96 ? 84  ILE A CA  1 
ATOM   613  C C   . ILE A 1 85  ? -4.779  23.648  2.383   1.00 24.73 ? 84  ILE A C   1 
ATOM   614  O O   . ILE A 1 85  ? -5.243  24.651  2.949   1.00 23.23 ? 84  ILE A O   1 
ATOM   615  C CB  . ILE A 1 85  ? -4.084  22.286  4.350   1.00 24.40 ? 84  ILE A CB  1 
ATOM   616  C CG1 . ILE A 1 85  ? -2.895  21.620  5.061   1.00 25.04 ? 84  ILE A CG1 1 
ATOM   617  C CG2 . ILE A 1 85  ? -5.199  21.239  4.110   1.00 24.54 ? 84  ILE A CG2 1 
ATOM   618  C CD1 . ILE A 1 85  ? -3.243  20.957  6.380   1.00 28.65 ? 84  ILE A CD1 1 
ATOM   619  N N   . MET A 1 86  ? -5.225  23.217  1.214   1.00 26.08 ? 85  MET A N   1 
ATOM   620  C CA  . MET A 1 86  ? -6.285  23.903  0.503   1.00 28.92 ? 85  MET A CA  1 
ATOM   621  C C   . MET A 1 86  ? -7.262  22.927  -0.126  1.00 28.54 ? 85  MET A C   1 
ATOM   622  O O   . MET A 1 86  ? -6.856  21.999  -0.830  1.00 28.64 ? 85  MET A O   1 
ATOM   623  C CB  . MET A 1 86  ? -5.650  24.813  -0.560  1.00 32.77 ? 85  MET A CB  1 
ATOM   624  C CG  . MET A 1 86  ? -4.518  24.123  -1.348  1.00 38.67 ? 85  MET A CG  1 
ATOM   625  S SD  . MET A 1 86  ? -3.098  25.202  -1.860  1.00 45.26 ? 85  MET A SD  1 
ATOM   626  C CE  . MET A 1 86  ? -1.983  23.957  -2.621  1.00 43.82 ? 85  MET A CE  1 
ATOM   627  N N   . GLY A 1 87  ? -8.550  23.132  0.142   1.00 27.97 ? 86  GLY A N   1 
ATOM   628  C CA  . GLY A 1 87  ? -9.564  22.267  -0.423  1.00 28.13 ? 86  GLY A CA  1 
ATOM   629  C C   . GLY A 1 87  ? -9.343  20.836  0.021   1.00 27.95 ? 86  GLY A C   1 
ATOM   630  O O   . GLY A 1 87  ? -9.266  20.578  1.215   1.00 29.21 ? 86  GLY A O   1 
ATOM   631  N N   . ASP A 1 88  ? -9.221  19.907  -0.929  1.00 28.73 ? 87  ASP A N   1 
ATOM   632  C CA  . ASP A 1 88  ? -9.014  18.512  -0.568  1.00 27.78 ? 87  ASP A CA  1 
ATOM   633  C C   . ASP A 1 88  ? -7.583  18.031  -0.780  1.00 27.08 ? 87  ASP A C   1 
ATOM   634  O O   . ASP A 1 88  ? -7.335  16.830  -0.916  1.00 26.63 ? 87  ASP A O   1 
ATOM   635  C CB  . ASP A 1 88  ? -9.980  17.612  -1.345  1.00 31.40 ? 87  ASP A CB  1 
ATOM   636  C CG  . ASP A 1 88  ? -9.748  17.650  -2.843  1.00 32.18 ? 87  ASP A CG  1 
ATOM   637  O OD1 . ASP A 1 88  ? -10.497 16.955  -3.564  1.00 37.49 ? 87  ASP A OD1 1 
ATOM   638  O OD2 . ASP A 1 88  ? -8.828  18.366  -3.298  1.00 34.99 ? 87  ASP A OD2 1 
ATOM   639  N N   . MET A 1 89  ? -6.633  18.955  -0.775  1.00 25.08 ? 88  MET A N   1 
ATOM   640  C CA  . MET A 1 89  ? -5.239  18.570  -0.974  1.00 24.58 ? 88  MET A CA  1 
ATOM   641  C C   . MET A 1 89  ? -4.271  19.232  -0.008  1.00 23.29 ? 88  MET A C   1 
ATOM   642  O O   . MET A 1 89  ? -4.441  20.388  0.360   1.00 21.88 ? 88  MET A O   1 
ATOM   643  C CB  . MET A 1 89  ? -4.784  18.919  -2.391  1.00 27.16 ? 88  MET A CB  1 
ATOM   644  C CG  . MET A 1 89  ? -5.388  18.061  -3.487  1.00 33.25 ? 88  MET A CG  1 
ATOM   645  S SD  . MET A 1 89  ? -4.813  16.340  -3.415  1.00 34.25 ? 88  MET A SD  1 
ATOM   646  C CE  . MET A 1 89  ? -5.846  15.609  -4.697  1.00 34.68 ? 88  MET A CE  1 
ATOM   647  N N   . VAL A 1 90  ? -3.255  18.477  0.381   1.00 21.76 ? 89  VAL A N   1 
ATOM   648  C CA  . VAL A 1 90  ? -2.190  18.972  1.245   1.00 22.45 ? 89  VAL A CA  1 
ATOM   649  C C   . VAL A 1 90  ? -0.985  19.150  0.330   1.00 22.92 ? 89  VAL A C   1 
ATOM   650  O O   . VAL A 1 90  ? -0.597  18.221  -0.382  1.00 23.29 ? 89  VAL A O   1 
ATOM   651  C CB  . VAL A 1 90  ? -1.778  17.950  2.313   1.00 21.75 ? 89  VAL A CB  1 
ATOM   652  C CG1 . VAL A 1 90  ? -0.628  18.513  3.149   1.00 21.28 ? 89  VAL A CG1 1 
ATOM   653  C CG2 . VAL A 1 90  ? -2.956  17.590  3.185   1.00 23.44 ? 89  VAL A CG2 1 
ATOM   654  N N   . GLN A 1 91  ? -0.394  20.335  0.313   1.00 22.99 ? 90  GLN A N   1 
ATOM   655  C CA  . GLN A 1 91  ? 0.791   20.512  -0.524  1.00 22.70 ? 90  GLN A CA  1 
ATOM   656  C C   . GLN A 1 91  ? 2.010   20.326  0.366   1.00 21.14 ? 90  GLN A C   1 
ATOM   657  O O   . GLN A 1 91  ? 2.094   20.946  1.432   1.00 17.92 ? 90  GLN A O   1 
ATOM   658  C CB  . GLN A 1 91  ? 0.833   21.905  -1.153  1.00 25.60 ? 90  GLN A CB  1 
ATOM   659  C CG  . GLN A 1 91  ? 2.152   22.172  -1.860  1.00 32.75 ? 90  GLN A CG  1 
ATOM   660  C CD  . GLN A 1 91  ? 2.244   23.544  -2.486  1.00 35.25 ? 90  GLN A CD  1 
ATOM   661  O OE1 . GLN A 1 91  ? 1.883   24.548  -1.868  1.00 38.97 ? 90  GLN A OE1 1 
ATOM   662  N NE2 . GLN A 1 91  ? 2.757   23.602  -3.713  1.00 37.65 ? 90  GLN A NE2 1 
ATOM   663  N N   . ILE A 1 92  ? 2.939   19.470  -0.062  1.00 20.58 ? 91  ILE A N   1 
ATOM   664  C CA  . ILE A 1 92  ? 4.146   19.220  0.719   1.00 21.14 ? 91  ILE A CA  1 
ATOM   665  C C   . ILE A 1 92  ? 5.408   19.366  -0.116  1.00 21.76 ? 91  ILE A C   1 
ATOM   666  O O   . ILE A 1 92  ? 5.365   19.397  -1.340  1.00 22.37 ? 91  ILE A O   1 
ATOM   667  C CB  . ILE A 1 92  ? 4.161   17.793  1.361   1.00 20.15 ? 91  ILE A CB  1 
ATOM   668  C CG1 . ILE A 1 92  ? 4.209   16.722  0.261   1.00 21.55 ? 91  ILE A CG1 1 
ATOM   669  C CG2 . ILE A 1 92  ? 2.929   17.600  2.241   1.00 20.76 ? 91  ILE A CG2 1 
ATOM   670  C CD1 . ILE A 1 92  ? 4.441   15.279  0.771   1.00 22.92 ? 91  ILE A CD1 1 
ATOM   671  N N   . MET A 1 93  ? 6.539   19.480  0.563   1.00 22.34 ? 92  MET A N   1 
ATOM   672  C CA  . MET A 1 93  ? 7.830   19.569  -0.110  1.00 22.02 ? 92  MET A CA  1 
ATOM   673  C C   . MET A 1 93  ? 8.603   18.337  0.356   1.00 20.41 ? 92  MET A C   1 
ATOM   674  O O   . MET A 1 93  ? 8.801   18.155  1.558   1.00 22.42 ? 92  MET A O   1 
ATOM   675  C CB  . MET A 1 93  ? 8.587   20.823  0.320   1.00 22.76 ? 92  MET A CB  1 
ATOM   676  C CG  . MET A 1 93  ? 9.950   20.922  -0.317  1.00 23.90 ? 92  MET A CG  1 
ATOM   677  S SD  . MET A 1 93  ? 10.994  22.215  0.371   1.00 26.64 ? 92  MET A SD  1 
ATOM   678  C CE  . MET A 1 93  ? 11.245  21.585  2.023   1.00 26.36 ? 92  MET A CE  1 
ATOM   679  N N   . ASP A 1 94  ? 9.022   17.482  -0.569  1.00 21.01 ? 93  ASP A N   1 
ATOM   680  C CA  . ASP A 1 94  ? 9.773   16.287  -0.185  1.00 20.84 ? 93  ASP A CA  1 
ATOM   681  C C   . ASP A 1 94  ? 11.100  16.770  0.433   1.00 20.77 ? 93  ASP A C   1 
ATOM   682  O O   . ASP A 1 94  ? 11.758  17.665  -0.108  1.00 20.09 ? 93  ASP A O   1 
ATOM   683  C CB  . ASP A 1 94  ? 10.052  15.420  -1.413  1.00 21.28 ? 93  ASP A CB  1 
ATOM   684  C CG  . ASP A 1 94  ? 10.764  14.127  -1.070  1.00 24.10 ? 93  ASP A CG  1 
ATOM   685  O OD1 . ASP A 1 94  ? 10.125  13.193  -0.528  1.00 23.70 ? 93  ASP A OD1 1 
ATOM   686  O OD2 . ASP A 1 94  ? 11.985  14.043  -1.341  1.00 22.86 ? 93  ASP A OD2 1 
ATOM   687  N N   . LEU A 1 95  ? 11.496  16.165  1.549   1.00 21.07 ? 94  LEU A N   1 
ATOM   688  C CA  . LEU A 1 95  ? 12.719  16.575  2.247   1.00 21.92 ? 94  LEU A CA  1 
ATOM   689  C C   . LEU A 1 95  ? 14.030  16.088  1.663   1.00 23.36 ? 94  LEU A C   1 
ATOM   690  O O   . LEU A 1 95  ? 15.107  16.382  2.199   1.00 22.92 ? 94  LEU A O   1 
ATOM   691  C CB  . LEU A 1 95  ? 12.628  16.134  3.704   1.00 22.15 ? 94  LEU A CB  1 
ATOM   692  C CG  . LEU A 1 95  ? 11.554  16.877  4.501   1.00 24.02 ? 94  LEU A CG  1 
ATOM   693  C CD1 . LEU A 1 95  ? 11.452  16.296  5.915   1.00 24.26 ? 94  LEU A CD1 1 
ATOM   694  C CD2 . LEU A 1 95  ? 11.918  18.363  4.534   1.00 23.68 ? 94  LEU A CD2 1 
ATOM   695  N N   . GLN A 1 96  ? 13.949  15.322  0.587   1.00 23.04 ? 95  GLN A N   1 
ATOM   696  C CA  . GLN A 1 96  ? 15.147  14.839  -0.063  1.00 25.94 ? 95  GLN A CA  1 
ATOM   697  C C   . GLN A 1 96  ? 15.355  15.525  -1.420  1.00 26.52 ? 95  GLN A C   1 
ATOM   698  O O   . GLN A 1 96  ? 16.490  15.823  -1.787  1.00 26.27 ? 95  GLN A O   1 
ATOM   699  C CB  . GLN A 1 96  ? 15.093  13.317  -0.240  1.00 27.98 ? 95  GLN A CB  1 
ATOM   700  C CG  . GLN A 1 96  ? 16.239  12.762  -1.074  1.00 31.63 ? 95  GLN A CG  1 
ATOM   701  C CD  . GLN A 1 96  ? 16.214  11.246  -1.184  1.00 33.51 ? 95  GLN A CD  1 
ATOM   702  O OE1 . GLN A 1 96  ? 15.151  10.629  -1.173  1.00 30.69 ? 95  GLN A OE1 1 
ATOM   703  N NE2 . GLN A 1 96  ? 17.388  10.643  -1.331  1.00 33.98 ? 95  GLN A NE2 1 
ATOM   704  N N   . THR A 1 97  ? 14.272  15.774  -2.156  1.00 25.97 ? 96  THR A N   1 
ATOM   705  C CA  . THR A 1 97  ? 14.374  16.417  -3.470  1.00 25.81 ? 96  THR A CA  1 
ATOM   706  C C   . THR A 1 97  ? 14.008  17.905  -3.475  1.00 26.96 ? 96  THR A C   1 
ATOM   707  O O   . THR A 1 97  ? 14.316  18.625  -4.432  1.00 27.20 ? 96  THR A O   1 
ATOM   708  C CB  . THR A 1 97  ? 13.443  15.754  -4.482  1.00 25.93 ? 96  THR A CB  1 
ATOM   709  O OG1 . THR A 1 97  ? 12.087  16.016  -4.094  1.00 24.47 ? 96  THR A OG1 1 
ATOM   710  C CG2 . THR A 1 97  ? 13.666  14.261  -4.530  1.00 24.69 ? 96  THR A CG2 1 
ATOM   711  N N   . TYR A 1 98  ? 13.338  18.354  -2.422  1.00 26.96 ? 97  TYR A N   1 
ATOM   712  C CA  . TYR A 1 98  ? 12.885  19.737  -2.319  1.00 28.23 ? 97  TYR A CA  1 
ATOM   713  C C   . TYR A 1 98  ? 11.836  20.048  -3.387  1.00 30.08 ? 97  TYR A C   1 
ATOM   714  O O   . TYR A 1 98  ? 11.625  21.207  -3.745  1.00 31.37 ? 97  TYR A O   1 
ATOM   715  C CB  . TYR A 1 98  ? 14.065  20.703  -2.415  1.00 26.10 ? 97  TYR A CB  1 
ATOM   716  C CG  . TYR A 1 98  ? 14.991  20.563  -1.229  1.00 26.57 ? 97  TYR A CG  1 
ATOM   717  C CD1 . TYR A 1 98  ? 16.335  20.248  -1.392  1.00 24.90 ? 97  TYR A CD1 1 
ATOM   718  C CD2 . TYR A 1 98  ? 14.501  20.688  0.063   1.00 27.12 ? 97  TYR A CD2 1 
ATOM   719  C CE1 . TYR A 1 98  ? 17.164  20.058  -0.288  1.00 24.57 ? 97  TYR A CE1 1 
ATOM   720  C CE2 . TYR A 1 98  ? 15.315  20.499  1.163   1.00 26.57 ? 97  TYR A CE2 1 
ATOM   721  C CZ  . TYR A 1 98  ? 16.644  20.182  0.982   1.00 25.72 ? 97  TYR A CZ  1 
ATOM   722  O OH  . TYR A 1 98  ? 17.428  19.987  2.089   1.00 26.63 ? 97  TYR A OH  1 
ATOM   723  N N   . GLU A 1 99  ? 11.196  18.994  -3.888  1.00 31.45 ? 98  GLU A N   1 
ATOM   724  C CA  . GLU A 1 99  ? 10.133  19.125  -4.883  1.00 33.36 ? 98  GLU A CA  1 
ATOM   725  C C   . GLU A 1 99  ? 8.836   19.186  -4.101  1.00 33.27 ? 98  GLU A C   1 
ATOM   726  O O   . GLU A 1 99  ? 8.732   18.636  -2.995  1.00 31.56 ? 98  GLU A O   1 
ATOM   727  C CB  . GLU A 1 99  ? 10.072  17.904  -5.781  1.00 35.75 ? 98  GLU A CB  1 
ATOM   728  C CG  . GLU A 1 99  ? 9.713   16.663  -4.987  1.00 39.09 ? 98  GLU A CG  1 
ATOM   729  C CD  . GLU A 1 99  ? 9.835   15.392  -5.776  1.00 40.47 ? 98  GLU A CD  1 
ATOM   730  O OE1 . GLU A 1 99  ? 9.820   14.311  -5.138  1.00 39.69 ? 98  GLU A OE1 1 
ATOM   731  O OE2 . GLU A 1 99  ? 9.936   15.480  -7.026  1.00 43.93 ? 98  GLU A OE2 1 
ATOM   732  N N   . THR A 1 100 ? 7.843   19.837  -4.690  1.00 32.71 ? 99  THR A N   1 
ATOM   733  C CA  . THR A 1 100 ? 6.550   19.968  -4.050  1.00 32.80 ? 99  THR A CA  1 
ATOM   734  C C   . THR A 1 100 ? 5.559   19.048  -4.760  1.00 32.31 ? 99  THR A C   1 
ATOM   735  O O   . THR A 1 100 ? 5.665   18.808  -5.959  1.00 32.26 ? 99  THR A O   1 
ATOM   736  C CB  . THR A 1 100 ? 6.077   21.417  -4.130  1.00 33.14 ? 99  THR A CB  1 
ATOM   737  O OG1 . THR A 1 100 ? 5.895   21.785  -5.502  1.00 34.84 ? 99  THR A OG1 1 
ATOM   738  C CG2 . THR A 1 100 ? 7.123   22.342  -3.502  1.00 32.66 ? 99  THR A CG2 1 
ATOM   739  N N   . LEU A 1 101 ? 4.624   18.491  -4.004  1.00 31.56 ? 100 LEU A N   1 
ATOM   740  C CA  . LEU A 1 101 ? 3.616   17.622  -4.586  1.00 31.42 ? 100 LEU A CA  1 
ATOM   741  C C   . LEU A 1 101 ? 2.354   17.753  -3.762  1.00 30.98 ? 100 LEU A C   1 
ATOM   742  O O   . LEU A 1 101 ? 2.386   18.290  -2.648  1.00 29.54 ? 100 LEU A O   1 
ATOM   743  C CB  . LEU A 1 101 ? 4.075   16.151  -4.625  1.00 31.60 ? 100 LEU A CB  1 
ATOM   744  C CG  . LEU A 1 101 ? 4.465   15.443  -3.323  1.00 32.47 ? 100 LEU A CG  1 
ATOM   745  C CD1 . LEU A 1 101 ? 4.187   13.950  -3.443  1.00 32.28 ? 100 LEU A CD1 1 
ATOM   746  C CD2 . LEU A 1 101 ? 5.925   15.706  -2.997  1.00 31.29 ? 100 LEU A CD2 1 
ATOM   747  N N   . GLU A 1 102 ? 1.256   17.251  -4.317  1.00 29.54 ? 101 GLU A N   1 
ATOM   748  C CA  . GLU A 1 102 ? -0.058  17.297  -3.691  1.00 29.58 ? 101 GLU A CA  1 
ATOM   749  C C   . GLU A 1 102 ? -0.508  15.904  -3.263  1.00 27.35 ? 101 GLU A C   1 
ATOM   750  O O   . GLU A 1 102 ? -0.339  14.928  -4.005  1.00 24.89 ? 101 GLU A O   1 
ATOM   751  C CB  . GLU A 1 102 ? -1.085  17.845  -4.690  1.00 33.82 ? 101 GLU A CB  1 
ATOM   752  C CG  . GLU A 1 102 ? -0.837  19.243  -5.223  1.00 39.53 ? 101 GLU A CG  1 
ATOM   753  C CD  . GLU A 1 102 ? -1.472  20.339  -4.375  1.00 43.60 ? 101 GLU A CD  1 
ATOM   754  O OE1 . GLU A 1 102 ? -0.939  20.663  -3.292  1.00 46.88 ? 101 GLU A OE1 1 
ATOM   755  O OE2 . GLU A 1 102 ? -2.524  20.873  -4.797  1.00 45.20 ? 101 GLU A OE2 1 
ATOM   756  N N   . LEU A 1 103 ? -1.077  15.816  -2.063  1.00 23.57 ? 102 LEU A N   1 
ATOM   757  C CA  . LEU A 1 103 ? -1.581  14.552  -1.546  1.00 23.57 ? 102 LEU A CA  1 
ATOM   758  C C   . LEU A 1 103 ? -2.905  14.798  -0.848  1.00 22.52 ? 102 LEU A C   1 
ATOM   759  O O   . LEU A 1 103 ? -3.187  15.913  -0.416  1.00 21.00 ? 102 LEU A O   1 
ATOM   760  C CB  . LEU A 1 103 ? -0.625  13.924  -0.520  1.00 25.26 ? 102 LEU A CB  1 
ATOM   761  C CG  . LEU A 1 103 ? 0.777   13.485  -0.939  1.00 26.31 ? 102 LEU A CG  1 
ATOM   762  C CD1 . LEU A 1 103 ? 1.680   14.711  -1.115  1.00 27.97 ? 102 LEU A CD1 1 
ATOM   763  C CD2 . LEU A 1 103 ? 1.334   12.578  0.125   1.00 23.32 ? 102 LEU A CD2 1 
ATOM   764  N N   . PRO A 1 104 ? -3.743  13.759  -0.735  1.00 21.39 ? 103 PRO A N   1 
ATOM   765  C CA  . PRO A 1 104 ? -5.032  13.915  -0.065  1.00 20.96 ? 103 PRO A CA  1 
ATOM   766  C C   . PRO A 1 104 ? -4.827  14.248  1.424   1.00 20.23 ? 103 PRO A C   1 
ATOM   767  O O   . PRO A 1 104 ? -3.781  13.934  2.010   1.00 18.86 ? 103 PRO A O   1 
ATOM   768  C CB  . PRO A 1 104 ? -5.671  12.530  -0.236  1.00 20.32 ? 103 PRO A CB  1 
ATOM   769  C CG  . PRO A 1 104 ? -5.010  12.002  -1.506  1.00 20.97 ? 103 PRO A CG  1 
ATOM   770  C CD  . PRO A 1 104 ? -3.585  12.374  -1.210  1.00 21.80 ? 103 PRO A CD  1 
ATOM   771  N N   . ILE A 1 105 ? -5.822  14.889  2.026   1.00 20.50 ? 104 ILE A N   1 
ATOM   772  C CA  . ILE A 1 105 ? -5.769  15.176  3.462   1.00 22.69 ? 104 ILE A CA  1 
ATOM   773  C C   . ILE A 1 105 ? -5.970  13.821  4.124   1.00 23.63 ? 104 ILE A C   1 
ATOM   774  O O   . ILE A 1 105 ? -6.956  13.149  3.835   1.00 23.48 ? 104 ILE A O   1 
ATOM   775  C CB  . ILE A 1 105 ? -6.930  16.079  3.901   1.00 24.10 ? 104 ILE A CB  1 
ATOM   776  C CG1 . ILE A 1 105 ? -6.772  17.461  3.264   1.00 23.81 ? 104 ILE A CG1 1 
ATOM   777  C CG2 . ILE A 1 105 ? -6.974  16.154  5.445   1.00 24.41 ? 104 ILE A CG2 1 
ATOM   778  C CD1 . ILE A 1 105 ? -7.872  18.405  3.605   1.00 25.04 ? 104 ILE A CD1 1 
ATOM   779  N N   . PRO A 1 106 ? -5.042  13.401  5.014   1.00 25.09 ? 105 PRO A N   1 
ATOM   780  C CA  . PRO A 1 106 ? -5.092  12.114  5.726   1.00 27.42 ? 105 PRO A CA  1 
ATOM   781  C C   . PRO A 1 106 ? -6.200  11.974  6.772   1.00 28.89 ? 105 PRO A C   1 
ATOM   782  O O   . PRO A 1 106 ? -6.838  12.946  7.151   1.00 28.52 ? 105 PRO A O   1 
ATOM   783  C CB  . PRO A 1 106 ? -3.696  12.027  6.353   1.00 27.25 ? 105 PRO A CB  1 
ATOM   784  C CG  . PRO A 1 106 ? -3.465  13.470  6.727   1.00 27.96 ? 105 PRO A CG  1 
ATOM   785  C CD  . PRO A 1 106 ? -3.824  14.136  5.400   1.00 25.85 ? 105 PRO A CD  1 
ATOM   786  N N   . GLU A 1 107 ? -6.399  10.743  7.231   1.00 30.79 ? 106 GLU A N   1 
ATOM   787  C CA  . GLU A 1 107 ? -7.409  10.419  8.230   1.00 34.34 ? 106 GLU A CA  1 
ATOM   788  C C   . GLU A 1 107 ? -7.016  11.087  9.548   1.00 34.15 ? 106 GLU A C   1 
ATOM   789  O O   . GLU A 1 107 ? -7.854  11.664  10.238  1.00 34.98 ? 106 GLU A O   1 
ATOM   790  C CB  . GLU A 1 107 ? -7.492  8.887   8.393   1.00 37.66 ? 106 GLU A CB  1 
ATOM   791  C CG  . GLU A 1 107 ? -7.613  8.131   7.048   1.00 42.29 ? 106 GLU A CG  1 
ATOM   792  C CD  . GLU A 1 107 ? -7.640  6.601   7.179   1.00 44.76 ? 106 GLU A CD  1 
ATOM   793  O OE1 . GLU A 1 107 ? -6.736  6.023   7.831   1.00 47.79 ? 106 GLU A OE1 1 
ATOM   794  O OE2 . GLU A 1 107 ? -8.562  5.972   6.609   1.00 48.21 ? 106 GLU A OE2 1 
ATOM   795  N N   . GLY A 1 108 ? -5.731  11.021  9.883   1.00 33.72 ? 107 GLY A N   1 
ATOM   796  C CA  . GLY A 1 108 ? -5.251  11.643  11.107  1.00 33.85 ? 107 GLY A CA  1 
ATOM   797  C C   . GLY A 1 108 ? -4.674  13.005  10.781  1.00 34.65 ? 107 GLY A C   1 
ATOM   798  O O   . GLY A 1 108 ? -3.681  13.110  10.054  1.00 33.21 ? 107 GLY A O   1 
ATOM   799  N N   . ILE A 1 109 ? -5.281  14.061  11.305  1.00 34.75 ? 108 ILE A N   1 
ATOM   800  C CA  . ILE A 1 109 ? -4.789  15.398  11.001  1.00 36.88 ? 108 ILE A CA  1 
ATOM   801  C C   . ILE A 1 109 ? -4.190  16.128  12.199  1.00 37.09 ? 108 ILE A C   1 
ATOM   802  O O   . ILE A 1 109 ? -3.800  17.285  12.092  1.00 36.14 ? 108 ILE A O   1 
ATOM   803  C CB  . ILE A 1 109 ? -5.914  16.249  10.402  1.00 37.89 ? 108 ILE A CB  1 
ATOM   804  C CG1 . ILE A 1 109 ? -7.078  16.341  11.390  1.00 39.54 ? 108 ILE A CG1 1 
ATOM   805  C CG2 . ILE A 1 109 ? -6.408  15.616  9.099   1.00 39.91 ? 108 ILE A CG2 1 
ATOM   806  C CD1 . ILE A 1 109 ? -8.201  17.240  10.907  1.00 40.75 ? 108 ILE A CD1 1 
ATOM   807  N N   . GLU A 1 110 ? -4.117  15.446  13.338  1.00 37.92 ? 109 GLU A N   1 
ATOM   808  C CA  . GLU A 1 110 ? -3.564  16.046  14.554  1.00 38.86 ? 109 GLU A CA  1 
ATOM   809  C C   . GLU A 1 110 ? -2.138  16.515  14.266  1.00 37.78 ? 109 GLU A C   1 
ATOM   810  O O   . GLU A 1 110 ? -1.266  15.712  13.931  1.00 37.87 ? 109 GLU A O   1 
ATOM   811  C CB  . GLU A 1 110 ? -3.568  15.022  15.700  1.00 41.62 ? 109 GLU A CB  1 
ATOM   812  C CG  . GLU A 1 110 ? -2.482  13.942  15.594  1.00 44.92 ? 109 GLU A CG  1 
ATOM   813  C CD  . GLU A 1 110 ? -2.512  13.183  14.270  1.00 45.54 ? 109 GLU A CD  1 
ATOM   814  O OE1 . GLU A 1 110 ? -1.422  12.927  13.718  1.00 47.62 ? 109 GLU A OE1 1 
ATOM   815  O OE2 . GLU A 1 110 ? -3.614  12.828  13.794  1.00 47.49 ? 109 GLU A OE2 1 
ATOM   816  N N   . GLY A 1 111 ? -1.904  17.819  14.381  1.00 36.73 ? 110 GLY A N   1 
ATOM   817  C CA  . GLY A 1 111 ? -0.581  18.351  14.108  1.00 35.95 ? 110 GLY A CA  1 
ATOM   818  C C   . GLY A 1 111 ? -0.308  18.567  12.624  1.00 36.27 ? 110 GLY A C   1 
ATOM   819  O O   . GLY A 1 111 ? 0.809   18.921  12.232  1.00 36.58 ? 110 GLY A O   1 
ATOM   820  N N   . LEU A 1 112 ? -1.319  18.344  11.791  1.00 34.88 ? 111 LEU A N   1 
ATOM   821  C CA  . LEU A 1 112 ? -1.167  18.542  10.353  1.00 34.89 ? 111 LEU A CA  1 
ATOM   822  C C   . LEU A 1 112 ? -1.292  20.037  10.122  1.00 34.83 ? 111 LEU A C   1 
ATOM   823  O O   . LEU A 1 112 ? -2.387  20.590  10.234  1.00 35.98 ? 111 LEU A O   1 
ATOM   824  C CB  . LEU A 1 112 ? -2.272  17.825  9.576   1.00 34.26 ? 111 LEU A CB  1 
ATOM   825  C CG  . LEU A 1 112 ? -2.077  17.828  8.054   1.00 34.10 ? 111 LEU A CG  1 
ATOM   826  C CD1 . LEU A 1 112 ? -0.873  16.953  7.728   1.00 33.62 ? 111 LEU A CD1 1 
ATOM   827  C CD2 . LEU A 1 112 ? -3.310  17.294  7.340   1.00 34.03 ? 111 LEU A CD2 1 
ATOM   828  N N   . GLU A 1 113 ? -0.182  20.695  9.808   1.00 34.61 ? 112 GLU A N   1 
ATOM   829  C CA  . GLU A 1 113 ? -0.213  22.138  9.591   1.00 34.94 ? 112 GLU A CA  1 
ATOM   830  C C   . GLU A 1 113 ? 1.030   22.625  8.880   1.00 33.49 ? 112 GLU A C   1 
ATOM   831  O O   . GLU A 1 113 ? 2.055   21.954  8.871   1.00 32.96 ? 112 GLU A O   1 
ATOM   832  C CB  . GLU A 1 113 ? -0.317  22.863  10.931  1.00 37.22 ? 112 GLU A CB  1 
ATOM   833  C CG  . GLU A 1 113 ? 0.873   22.565  11.814  1.00 40.28 ? 112 GLU A CG  1 
ATOM   834  C CD  . GLU A 1 113 ? 0.838   23.309  13.122  1.00 42.20 ? 112 GLU A CD  1 
ATOM   835  O OE1 . GLU A 1 113 ? 1.081   24.536  13.131  1.00 44.51 ? 112 GLU A OE1 1 
ATOM   836  O OE2 . GLU A 1 113 ? 0.552   22.657  14.141  1.00 44.97 ? 112 GLU A OE2 1 
ATOM   837  N N   . PRO A 1 114 ? 0.961   23.819  8.282   1.00 32.99 ? 113 PRO A N   1 
ATOM   838  C CA  . PRO A 1 114 ? 2.128   24.348  7.582   1.00 32.61 ? 113 PRO A CA  1 
ATOM   839  C C   . PRO A 1 114 ? 3.353   24.252  8.501   1.00 32.28 ? 113 PRO A C   1 
ATOM   840  O O   . PRO A 1 114 ? 3.281   24.602  9.680   1.00 33.41 ? 113 PRO A O   1 
ATOM   841  C CB  . PRO A 1 114 ? 1.699   25.782  7.273   1.00 33.04 ? 113 PRO A CB  1 
ATOM   842  C CG  . PRO A 1 114 ? 0.193   25.601  7.002   1.00 33.14 ? 113 PRO A CG  1 
ATOM   843  C CD  . PRO A 1 114 ? -0.156  24.783  8.235   1.00 33.83 ? 113 PRO A CD  1 
ATOM   844  N N   . GLY A 1 115 ? 4.458   23.729  7.971   1.00 31.08 ? 114 GLY A N   1 
ATOM   845  C CA  . GLY A 1 115 ? 5.670   23.597  8.766   1.00 29.47 ? 114 GLY A CA  1 
ATOM   846  C C   . GLY A 1 115 ? 5.847   22.210  9.357   1.00 27.80 ? 114 GLY A C   1 
ATOM   847  O O   . GLY A 1 115 ? 6.974   21.758  9.602   1.00 28.45 ? 114 GLY A O   1 
ATOM   848  N N   . GLY A 1 116 ? 4.731   21.534  9.590   1.00 26.61 ? 115 GLY A N   1 
ATOM   849  C CA  . GLY A 1 116 ? 4.776   20.205  10.162  1.00 25.35 ? 115 GLY A CA  1 
ATOM   850  C C   . GLY A 1 116 ? 5.473   19.214  9.252   1.00 24.86 ? 115 GLY A C   1 
ATOM   851  O O   . GLY A 1 116 ? 5.562   19.428  8.041   1.00 22.71 ? 115 GLY A O   1 
ATOM   852  N N   . GLU A 1 117 ? 5.980   18.139  9.854   1.00 22.42 ? 116 GLU A N   1 
ATOM   853  C CA  . GLU A 1 117 ? 6.664   17.085  9.133   1.00 22.14 ? 116 GLU A CA  1 
ATOM   854  C C   . GLU A 1 117 ? 5.701   15.927  9.018   1.00 21.27 ? 116 GLU A C   1 
ATOM   855  O O   . GLU A 1 117 ? 4.931   15.653  9.934   1.00 22.19 ? 116 GLU A O   1 
ATOM   856  C CB  . GLU A 1 117 ? 7.920   16.609  9.882   1.00 24.50 ? 116 GLU A CB  1 
ATOM   857  C CG  . GLU A 1 117 ? 8.694   15.547  9.108   1.00 28.04 ? 116 GLU A CG  1 
ATOM   858  C CD  . GLU A 1 117 ? 9.968   15.069  9.794   1.00 30.75 ? 116 GLU A CD  1 
ATOM   859  O OE1 . GLU A 1 117 ? 10.697  14.271  9.162   1.00 33.85 ? 116 GLU A OE1 1 
ATOM   860  O OE2 . GLU A 1 117 ? 10.240  15.472  10.944  1.00 31.71 ? 116 GLU A OE2 1 
ATOM   861  N N   . VAL A 1 118 ? 5.738   15.243  7.884   1.00 20.46 ? 117 VAL A N   1 
ATOM   862  C CA  . VAL A 1 118 ? 4.865   14.104  7.672   1.00 18.81 ? 117 VAL A CA  1 
ATOM   863  C C   . VAL A 1 118 ? 5.663   12.965  7.025   1.00 19.20 ? 117 VAL A C   1 
ATOM   864  O O   . VAL A 1 118 ? 6.680   13.196  6.367   1.00 19.69 ? 117 VAL A O   1 
ATOM   865  C CB  . VAL A 1 118 ? 3.699   14.466  6.713   1.00 18.99 ? 117 VAL A CB  1 
ATOM   866  C CG1 . VAL A 1 118 ? 2.899   15.639  7.289   1.00 19.28 ? 117 VAL A CG1 1 
ATOM   867  C CG2 . VAL A 1 118 ? 4.252   14.833  5.332   1.00 19.30 ? 117 VAL A CG2 1 
ATOM   868  N N   . GLU A 1 119 ? 5.224   11.740  7.280   1.00 19.83 ? 118 GLU A N   1 
ATOM   869  C CA  . GLU A 1 119 ? 5.797   10.577  6.640   1.00 19.22 ? 118 GLU A CA  1 
ATOM   870  C C   . GLU A 1 119 ? 4.728   10.290  5.601   1.00 18.17 ? 118 GLU A C   1 
ATOM   871  O O   . GLU A 1 119 ? 3.531   10.375  5.894   1.00 17.84 ? 118 GLU A O   1 
ATOM   872  C CB  . GLU A 1 119 ? 5.883   9.386   7.585   1.00 20.25 ? 118 GLU A CB  1 
ATOM   873  C CG  . GLU A 1 119 ? 6.986   9.518   8.610   1.00 24.48 ? 118 GLU A CG  1 
ATOM   874  C CD  . GLU A 1 119 ? 6.894   8.498   9.741   1.00 27.10 ? 118 GLU A CD  1 
ATOM   875  O OE1 . GLU A 1 119 ? 7.815   8.469   10.588  1.00 29.88 ? 118 GLU A OE1 1 
ATOM   876  O OE2 . GLU A 1 119 ? 5.907   7.735   9.788   1.00 28.90 ? 118 GLU A OE2 1 
ATOM   877  N N   . TYR A 1 120 ? 5.150   9.992   4.380   1.00 18.05 ? 119 TYR A N   1 
ATOM   878  C CA  . TYR A 1 120 ? 4.194   9.692   3.324   1.00 16.27 ? 119 TYR A CA  1 
ATOM   879  C C   . TYR A 1 120 ? 4.785   8.600   2.449   1.00 17.89 ? 119 TYR A C   1 
ATOM   880  O O   . TYR A 1 120 ? 6.012   8.383   2.441   1.00 17.25 ? 119 TYR A O   1 
ATOM   881  C CB  . TYR A 1 120 ? 3.834   10.957  2.509   1.00 15.46 ? 119 TYR A CB  1 
ATOM   882  C CG  . TYR A 1 120 ? 4.869   11.433  1.518   1.00 17.02 ? 119 TYR A CG  1 
ATOM   883  C CD1 . TYR A 1 120 ? 4.813   11.034  0.192   1.00 17.21 ? 119 TYR A CD1 1 
ATOM   884  C CD2 . TYR A 1 120 ? 5.882   12.315  1.899   1.00 18.70 ? 119 TYR A CD2 1 
ATOM   885  C CE1 . TYR A 1 120 ? 5.725   11.496  -0.738  1.00 18.29 ? 119 TYR A CE1 1 
ATOM   886  C CE2 . TYR A 1 120 ? 6.810   12.787  0.970   1.00 18.58 ? 119 TYR A CE2 1 
ATOM   887  C CZ  . TYR A 1 120 ? 6.720   12.368  -0.347  1.00 19.43 ? 119 TYR A CZ  1 
ATOM   888  O OH  . TYR A 1 120 ? 7.648   12.776  -1.270  1.00 18.99 ? 119 TYR A OH  1 
ATOM   889  N N   . ILE A 1 121 ? 3.924   7.893   1.737   1.00 17.45 ? 120 ILE A N   1 
ATOM   890  C CA  . ILE A 1 121 ? 4.411   6.817   0.902   1.00 16.93 ? 120 ILE A CA  1 
ATOM   891  C C   . ILE A 1 121 ? 3.957   7.001   -0.539  1.00 16.52 ? 120 ILE A C   1 
ATOM   892  O O   . ILE A 1 121 ? 3.001   7.721   -0.827  1.00 16.01 ? 120 ILE A O   1 
ATOM   893  C CB  . ILE A 1 121 ? 3.895   5.437   1.380   1.00 17.31 ? 120 ILE A CB  1 
ATOM   894  C CG1 . ILE A 1 121 ? 2.352   5.378   1.319   1.00 18.38 ? 120 ILE A CG1 1 
ATOM   895  C CG2 . ILE A 1 121 ? 4.375   5.167   2.798   1.00 18.87 ? 120 ILE A CG2 1 
ATOM   896  C CD1 . ILE A 1 121 ? 1.769   3.986   1.609   1.00 19.27 ? 120 ILE A CD1 1 
ATOM   897  N N   . GLU A 1 122 ? 4.692   6.344   -1.422  1.00 17.39 ? 121 GLU A N   1 
ATOM   898  C CA  . GLU A 1 122 ? 4.384   6.289   -2.836  1.00 17.97 ? 121 GLU A CA  1 
ATOM   899  C C   . GLU A 1 122 ? 4.398   4.804   -3.124  1.00 18.21 ? 121 GLU A C   1 
ATOM   900  O O   . GLU A 1 122 ? 5.290   4.100   -2.683  1.00 20.07 ? 121 GLU A O   1 
ATOM   901  C CB  . GLU A 1 122 ? 5.470   6.965   -3.676  1.00 19.36 ? 121 GLU A CB  1 
ATOM   902  C CG  . GLU A 1 122 ? 5.258   6.875   -5.203  1.00 21.14 ? 121 GLU A CG  1 
ATOM   903  C CD  . GLU A 1 122 ? 5.836   5.589   -5.811  1.00 20.89 ? 121 GLU A CD  1 
ATOM   904  O OE1 . GLU A 1 122 ? 6.993   5.270   -5.492  1.00 21.80 ? 121 GLU A OE1 1 
ATOM   905  O OE2 . GLU A 1 122 ? 5.157   4.915   -6.608  1.00 20.66 ? 121 GLU A OE2 1 
ATOM   906  N N   . ALA A 1 123 ? 3.393   4.331   -3.834  1.00 17.49 ? 122 ALA A N   1 
ATOM   907  C CA  . ALA A 1 123 ? 3.328   2.932   -4.226  1.00 19.11 ? 122 ALA A CA  1 
ATOM   908  C C   . ALA A 1 123 ? 2.600   2.990   -5.559  1.00 17.99 ? 122 ALA A C   1 
ATOM   909  O O   . ALA A 1 123 ? 1.583   3.653   -5.666  1.00 19.07 ? 122 ALA A O   1 
ATOM   910  C CB  . ALA A 1 123 ? 2.525   2.124   -3.221  1.00 18.91 ? 122 ALA A CB  1 
ATOM   911  N N   . VAL A 1 124 ? 3.127   2.279   -6.554  1.00 19.91 ? 123 VAL A N   1 
ATOM   912  C CA  . VAL A 1 124 ? 2.561   2.244   -7.898  1.00 19.50 ? 123 VAL A CA  1 
ATOM   913  C C   . VAL A 1 124 ? 2.010   3.578   -8.403  1.00 20.80 ? 123 VAL A C   1 
ATOM   914  O O   . VAL A 1 124 ? 0.945   3.657   -9.014  1.00 22.23 ? 123 VAL A O   1 
ATOM   915  C CB  . VAL A 1 124 ? 1.494   1.104   -8.063  1.00 17.69 ? 123 VAL A CB  1 
ATOM   916  C CG1 . VAL A 1 124 ? 2.193   -0.261  -7.930  1.00 13.95 ? 123 VAL A CG1 1 
ATOM   917  C CG2 . VAL A 1 124 ? 0.359   1.251   -7.056  1.00 17.77 ? 123 VAL A CG2 1 
ATOM   918  N N   . GLY A 1 125 ? 2.769   4.634   -8.143  1.00 22.24 ? 124 GLY A N   1 
ATOM   919  C CA  . GLY A 1 125 ? 2.384   5.944   -8.626  1.00 23.79 ? 124 GLY A CA  1 
ATOM   920  C C   . GLY A 1 125 ? 1.380   6.732   -7.809  1.00 24.19 ? 124 GLY A C   1 
ATOM   921  O O   . GLY A 1 125 ? 1.038   7.853   -8.191  1.00 25.55 ? 124 GLY A O   1 
ATOM   922  N N   . GLN A 1 126 ? 0.889   6.165   -6.712  1.00 21.63 ? 125 GLN A N   1 
ATOM   923  C CA  . GLN A 1 126 ? -0.069  6.878   -5.870  1.00 20.38 ? 125 GLN A CA  1 
ATOM   924  C C   . GLN A 1 126 ? 0.570   7.261   -4.547  1.00 18.96 ? 125 GLN A C   1 
ATOM   925  O O   . GLN A 1 126 ? 1.516   6.615   -4.110  1.00 16.97 ? 125 GLN A O   1 
ATOM   926  C CB  . GLN A 1 126 ? -1.300  6.031   -5.648  1.00 20.89 ? 125 GLN A CB  1 
ATOM   927  C CG  . GLN A 1 126 ? -2.059  5.791   -6.949  1.00 25.14 ? 125 GLN A CG  1 
ATOM   928  C CD  . GLN A 1 126 ? -3.341  5.058   -6.727  1.00 25.60 ? 125 GLN A CD  1 
ATOM   929  O OE1 . GLN A 1 126 ? -4.257  5.569   -6.078  1.00 26.94 ? 125 GLN A OE1 1 
ATOM   930  N NE2 . GLN A 1 126 ? -3.417  3.843   -7.247  1.00 25.82 ? 125 GLN A NE2 1 
ATOM   931  N N   . TYR A 1 127 ? 0.050   8.316   -3.923  1.00 17.86 ? 126 TYR A N   1 
ATOM   932  C CA  . TYR A 1 127 ? 0.623   8.827   -2.674  1.00 19.09 ? 126 TYR A CA  1 
ATOM   933  C C   . TYR A 1 127 ? -0.376  9.065   -1.549  1.00 17.69 ? 126 TYR A C   1 
ATOM   934  O O   . TYR A 1 127 ? -1.530  9.404   -1.797  1.00 18.18 ? 126 TYR A O   1 
ATOM   935  C CB  . TYR A 1 127 ? 1.292   10.183  -2.911  1.00 19.84 ? 126 TYR A CB  1 
ATOM   936  C CG  . TYR A 1 127 ? 2.343   10.229  -3.991  1.00 21.83 ? 126 TYR A CG  1 
ATOM   937  C CD1 . TYR A 1 127 ? 1.995   10.194  -5.344  1.00 23.15 ? 126 TYR A CD1 1 
ATOM   938  C CD2 . TYR A 1 127 ? 3.686   10.311  -3.655  1.00 23.40 ? 126 TYR A CD2 1 
ATOM   939  C CE1 . TYR A 1 127 ? 2.982   10.243  -6.337  1.00 25.85 ? 126 TYR A CE1 1 
ATOM   940  C CE2 . TYR A 1 127 ? 4.682   10.359  -4.633  1.00 26.35 ? 126 TYR A CE2 1 
ATOM   941  C CZ  . TYR A 1 127 ? 4.322   10.325  -5.966  1.00 25.37 ? 126 TYR A CZ  1 
ATOM   942  O OH  . TYR A 1 127 ? 5.309   10.364  -6.915  1.00 28.45 ? 126 TYR A OH  1 
ATOM   943  N N   . LYS A 1 128 ? 0.098   8.941   -0.311  1.00 18.63 ? 127 LYS A N   1 
ATOM   944  C CA  . LYS A 1 128 ? -0.750  9.214   0.841   1.00 18.74 ? 127 LYS A CA  1 
ATOM   945  C C   . LYS A 1 128 ? 0.127   9.512   2.058   1.00 17.49 ? 127 LYS A C   1 
ATOM   946  O O   . LYS A 1 128 ? 1.189   8.927   2.208   1.00 16.05 ? 127 LYS A O   1 
ATOM   947  C CB  . LYS A 1 128 ? -1.626  8.016   1.182   1.00 22.25 ? 127 LYS A CB  1 
ATOM   948  C CG  . LYS A 1 128 ? -0.825  6.879   1.761   1.00 24.39 ? 127 LYS A CG  1 
ATOM   949  C CD  . LYS A 1 128 ? -1.538  6.201   2.914   1.00 29.46 ? 127 LYS A CD  1 
ATOM   950  C CE  . LYS A 1 128 ? -2.826  5.555   2.506   1.00 29.96 ? 127 LYS A CE  1 
ATOM   951  N NZ  . LYS A 1 128 ? -3.343  4.655   3.600   1.00 31.77 ? 127 LYS A NZ  1 
ATOM   952  N N   . ILE A 1 129 ? -0.314  10.438  2.907   1.00 17.59 ? 128 ILE A N   1 
ATOM   953  C CA  . ILE A 1 129 ? 0.416   10.762  4.137   1.00 18.19 ? 128 ILE A CA  1 
ATOM   954  C C   . ILE A 1 129 ? 0.090   9.625   5.095   1.00 19.32 ? 128 ILE A C   1 
ATOM   955  O O   . ILE A 1 129 ? -1.078  9.255   5.237   1.00 18.37 ? 128 ILE A O   1 
ATOM   956  C CB  . ILE A 1 129 ? -0.083  12.090  4.748   1.00 18.50 ? 128 ILE A CB  1 
ATOM   957  C CG1 . ILE A 1 129 ? 0.325   13.258  3.860   1.00 19.03 ? 128 ILE A CG1 1 
ATOM   958  C CG2 . ILE A 1 129 ? 0.501   12.259  6.159   1.00 18.85 ? 128 ILE A CG2 1 
ATOM   959  C CD1 . ILE A 1 129 ? -0.394  14.595  4.192   1.00 19.17 ? 128 ILE A CD1 1 
ATOM   960  N N   . THR A 1 130 ? 1.099   9.074   5.759   1.00 20.21 ? 129 THR A N   1 
ATOM   961  C CA  . THR A 1 130 ? 0.866   7.958   6.668   1.00 21.84 ? 129 THR A CA  1 
ATOM   962  C C   . THR A 1 130 ? 0.989   8.321   8.141   1.00 22.79 ? 129 THR A C   1 
ATOM   963  O O   . THR A 1 130 ? 0.487   7.592   9.008   1.00 21.95 ? 129 THR A O   1 
ATOM   964  C CB  . THR A 1 130 ? 1.834   6.811   6.400   1.00 21.45 ? 129 THR A CB  1 
ATOM   965  O OG1 . THR A 1 130 ? 3.166   7.325   6.398   1.00 21.89 ? 129 THR A OG1 1 
ATOM   966  C CG2 . THR A 1 130 ? 1.530   6.148   5.058   1.00 21.57 ? 129 THR A CG2 1 
ATOM   967  N N   . ARG A 1 131 ? 1.668   9.423   8.432   1.00 23.64 ? 130 ARG A N   1 
ATOM   968  C CA  . ARG A 1 131 ? 1.792   9.835   9.826   1.00 27.71 ? 130 ARG A CA  1 
ATOM   969  C C   . ARG A 1 131 ? 2.240   11.279  9.960   1.00 29.39 ? 130 ARG A C   1 
ATOM   970  O O   . ARG A 1 131 ? 3.023   11.761  9.161   1.00 25.54 ? 130 ARG A O   1 
ATOM   971  C CB  . ARG A 1 131 ? 2.759   8.902   10.554  1.00 30.34 ? 130 ARG A CB  1 
ATOM   972  C CG  . ARG A 1 131 ? 2.995   9.251   12.008  1.00 35.07 ? 130 ARG A CG  1 
ATOM   973  C CD  . ARG A 1 131 ? 3.907   8.237   12.698  1.00 38.47 ? 130 ARG A CD  1 
ATOM   974  N NE  . ARG A 1 131 ? 4.387   8.765   13.968  1.00 42.80 ? 130 ARG A NE  1 
ATOM   975  C CZ  . ARG A 1 131 ? 5.162   9.841   14.067  1.00 44.45 ? 130 ARG A CZ  1 
ATOM   976  N NH1 . ARG A 1 131 ? 5.541   10.491  12.968  1.00 45.75 ? 130 ARG A NH1 1 
ATOM   977  N NH2 . ARG A 1 131 ? 5.542   10.287  15.261  1.00 47.66 ? 130 ARG A NH2 1 
ATOM   978  N N   . VAL A 1 132 ? 1.713   11.977  10.960  1.00 33.30 ? 131 VAL A N   1 
ATOM   979  C CA  . VAL A 1 132 ? 2.105   13.364  11.171  1.00 38.72 ? 131 VAL A CA  1 
ATOM   980  C C   . VAL A 1 132 ? 3.143   13.441  12.280  1.00 42.39 ? 131 VAL A C   1 
ATOM   981  O O   . VAL A 1 132 ? 3.016   12.763  13.302  1.00 43.76 ? 131 VAL A O   1 
ATOM   982  C CB  . VAL A 1 132 ? 0.910   14.254  11.546  1.00 39.32 ? 131 VAL A CB  1 
ATOM   983  C CG1 . VAL A 1 132 ? 1.397   15.664  11.827  1.00 39.35 ? 131 VAL A CG1 1 
ATOM   984  C CG2 . VAL A 1 132 ? -0.095  14.272  10.423  1.00 38.72 ? 131 VAL A CG2 1 
ATOM   985  N N   . ILE A 1 133 ? 4.166   14.261  12.049  1.00 45.29 ? 132 ILE A N   1 
ATOM   986  C CA  . ILE A 1 133 ? 5.273   14.479  12.976  1.00 47.81 ? 132 ILE A CA  1 
ATOM   987  C C   . ILE A 1 133 ? 6.276   13.339  12.943  1.00 48.14 ? 132 ILE A C   1 
ATOM   988  O O   . ILE A 1 133 ? 6.993   13.161  11.958  1.00 48.82 ? 132 ILE A O   1 
ATOM   989  C CB  . ILE A 1 133 ? 4.774   14.676  14.428  1.00 49.17 ? 132 ILE A CB  1 
ATOM   990  C CG1 . ILE A 1 133 ? 3.974   15.976  14.525  1.00 49.62 ? 132 ILE A CG1 1 
ATOM   991  C CG2 . ILE A 1 133 ? 5.950   14.688  15.388  1.00 50.21 ? 132 ILE A CG2 1 
ATOM   992  C CD1 . ILE A 1 133 ? 3.453   16.281  15.921  1.00 50.65 ? 132 ILE A CD1 1 
HETATM 993  O O   . HOH B 2 .   ? 0.738   -15.969 3.845   1.00 15.60 ? 136 HOH A O   1 
HETATM 994  O O   . HOH B 2 .   ? 0.867   -18.078 5.403   1.00 17.11 ? 137 HOH A O   1 
HETATM 995  O O   . HOH B 2 .   ? 0.992   -25.385 11.298  1.00 14.91 ? 138 HOH A O   1 
HETATM 996  O O   . HOH B 2 .   ? -3.603  -15.117 10.986  1.00 17.74 ? 139 HOH A O   1 
HETATM 997  O O   . HOH B 2 .   ? -5.327  -13.225 9.751   1.00 17.16 ? 140 HOH A O   1 
HETATM 998  O O   . HOH B 2 .   ? -9.081  -25.478 17.088  1.00 18.73 ? 141 HOH A O   1 
HETATM 999  O O   . HOH B 2 .   ? 26.831  4.141   10.811  1.00 21.05 ? 142 HOH A O   1 
HETATM 1000 O O   . HOH B 2 .   ? -3.357  -5.109  8.344   1.00 18.03 ? 143 HOH A O   1 
HETATM 1001 O O   . HOH B 2 .   ? 3.747   -15.327 6.551   1.00 21.90 ? 144 HOH A O   1 
HETATM 1002 O O   . HOH B 2 .   ? 0.230   -24.598 -2.371  1.00 22.50 ? 145 HOH A O   1 
HETATM 1003 O O   . HOH B 2 .   ? 7.106   -9.313  11.345  1.00 22.81 ? 146 HOH A O   1 
HETATM 1004 O O   . HOH B 2 .   ? 7.891   -2.318  -0.309  1.00 25.48 ? 147 HOH A O   1 
HETATM 1005 O O   . HOH B 2 .   ? 2.025   -9.612  10.704  1.00 22.71 ? 148 HOH A O   1 
HETATM 1006 O O   . HOH B 2 .   ? -5.006  9.678   2.455   1.00 21.02 ? 149 HOH A O   1 
HETATM 1007 O O   . HOH B 2 .   ? 29.268  2.134   5.123   1.00 23.33 ? 150 HOH A O   1 
HETATM 1008 O O   . HOH B 2 .   ? -9.895  -27.845 19.222  1.00 24.47 ? 151 HOH A O   1 
HETATM 1009 O O   . HOH B 2 .   ? -0.056  -12.629 11.491  1.00 18.46 ? 152 HOH A O   1 
HETATM 1010 O O   . HOH B 2 .   ? -8.611  -14.522 4.997   1.00 21.98 ? 153 HOH A O   1 
HETATM 1011 O O   . HOH B 2 .   ? -5.137  -13.230 14.551  1.00 22.09 ? 154 HOH A O   1 
HETATM 1012 O O   . HOH B 2 .   ? -2.613  -13.654 13.293  1.00 20.83 ? 155 HOH A O   1 
HETATM 1013 O O   . HOH B 2 .   ? 12.743  6.725   0.805   1.00 39.03 ? 156 HOH A O   1 
HETATM 1014 O O   . HOH B 2 .   ? 5.337   -14.610 9.240   1.00 20.09 ? 157 HOH A O   1 
HETATM 1015 O O   . HOH B 2 .   ? -4.272  -33.370 9.907   1.00 27.70 ? 158 HOH A O   1 
HETATM 1016 O O   . HOH B 2 .   ? 14.613  4.010   13.662  1.00 22.03 ? 159 HOH A O   1 
HETATM 1017 O O   . HOH B 2 .   ? -11.437 -32.477 18.195  1.00 22.46 ? 160 HOH A O   1 
HETATM 1018 O O   . HOH B 2 .   ? 3.291   -11.721 10.137  1.00 20.20 ? 161 HOH A O   1 
HETATM 1019 O O   . HOH B 2 .   ? -9.737  25.101  1.846   1.00 28.53 ? 162 HOH A O   1 
HETATM 1020 O O   . HOH B 2 .   ? -2.595  26.429  4.501   1.00 27.27 ? 163 HOH A O   1 
HETATM 1021 O O   . HOH B 2 .   ? 4.142   23.076  13.244  1.00 54.31 ? 164 HOH A O   1 
HETATM 1022 O O   . HOH B 2 .   ? 3.738   27.352  4.851   1.00 44.48 ? 165 HOH A O   1 
HETATM 1023 O O   . HOH B 2 .   ? -0.242  26.193  -1.595  1.00 63.86 ? 166 HOH A O   1 
HETATM 1024 O O   . HOH B 2 .   ? -7.782  10.625  3.337   1.00 35.72 ? 167 HOH A O   1 
HETATM 1025 O O   . HOH B 2 .   ? -0.614  10.921  12.497  1.00 24.19 ? 168 HOH A O   1 
HETATM 1026 O O   . HOH B 2 .   ? 5.478   18.060  12.561  1.00 37.08 ? 169 HOH A O   1 
HETATM 1027 O O   . HOH B 2 .   ? -5.218  7.690   0.723   1.00 34.12 ? 170 HOH A O   1 
HETATM 1028 O O   . HOH B 2 .   ? -3.913  8.466   -2.485  1.00 37.61 ? 171 HOH A O   1 
HETATM 1029 O O   . HOH B 2 .   ? 2.686   20.913  -6.063  1.00 40.28 ? 172 HOH A O   1 
HETATM 1030 O O   . HOH B 2 .   ? -6.124  -10.498 14.801  1.00 53.96 ? 173 HOH A O   1 
HETATM 1031 O O   . HOH B 2 .   ? -2.547  1.147   3.815   1.00 29.31 ? 174 HOH A O   1 
HETATM 1032 O O   . HOH B 2 .   ? -0.779  2.846   4.540   1.00 31.35 ? 175 HOH A O   1 
HETATM 1033 O O   . HOH B 2 .   ? -2.465  -5.319  10.717  1.00 26.28 ? 176 HOH A O   1 
HETATM 1034 O O   . HOH B 2 .   ? -1.522  10.085  -8.057  1.00 50.42 ? 177 HOH A O   1 
HETATM 1035 O O   . HOH B 2 .   ? 0.078   0.266   6.656   1.00 33.23 ? 178 HOH A O   1 
HETATM 1036 O O   . HOH B 2 .   ? -9.263  -15.774 9.237   1.00 46.59 ? 179 HOH A O   1 
HETATM 1037 O O   . HOH B 2 .   ? 1.999   2.756   6.043   1.00 30.97 ? 180 HOH A O   1 
HETATM 1038 O O   . HOH B 2 .   ? 13.405  15.255  10.206  1.00 33.71 ? 181 HOH A O   1 
HETATM 1039 O O   . HOH B 2 .   ? -11.282 -27.043 15.791  1.00 28.33 ? 182 HOH A O   1 
HETATM 1040 O O   . HOH B 2 .   ? 8.601   21.374  -7.044  1.00 33.10 ? 183 HOH A O   1 
HETATM 1041 O O   . HOH B 2 .   ? -6.015  -16.756 12.035  1.00 25.75 ? 184 HOH A O   1 
HETATM 1042 O O   . HOH B 2 .   ? -7.066  -17.376 9.747   1.00 27.20 ? 185 HOH A O   1 
HETATM 1043 O O   . HOH B 2 .   ? 7.705   7.409   5.567   1.00 37.15 ? 186 HOH A O   1 
HETATM 1044 O O   . HOH B 2 .   ? -4.129  0.169   -9.295  1.00 28.73 ? 187 HOH A O   1 
HETATM 1045 O O   . HOH B 2 .   ? -1.596  3.525   -9.925  1.00 40.78 ? 188 HOH A O   1 
HETATM 1046 O O   . HOH B 2 .   ? -6.527  -19.786 8.699   1.00 23.75 ? 189 HOH A O   1 
HETATM 1047 O O   . HOH B 2 .   ? -9.994  -15.644 -5.780  1.00 22.78 ? 190 HOH A O   1 
HETATM 1048 O O   . HOH B 2 .   ? -12.047 -31.857 3.512   1.00 25.85 ? 191 HOH A O   1 
HETATM 1049 O O   . HOH B 2 .   ? 4.587   -5.598  1.601   1.00 20.18 ? 192 HOH A O   1 
HETATM 1050 O O   . HOH B 2 .   ? 10.158  1.487   1.509   1.00 48.04 ? 193 HOH A O   1 
HETATM 1051 O O   . HOH B 2 .   ? 6.217   -3.990  -0.620  1.00 22.04 ? 194 HOH A O   1 
HETATM 1052 O O   . HOH B 2 .   ? -6.113  -28.419 0.389   1.00 32.99 ? 195 HOH A O   1 
HETATM 1053 O O   . HOH B 2 .   ? 0.093   -25.600 8.967   1.00 26.34 ? 196 HOH A O   1 
HETATM 1054 O O   . HOH B 2 .   ? -1.570  -16.230 -6.966  1.00 23.12 ? 197 HOH A O   1 
HETATM 1055 O O   . HOH B 2 .   ? 6.621   -9.464  0.013   1.00 25.50 ? 198 HOH A O   1 
HETATM 1056 O O   . HOH B 2 .   ? 10.712  -3.635  -1.051  1.00 46.60 ? 199 HOH A O   1 
HETATM 1057 O O   . HOH B 2 .   ? 6.604   -11.811 0.581   1.00 24.57 ? 200 HOH A O   1 
HETATM 1058 O O   . HOH B 2 .   ? -4.406  -26.110 -3.840  1.00 45.72 ? 201 HOH A O   1 
HETATM 1059 O O   . HOH B 2 .   ? 1.384   -24.062 2.387   1.00 39.17 ? 202 HOH A O   1 
HETATM 1060 O O   . HOH B 2 .   ? 5.704   -19.702 0.577   1.00 28.01 ? 203 HOH A O   1 
HETATM 1061 O O   . HOH B 2 .   ? 8.444   -15.482 -1.844  1.00 28.68 ? 204 HOH A O   1 
HETATM 1062 O O   . HOH B 2 .   ? 2.133   -18.902 -9.760  1.00 28.58 ? 205 HOH A O   1 
HETATM 1063 O O   . HOH B 2 .   ? 1.404   -22.892 -7.559  1.00 34.73 ? 206 HOH A O   1 
HETATM 1064 O O   . HOH B 2 .   ? 9.575   -9.693  -9.130  1.00 31.80 ? 207 HOH A O   1 
HETATM 1065 O O   . HOH B 2 .   ? -12.194 -4.248  5.220   1.00 24.21 ? 208 HOH A O   1 
HETATM 1066 O O   . HOH B 2 .   ? -11.044 -27.729 8.901   1.00 26.45 ? 209 HOH A O   1 
HETATM 1067 O O   . HOH B 2 .   ? -13.134 -26.991 17.256  1.00 26.94 ? 210 HOH A O   1 
HETATM 1068 O O   . HOH B 2 .   ? 4.386   6.627   8.342   1.00 38.37 ? 211 HOH A O   1 
HETATM 1069 O O   . HOH B 2 .   ? 16.381  2.333   6.110   1.00 34.04 ? 212 HOH A O   1 
HETATM 1070 O O   . HOH B 2 .   ? -1.669  -26.292 5.350   1.00 30.56 ? 213 HOH A O   1 
HETATM 1071 O O   . HOH B 2 .   ? -7.626  -14.139 10.542  1.00 47.46 ? 214 HOH A O   1 
HETATM 1072 O O   . HOH B 2 .   ? 19.725  -14.399 10.436  1.00 37.21 ? 215 HOH A O   1 
HETATM 1073 O O   . HOH B 2 .   ? 1.180   -7.959  12.879  1.00 35.71 ? 216 HOH A O   1 
HETATM 1074 O O   . HOH B 2 .   ? -3.728  -14.233 -6.516  1.00 26.67 ? 217 HOH A O   1 
HETATM 1075 O O   . HOH B 2 .   ? 7.476   -1.173  3.358   1.00 43.90 ? 218 HOH A O   1 
HETATM 1076 O O   . HOH B 2 .   ? -5.427  -10.826 10.823  1.00 34.15 ? 219 HOH A O   1 
HETATM 1077 O O   . HOH B 2 .   ? -12.078 -26.129 18.879  1.00 32.26 ? 220 HOH A O   1 
HETATM 1078 O O   . HOH B 2 .   ? 6.365   -29.777 7.421   1.00 42.96 ? 221 HOH A O   1 
HETATM 1079 O O   . HOH B 2 .   ? 8.851   -17.734 -0.012  1.00 36.95 ? 222 HOH A O   1 
HETATM 1080 O O   . HOH B 2 .   ? -5.014  1.624   3.964   1.00 34.70 ? 223 HOH A O   1 
HETATM 1081 O O   . HOH B 2 .   ? -2.353  -31.280 8.733   1.00 39.08 ? 224 HOH A O   1 
HETATM 1082 O O   . HOH B 2 .   ? -6.194  6.363   4.691   1.00 35.77 ? 225 HOH A O   1 
HETATM 1083 O O   . HOH B 2 .   ? -14.429 -20.972 16.631  1.00 36.90 ? 226 HOH A O   1 
HETATM 1084 O O   . HOH B 2 .   ? -3.080  7.846   6.530   1.00 26.96 ? 227 HOH A O   1 
HETATM 1085 O O   . HOH B 2 .   ? 1.574   -20.801 4.178   1.00 26.92 ? 228 HOH A O   1 
HETATM 1086 O O   . HOH B 2 .   ? 13.861  4.159   10.882  1.00 34.10 ? 229 HOH A O   1 
HETATM 1087 O O   . HOH B 2 .   ? 9.907   -16.219 -4.149  1.00 34.60 ? 230 HOH A O   1 
HETATM 1088 O O   . HOH B 2 .   ? -0.208  -27.916 7.646   1.00 42.76 ? 231 HOH A O   1 
HETATM 1089 O O   . HOH B 2 .   ? -11.492 -28.696 6.396   1.00 35.22 ? 232 HOH A O   1 
HETATM 1090 O O   . HOH B 2 .   ? -2.722  -17.157 -8.999  1.00 35.22 ? 233 HOH A O   1 
HETATM 1091 O O   . HOH B 2 .   ? -0.411  -3.986  14.143  1.00 35.22 ? 234 HOH A O   1 
HETATM 1092 O O   . HOH B 2 .   ? 0.696   -2.129  8.239   1.00 35.22 ? 235 HOH A O   1 
HETATM 1093 O O   . HOH B 2 .   ? -5.551  -0.589  8.623   1.00 35.22 ? 236 HOH A O   1 
HETATM 1094 O O   . HOH B 2 .   ? 2.398   -30.081 6.646   1.00 35.22 ? 237 HOH A O   1 
HETATM 1095 O O   . HOH B 2 .   ? -8.001  9.836   0.200   1.00 35.22 ? 238 HOH A O   1 
HETATM 1096 O O   . HOH B 2 .   ? -17.341 -20.974 14.564  1.00 35.22 ? 239 HOH A O   1 
HETATM 1097 O O   . HOH B 2 .   ? 0.982   -2.567  -10.992 1.00 35.22 ? 240 HOH A O   1 
HETATM 1098 O O   . HOH B 2 .   ? -3.202  1.167   7.567   1.00 35.22 ? 241 HOH A O   1 
HETATM 1099 O O   . HOH B 2 .   ? -13.854 -33.204 11.225  1.00 35.22 ? 242 HOH A O   1 
HETATM 1100 O O   . HOH B 2 .   ? -12.762 -29.318 17.429  1.00 35.22 ? 243 HOH A O   1 
# 
loop_
_pdbx_poly_seq_scheme.asym_id 
_pdbx_poly_seq_scheme.entity_id 
_pdbx_poly_seq_scheme.seq_id 
_pdbx_poly_seq_scheme.mon_id 
_pdbx_poly_seq_scheme.ndb_seq_num 
_pdbx_poly_seq_scheme.pdb_seq_num 
_pdbx_poly_seq_scheme.auth_seq_num 
_pdbx_poly_seq_scheme.pdb_mon_id 
_pdbx_poly_seq_scheme.auth_mon_id 
_pdbx_poly_seq_scheme.pdb_strand_id 
_pdbx_poly_seq_scheme.pdb_ins_code 
_pdbx_poly_seq_scheme.hetero 
A 1 1   MET 1   0   0   MET ALA A . n 
A 1 2   VAL 2   1   1   VAL ALA A . n 
A 1 3   ILE 3   2   2   ILE ALA A . n 
A 1 4   ILE 4   3   3   ILE ALA A . n 
A 1 5   MET 5   4   4   MET ALA A . n 
A 1 6   PRO 6   5   5   PRO PRO A . n 
A 1 7   GLY 7   6   6   GLY GLY A . n 
A 1 8   THR 8   7   7   THR THR A . n 
A 1 9   LYS 9   8   8   LYS LYS A . n 
A 1 10  GLN 10  9   9   GLN GLN A . n 
A 1 11  VAL 11  10  10  VAL VAL A . n 
A 1 12  ASN 12  11  11  ASN ASN A . n 
A 1 13  VAL 13  12  12  VAL VAL A . n 
A 1 14  GLY 14  13  13  GLY GLY A . n 
A 1 15  SER 15  14  14  SER SER A . n 
A 1 16  LEU 16  15  15  LEU LEU A . n 
A 1 17  LYS 17  16  16  LYS LYS A . n 
A 1 18  VAL 18  17  17  VAL VAL A . n 
A 1 19  GLY 19  18  18  GLY GLY A . n 
A 1 20  GLN 20  19  19  GLN GLN A . n 
A 1 21  TYR 21  20  20  TYR TYR A . n 
A 1 22  VAL 22  21  21  VAL VAL A . n 
A 1 23  MET 23  22  22  MET MET A . n 
A 1 24  ILE 24  23  23  ILE ILE A . n 
A 1 25  ASP 25  24  24  ASP ASP A . n 
A 1 26  GLY 26  25  25  GLY GLY A . n 
A 1 27  VAL 27  26  26  VAL VAL A . n 
A 1 28  PRO 28  27  27  PRO PRO A . n 
A 1 29  CYS 29  28  28  CYS CYS A . n 
A 1 30  GLU 30  29  29  GLU GLU A . n 
A 1 31  ILE 31  30  30  ILE ILE A . n 
A 1 32  VAL 32  31  31  VAL VAL A . n 
A 1 33  ASP 33  32  32  ASP ASP A . n 
A 1 34  ILE 34  33  33  ILE ILE A . n 
A 1 35  SER 35  34  34  SER SER A . n 
A 1 36  VAL 36  35  35  VAL VAL A . n 
A 1 37  SER 37  36  36  SER SER A . n 
A 1 38  LYS 38  37  37  LYS LYS A . n 
A 1 39  PRO 39  38  38  PRO PRO A . n 
A 1 40  GLY 40  39  39  GLY GLY A . n 
A 1 41  LYS 41  40  40  LYS LYS A . n 
A 1 42  HIS 42  41  41  HIS HIS A . n 
A 1 43  GLY 43  42  42  GLY GLY A . n 
A 1 44  GLY 44  43  43  GLY GLY A . n 
A 1 45  ALA 45  44  44  ALA ALA A . n 
A 1 46  LYS 46  45  45  LYS LYS A . n 
A 1 47  ALA 47  46  46  ALA ALA A . n 
A 1 48  ARG 48  47  47  ARG ARG A . n 
A 1 49  VAL 49  48  48  VAL VAL A . n 
A 1 50  VAL 50  49  49  VAL VAL A . n 
A 1 51  GLY 51  50  50  GLY GLY A . n 
A 1 52  ILE 52  51  51  ILE ILE A . n 
A 1 53  GLY 53  52  52  GLY GLY A . n 
A 1 54  ILE 54  53  53  ILE ILE A . n 
A 1 55  PHE 55  54  54  PHE PHE A . n 
A 1 56  GLU 56  55  55  GLU GLU A . n 
A 1 57  LYS 57  56  56  LYS LYS A . n 
A 1 58  VAL 58  57  57  VAL VAL A . n 
A 1 59  LYS 59  58  58  LYS LYS A . n 
A 1 60  LYS 60  59  59  LYS LYS A . n 
A 1 61  GLU 61  60  60  GLU GLU A . n 
A 1 62  PHE 62  61  61  PHE PHE A . n 
A 1 63  VAL 63  62  62  VAL VAL A . n 
A 1 64  ALA 64  63  63  ALA ALA A . n 
A 1 65  PRO 65  64  64  PRO PRO A . n 
A 1 66  THR 66  65  65  THR THR A . n 
A 1 67  SER 67  66  66  SER SER A . n 
A 1 68  SER 68  67  67  SER SER A . n 
A 1 69  LYS 69  68  68  LYS LYS A . n 
A 1 70  VAL 70  69  69  VAL VAL A . n 
A 1 71  GLU 71  70  70  GLU GLU A . n 
A 1 72  VAL 72  71  71  VAL VAL A . n 
A 1 73  PRO 73  72  72  PRO PRO A . n 
A 1 74  ILE 74  73  73  ILE ILE A . n 
A 1 75  ILE 75  74  74  ILE ILE A . n 
A 1 76  ASP 76  75  75  ASP ASP A . n 
A 1 77  ARG 77  76  76  ARG ARG A . n 
A 1 78  ARG 78  77  77  ARG ARG A . n 
A 1 79  LYS 79  78  78  LYS LYS A . n 
A 1 80  GLY 80  79  79  GLY GLY A . n 
A 1 81  GLN 81  80  80  GLN GLN A . n 
A 1 82  VAL 82  81  81  VAL VAL A . n 
A 1 83  LEU 83  82  82  LEU LEU A . n 
A 1 84  ALA 84  83  83  ALA ALA A . n 
A 1 85  ILE 85  84  84  ILE ILE A . n 
A 1 86  MET 86  85  85  MET MET A . n 
A 1 87  GLY 87  86  86  GLY GLY A . n 
A 1 88  ASP 88  87  87  ASP ASP A . n 
A 1 89  MET 89  88  88  MET MET A . n 
A 1 90  VAL 90  89  89  VAL VAL A . n 
A 1 91  GLN 91  90  90  GLN GLN A . n 
A 1 92  ILE 92  91  91  ILE ILE A . n 
A 1 93  MET 93  92  92  MET MET A . n 
A 1 94  ASP 94  93  93  ASP ASP A . n 
A 1 95  LEU 95  94  94  LEU LEU A . n 
A 1 96  GLN 96  95  95  GLN GLN A . n 
A 1 97  THR 97  96  96  THR THR A . n 
A 1 98  TYR 98  97  97  TYR TYR A . n 
A 1 99  GLU 99  98  98  GLU GLU A . n 
A 1 100 THR 100 99  99  THR THR A . n 
A 1 101 LEU 101 100 100 LEU LEU A . n 
A 1 102 GLU 102 101 101 GLU GLU A . n 
A 1 103 LEU 103 102 102 LEU LEU A . n 
A 1 104 PRO 104 103 103 PRO PRO A . n 
A 1 105 ILE 105 104 104 ILE ILE A . n 
A 1 106 PRO 106 105 105 PRO PRO A . n 
A 1 107 GLU 107 106 106 GLU GLU A . n 
A 1 108 GLY 108 107 107 GLY GLY A . n 
A 1 109 ILE 109 108 108 ILE ILE A . n 
A 1 110 GLU 110 109 109 GLU GLU A . n 
A 1 111 GLY 111 110 110 GLY GLY A . n 
A 1 112 LEU 112 111 111 LEU LEU A . n 
A 1 113 GLU 113 112 112 GLU GLU A . n 
A 1 114 PRO 114 113 113 PRO PRO A . n 
A 1 115 GLY 115 114 114 GLY GLY A . n 
A 1 116 GLY 116 115 115 GLY GLY A . n 
A 1 117 GLU 117 116 116 GLU GLU A . n 
A 1 118 VAL 118 117 117 VAL VAL A . n 
A 1 119 GLU 119 118 118 GLU GLU A . n 
A 1 120 TYR 120 119 119 TYR TYR A . n 
A 1 121 ILE 121 120 120 ILE ILE A . n 
A 1 122 GLU 122 121 121 GLU GLU A . n 
A 1 123 ALA 123 122 122 ALA ALA A . n 
A 1 124 VAL 124 123 123 VAL VAL A . n 
A 1 125 GLY 125 124 124 GLY GLY A . n 
A 1 126 GLN 126 125 125 GLN GLN A . n 
A 1 127 TYR 127 126 126 TYR TYR A . n 
A 1 128 LYS 128 127 127 LYS LYS A . n 
A 1 129 ILE 129 128 128 ILE ILE A . n 
A 1 130 THR 130 129 129 THR THR A . n 
A 1 131 ARG 131 130 130 ARG ARG A . n 
A 1 132 VAL 132 131 131 VAL VAL A . n 
A 1 133 ILE 133 132 132 ILE ILE A . n 
A 1 134 GLY 134 133 ?   ?   ?   A . n 
A 1 135 GLY 135 134 ?   ?   ?   A . n 
A 1 136 LYS 136 135 ?   ?   ?   A . n 
# 
_pdbx_SG_project.id                    1 
_pdbx_SG_project.project_name          'PSI, Protein Structure Initiative' 
_pdbx_SG_project.full_name_of_center   'Berkeley Structural Genomics Center' 
_pdbx_SG_project.initial_of_center     BSGC 
# 
loop_
_pdbx_nonpoly_scheme.asym_id 
_pdbx_nonpoly_scheme.entity_id 
_pdbx_nonpoly_scheme.mon_id 
_pdbx_nonpoly_scheme.ndb_seq_num 
_pdbx_nonpoly_scheme.pdb_seq_num 
_pdbx_nonpoly_scheme.auth_seq_num 
_pdbx_nonpoly_scheme.pdb_mon_id 
_pdbx_nonpoly_scheme.auth_mon_id 
_pdbx_nonpoly_scheme.pdb_strand_id 
_pdbx_nonpoly_scheme.pdb_ins_code 
B 2 HOH 1   136 1   HOH HOH A . 
B 2 HOH 2   137 2   HOH HOH A . 
B 2 HOH 3   138 3   HOH HOH A . 
B 2 HOH 4   139 4   HOH HOH A . 
B 2 HOH 5   140 5   HOH HOH A . 
B 2 HOH 6   141 6   HOH HOH A . 
B 2 HOH 7   142 7   HOH HOH A . 
B 2 HOH 8   143 8   HOH HOH A . 
B 2 HOH 9   144 9   HOH HOH A . 
B 2 HOH 10  145 10  HOH HOH A . 
B 2 HOH 11  146 11  HOH HOH A . 
B 2 HOH 12  147 12  HOH HOH A . 
B 2 HOH 13  148 13  HOH HOH A . 
B 2 HOH 14  149 14  HOH HOH A . 
B 2 HOH 15  150 15  HOH HOH A . 
B 2 HOH 16  151 16  HOH HOH A . 
B 2 HOH 17  152 17  HOH HOH A . 
B 2 HOH 18  153 18  HOH HOH A . 
B 2 HOH 19  154 19  HOH HOH A . 
B 2 HOH 20  155 20  HOH HOH A . 
B 2 HOH 21  156 21  HOH HOH A . 
B 2 HOH 22  157 22  HOH HOH A . 
B 2 HOH 23  158 23  HOH HOH A . 
B 2 HOH 24  159 24  HOH HOH A . 
B 2 HOH 25  160 25  HOH HOH A . 
B 2 HOH 26  161 26  HOH HOH A . 
B 2 HOH 27  162 27  HOH HOH A . 
B 2 HOH 28  163 28  HOH HOH A . 
B 2 HOH 29  164 29  HOH HOH A . 
B 2 HOH 30  165 30  HOH HOH A . 
B 2 HOH 31  166 31  HOH HOH A . 
B 2 HOH 32  167 32  HOH HOH A . 
B 2 HOH 33  168 33  HOH HOH A . 
B 2 HOH 34  169 34  HOH HOH A . 
B 2 HOH 35  170 35  HOH HOH A . 
B 2 HOH 36  171 36  HOH HOH A . 
B 2 HOH 37  172 37  HOH HOH A . 
B 2 HOH 38  173 38  HOH HOH A . 
B 2 HOH 39  174 39  HOH HOH A . 
B 2 HOH 40  175 40  HOH HOH A . 
B 2 HOH 41  176 41  HOH HOH A . 
B 2 HOH 42  177 42  HOH HOH A . 
B 2 HOH 43  178 43  HOH HOH A . 
B 2 HOH 44  179 44  HOH HOH A . 
B 2 HOH 45  180 45  HOH HOH A . 
B 2 HOH 46  181 46  HOH HOH A . 
B 2 HOH 47  182 47  HOH HOH A . 
B 2 HOH 48  183 48  HOH HOH A . 
B 2 HOH 49  184 49  HOH HOH A . 
B 2 HOH 50  185 50  HOH HOH A . 
B 2 HOH 51  186 51  HOH HOH A . 
B 2 HOH 52  187 52  HOH HOH A . 
B 2 HOH 53  188 53  HOH HOH A . 
B 2 HOH 54  189 54  HOH HOH A . 
B 2 HOH 55  190 55  HOH HOH A . 
B 2 HOH 56  191 56  HOH HOH A . 
B 2 HOH 57  192 57  HOH HOH A . 
B 2 HOH 58  193 58  HOH HOH A . 
B 2 HOH 59  194 59  HOH HOH A . 
B 2 HOH 60  195 60  HOH HOH A . 
B 2 HOH 61  196 61  HOH HOH A . 
B 2 HOH 62  197 62  HOH HOH A . 
B 2 HOH 63  198 63  HOH HOH A . 
B 2 HOH 64  199 64  HOH HOH A . 
B 2 HOH 65  200 65  HOH HOH A . 
B 2 HOH 66  201 66  HOH HOH A . 
B 2 HOH 67  202 67  HOH HOH A . 
B 2 HOH 68  203 68  HOH HOH A . 
B 2 HOH 69  204 69  HOH HOH A . 
B 2 HOH 70  205 70  HOH HOH A . 
B 2 HOH 71  206 71  HOH HOH A . 
B 2 HOH 72  207 72  HOH HOH A . 
B 2 HOH 73  208 73  HOH HOH A . 
B 2 HOH 74  209 74  HOH HOH A . 
B 2 HOH 75  210 75  HOH HOH A . 
B 2 HOH 76  211 76  HOH HOH A . 
B 2 HOH 77  212 77  HOH HOH A . 
B 2 HOH 78  213 78  HOH HOH A . 
B 2 HOH 79  214 79  HOH HOH A . 
B 2 HOH 80  215 80  HOH HOH A . 
B 2 HOH 81  216 81  HOH HOH A . 
B 2 HOH 82  217 82  HOH HOH A . 
B 2 HOH 83  218 83  HOH HOH A . 
B 2 HOH 84  219 84  HOH HOH A . 
B 2 HOH 85  220 85  HOH HOH A . 
B 2 HOH 86  221 86  HOH HOH A . 
B 2 HOH 87  222 87  HOH HOH A . 
B 2 HOH 88  223 88  HOH HOH A . 
B 2 HOH 89  224 89  HOH HOH A . 
B 2 HOH 90  225 90  HOH HOH A . 
B 2 HOH 91  226 91  HOH HOH A . 
B 2 HOH 92  227 92  HOH HOH A . 
B 2 HOH 93  228 93  HOH HOH A . 
B 2 HOH 94  229 94  HOH HOH A . 
B 2 HOH 95  230 95  HOH HOH A . 
B 2 HOH 96  231 96  HOH HOH A . 
B 2 HOH 97  232 97  HOH HOH A . 
B 2 HOH 98  233 98  HOH HOH A . 
B 2 HOH 99  234 99  HOH HOH A . 
B 2 HOH 100 235 100 HOH HOH A . 
B 2 HOH 101 236 101 HOH HOH A . 
B 2 HOH 102 237 102 HOH HOH A . 
B 2 HOH 103 238 103 HOH HOH A . 
B 2 HOH 104 239 104 HOH HOH A . 
B 2 HOH 105 240 105 HOH HOH A . 
B 2 HOH 106 241 106 HOH HOH A . 
B 2 HOH 107 242 107 HOH HOH A . 
B 2 HOH 108 243 108 HOH HOH A . 
# 
_pdbx_struct_assembly.id                   1 
_pdbx_struct_assembly.details              author_defined_assembly 
_pdbx_struct_assembly.method_details       ? 
_pdbx_struct_assembly.oligomeric_details   monomeric 
_pdbx_struct_assembly.oligomeric_count     1 
# 
_pdbx_struct_assembly_gen.assembly_id       1 
_pdbx_struct_assembly_gen.oper_expression   1 
_pdbx_struct_assembly_gen.asym_id_list      A,B 
# 
_pdbx_struct_oper_list.id                   1 
_pdbx_struct_oper_list.type                 'identity operation' 
_pdbx_struct_oper_list.name                 1_555 
_pdbx_struct_oper_list.symmetry_operation   x,y,z 
_pdbx_struct_oper_list.matrix[1][1]         1.0000000000 
_pdbx_struct_oper_list.matrix[1][2]         0.0000000000 
_pdbx_struct_oper_list.matrix[1][3]         0.0000000000 
_pdbx_struct_oper_list.vector[1]            0.0000000000 
_pdbx_struct_oper_list.matrix[2][1]         0.0000000000 
_pdbx_struct_oper_list.matrix[2][2]         1.0000000000 
_pdbx_struct_oper_list.matrix[2][3]         0.0000000000 
_pdbx_struct_oper_list.vector[2]            0.0000000000 
_pdbx_struct_oper_list.matrix[3][1]         0.0000000000 
_pdbx_struct_oper_list.matrix[3][2]         0.0000000000 
_pdbx_struct_oper_list.matrix[3][3]         1.0000000000 
_pdbx_struct_oper_list.vector[3]            0.0000000000 
# 
loop_
_pdbx_audit_revision_history.ordinal 
_pdbx_audit_revision_history.data_content_type 
_pdbx_audit_revision_history.major_revision 
_pdbx_audit_revision_history.minor_revision 
_pdbx_audit_revision_history.revision_date 
1 'Structure model' 1 0 1999-10-12 
2 'Structure model' 1 1 2008-04-27 
3 'Structure model' 1 2 2011-07-13 
4 'Structure model' 1 3 2023-08-23 
# 
_pdbx_audit_revision_details.ordinal             1 
_pdbx_audit_revision_details.revision_ordinal    1 
_pdbx_audit_revision_details.data_content_type   'Structure model' 
_pdbx_audit_revision_details.provider            repository 
_pdbx_audit_revision_details.type                'Initial release' 
_pdbx_audit_revision_details.description         ? 
_pdbx_audit_revision_details.details             ? 
# 
loop_
_pdbx_audit_revision_group.ordinal 
_pdbx_audit_revision_group.revision_ordinal 
_pdbx_audit_revision_group.data_content_type 
_pdbx_audit_revision_group.group 
1 2 'Structure model' 'Version format compliance' 
2 3 'Structure model' 'Source and taxonomy'       
3 3 'Structure model' 'Version format compliance' 
4 4 'Structure model' 'Data collection'           
5 4 'Structure model' 'Database references'       
6 4 'Structure model' 'Refinement description'    
# 
loop_
_pdbx_audit_revision_category.ordinal 
_pdbx_audit_revision_category.revision_ordinal 
_pdbx_audit_revision_category.data_content_type 
_pdbx_audit_revision_category.category 
1 4 'Structure model' chem_comp_atom                
2 4 'Structure model' chem_comp_bond                
3 4 'Structure model' database_2                    
4 4 'Structure model' pdbx_initial_refinement_model 
5 4 'Structure model' struct_ref_seq_dif            
# 
loop_
_pdbx_audit_revision_item.ordinal 
_pdbx_audit_revision_item.revision_ordinal 
_pdbx_audit_revision_item.data_content_type 
_pdbx_audit_revision_item.item 
1 4 'Structure model' '_database_2.pdbx_DOI'                
2 4 'Structure model' '_database_2.pdbx_database_accession' 
3 4 'Structure model' '_struct_ref_seq_dif.details'         
# 
loop_
_software.name 
_software.classification 
_software.version 
_software.citation_id 
_software.pdbx_ordinal 
CCP4      'model building' .   ? 1 
CNS       refinement       0.3 ? 2 
DENZO     'data reduction' .   ? 3 
SCALEPACK 'data scaling'   .   ? 4 
CCP4      phasing          .   ? 5 
# 
_pdbx_validate_close_contact.id               1 
_pdbx_validate_close_contact.PDB_model_num    1 
_pdbx_validate_close_contact.auth_atom_id_1   O 
_pdbx_validate_close_contact.auth_asym_id_1   A 
_pdbx_validate_close_contact.auth_comp_id_1   HOH 
_pdbx_validate_close_contact.auth_seq_id_1    210 
_pdbx_validate_close_contact.PDB_ins_code_1   ? 
_pdbx_validate_close_contact.label_alt_id_1   ? 
_pdbx_validate_close_contact.auth_atom_id_2   O 
_pdbx_validate_close_contact.auth_asym_id_2   A 
_pdbx_validate_close_contact.auth_comp_id_2   HOH 
_pdbx_validate_close_contact.auth_seq_id_2    220 
_pdbx_validate_close_contact.PDB_ins_code_2   ? 
_pdbx_validate_close_contact.label_alt_id_2   ? 
_pdbx_validate_close_contact.dist             2.12 
# 
loop_
_pdbx_validate_torsion.id 
_pdbx_validate_torsion.PDB_model_num 
_pdbx_validate_torsion.auth_comp_id 
_pdbx_validate_torsion.auth_asym_id 
_pdbx_validate_torsion.auth_seq_id 
_pdbx_validate_torsion.PDB_ins_code 
_pdbx_validate_torsion.label_alt_id 
_pdbx_validate_torsion.phi 
_pdbx_validate_torsion.psi 
1 1 VAL A 1   ? ? 65.98  144.37 
2 1 MET A 4   ? ? -35.64 142.77 
3 1 LYS A 40  ? ? 175.53 -1.45  
4 1 VAL A 123 ? ? 38.45  42.93  
# 
loop_
_pdbx_unobs_or_zero_occ_atoms.id 
_pdbx_unobs_or_zero_occ_atoms.PDB_model_num 
_pdbx_unobs_or_zero_occ_atoms.polymer_flag 
_pdbx_unobs_or_zero_occ_atoms.occupancy_flag 
_pdbx_unobs_or_zero_occ_atoms.auth_asym_id 
_pdbx_unobs_or_zero_occ_atoms.auth_comp_id 
_pdbx_unobs_or_zero_occ_atoms.auth_seq_id 
_pdbx_unobs_or_zero_occ_atoms.PDB_ins_code 
_pdbx_unobs_or_zero_occ_atoms.auth_atom_id 
_pdbx_unobs_or_zero_occ_atoms.label_alt_id 
_pdbx_unobs_or_zero_occ_atoms.label_asym_id 
_pdbx_unobs_or_zero_occ_atoms.label_comp_id 
_pdbx_unobs_or_zero_occ_atoms.label_seq_id 
_pdbx_unobs_or_zero_occ_atoms.label_atom_id 
1  1 Y 1 A MET 0 ? CG  ? A MET 1 CG  
2  1 Y 1 A MET 0 ? SD  ? A MET 1 SD  
3  1 Y 1 A MET 0 ? CE  ? A MET 1 CE  
4  1 Y 1 A VAL 1 ? CG1 ? A VAL 2 CG1 
5  1 Y 1 A VAL 1 ? CG2 ? A VAL 2 CG2 
6  1 Y 1 A ILE 2 ? CG1 ? A ILE 3 CG1 
7  1 Y 1 A ILE 2 ? CG2 ? A ILE 3 CG2 
8  1 Y 1 A ILE 2 ? CD1 ? A ILE 3 CD1 
9  1 Y 1 A ILE 3 ? CG1 ? A ILE 4 CG1 
10 1 Y 1 A ILE 3 ? CG2 ? A ILE 4 CG2 
11 1 Y 1 A ILE 3 ? CD1 ? A ILE 4 CD1 
12 1 Y 1 A MET 4 ? CG  ? A MET 5 CG  
13 1 Y 1 A MET 4 ? SD  ? A MET 5 SD  
14 1 Y 1 A MET 4 ? CE  ? A MET 5 CE  
# 
loop_
_pdbx_unobs_or_zero_occ_residues.id 
_pdbx_unobs_or_zero_occ_residues.PDB_model_num 
_pdbx_unobs_or_zero_occ_residues.polymer_flag 
_pdbx_unobs_or_zero_occ_residues.occupancy_flag 
_pdbx_unobs_or_zero_occ_residues.auth_asym_id 
_pdbx_unobs_or_zero_occ_residues.auth_comp_id 
_pdbx_unobs_or_zero_occ_residues.auth_seq_id 
_pdbx_unobs_or_zero_occ_residues.PDB_ins_code 
_pdbx_unobs_or_zero_occ_residues.label_asym_id 
_pdbx_unobs_or_zero_occ_residues.label_comp_id 
_pdbx_unobs_or_zero_occ_residues.label_seq_id 
1 1 Y 1 A GLY 133 ? A GLY 134 
2 1 Y 1 A GLY 134 ? A GLY 135 
3 1 Y 1 A LYS 135 ? A LYS 136 
# 
loop_
_chem_comp_atom.comp_id 
_chem_comp_atom.atom_id 
_chem_comp_atom.type_symbol 
_chem_comp_atom.pdbx_aromatic_flag 
_chem_comp_atom.pdbx_stereo_config 
_chem_comp_atom.pdbx_ordinal 
ALA N    N N N 1   
ALA CA   C N S 2   
ALA C    C N N 3   
ALA O    O N N 4   
ALA CB   C N N 5   
ALA OXT  O N N 6   
ALA H    H N N 7   
ALA H2   H N N 8   
ALA HA   H N N 9   
ALA HB1  H N N 10  
ALA HB2  H N N 11  
ALA HB3  H N N 12  
ALA HXT  H N N 13  
ARG N    N N N 14  
ARG CA   C N S 15  
ARG C    C N N 16  
ARG O    O N N 17  
ARG CB   C N N 18  
ARG CG   C N N 19  
ARG CD   C N N 20  
ARG NE   N N N 21  
ARG CZ   C N N 22  
ARG NH1  N N N 23  
ARG NH2  N N N 24  
ARG OXT  O N N 25  
ARG H    H N N 26  
ARG H2   H N N 27  
ARG HA   H N N 28  
ARG HB2  H N N 29  
ARG HB3  H N N 30  
ARG HG2  H N N 31  
ARG HG3  H N N 32  
ARG HD2  H N N 33  
ARG HD3  H N N 34  
ARG HE   H N N 35  
ARG HH11 H N N 36  
ARG HH12 H N N 37  
ARG HH21 H N N 38  
ARG HH22 H N N 39  
ARG HXT  H N N 40  
ASN N    N N N 41  
ASN CA   C N S 42  
ASN C    C N N 43  
ASN O    O N N 44  
ASN CB   C N N 45  
ASN CG   C N N 46  
ASN OD1  O N N 47  
ASN ND2  N N N 48  
ASN OXT  O N N 49  
ASN H    H N N 50  
ASN H2   H N N 51  
ASN HA   H N N 52  
ASN HB2  H N N 53  
ASN HB3  H N N 54  
ASN HD21 H N N 55  
ASN HD22 H N N 56  
ASN HXT  H N N 57  
ASP N    N N N 58  
ASP CA   C N S 59  
ASP C    C N N 60  
ASP O    O N N 61  
ASP CB   C N N 62  
ASP CG   C N N 63  
ASP OD1  O N N 64  
ASP OD2  O N N 65  
ASP OXT  O N N 66  
ASP H    H N N 67  
ASP H2   H N N 68  
ASP HA   H N N 69  
ASP HB2  H N N 70  
ASP HB3  H N N 71  
ASP HD2  H N N 72  
ASP HXT  H N N 73  
CYS N    N N N 74  
CYS CA   C N R 75  
CYS C    C N N 76  
CYS O    O N N 77  
CYS CB   C N N 78  
CYS SG   S N N 79  
CYS OXT  O N N 80  
CYS H    H N N 81  
CYS H2   H N N 82  
CYS HA   H N N 83  
CYS HB2  H N N 84  
CYS HB3  H N N 85  
CYS HG   H N N 86  
CYS HXT  H N N 87  
GLN N    N N N 88  
GLN CA   C N S 89  
GLN C    C N N 90  
GLN O    O N N 91  
GLN CB   C N N 92  
GLN CG   C N N 93  
GLN CD   C N N 94  
GLN OE1  O N N 95  
GLN NE2  N N N 96  
GLN OXT  O N N 97  
GLN H    H N N 98  
GLN H2   H N N 99  
GLN HA   H N N 100 
GLN HB2  H N N 101 
GLN HB3  H N N 102 
GLN HG2  H N N 103 
GLN HG3  H N N 104 
GLN HE21 H N N 105 
GLN HE22 H N N 106 
GLN HXT  H N N 107 
GLU N    N N N 108 
GLU CA   C N S 109 
GLU C    C N N 110 
GLU O    O N N 111 
GLU CB   C N N 112 
GLU CG   C N N 113 
GLU CD   C N N 114 
GLU OE1  O N N 115 
GLU OE2  O N N 116 
GLU OXT  O N N 117 
GLU H    H N N 118 
GLU H2   H N N 119 
GLU HA   H N N 120 
GLU HB2  H N N 121 
GLU HB3  H N N 122 
GLU HG2  H N N 123 
GLU HG3  H N N 124 
GLU HE2  H N N 125 
GLU HXT  H N N 126 
GLY N    N N N 127 
GLY CA   C N N 128 
GLY C    C N N 129 
GLY O    O N N 130 
GLY OXT  O N N 131 
GLY H    H N N 132 
GLY H2   H N N 133 
GLY HA2  H N N 134 
GLY HA3  H N N 135 
GLY HXT  H N N 136 
HIS N    N N N 137 
HIS CA   C N S 138 
HIS C    C N N 139 
HIS O    O N N 140 
HIS CB   C N N 141 
HIS CG   C Y N 142 
HIS ND1  N Y N 143 
HIS CD2  C Y N 144 
HIS CE1  C Y N 145 
HIS NE2  N Y N 146 
HIS OXT  O N N 147 
HIS H    H N N 148 
HIS H2   H N N 149 
HIS HA   H N N 150 
HIS HB2  H N N 151 
HIS HB3  H N N 152 
HIS HD1  H N N 153 
HIS HD2  H N N 154 
HIS HE1  H N N 155 
HIS HE2  H N N 156 
HIS HXT  H N N 157 
HOH O    O N N 158 
HOH H1   H N N 159 
HOH H2   H N N 160 
ILE N    N N N 161 
ILE CA   C N S 162 
ILE C    C N N 163 
ILE O    O N N 164 
ILE CB   C N S 165 
ILE CG1  C N N 166 
ILE CG2  C N N 167 
ILE CD1  C N N 168 
ILE OXT  O N N 169 
ILE H    H N N 170 
ILE H2   H N N 171 
ILE HA   H N N 172 
ILE HB   H N N 173 
ILE HG12 H N N 174 
ILE HG13 H N N 175 
ILE HG21 H N N 176 
ILE HG22 H N N 177 
ILE HG23 H N N 178 
ILE HD11 H N N 179 
ILE HD12 H N N 180 
ILE HD13 H N N 181 
ILE HXT  H N N 182 
LEU N    N N N 183 
LEU CA   C N S 184 
LEU C    C N N 185 
LEU O    O N N 186 
LEU CB   C N N 187 
LEU CG   C N N 188 
LEU CD1  C N N 189 
LEU CD2  C N N 190 
LEU OXT  O N N 191 
LEU H    H N N 192 
LEU H2   H N N 193 
LEU HA   H N N 194 
LEU HB2  H N N 195 
LEU HB3  H N N 196 
LEU HG   H N N 197 
LEU HD11 H N N 198 
LEU HD12 H N N 199 
LEU HD13 H N N 200 
LEU HD21 H N N 201 
LEU HD22 H N N 202 
LEU HD23 H N N 203 
LEU HXT  H N N 204 
LYS N    N N N 205 
LYS CA   C N S 206 
LYS C    C N N 207 
LYS O    O N N 208 
LYS CB   C N N 209 
LYS CG   C N N 210 
LYS CD   C N N 211 
LYS CE   C N N 212 
LYS NZ   N N N 213 
LYS OXT  O N N 214 
LYS H    H N N 215 
LYS H2   H N N 216 
LYS HA   H N N 217 
LYS HB2  H N N 218 
LYS HB3  H N N 219 
LYS HG2  H N N 220 
LYS HG3  H N N 221 
LYS HD2  H N N 222 
LYS HD3  H N N 223 
LYS HE2  H N N 224 
LYS HE3  H N N 225 
LYS HZ1  H N N 226 
LYS HZ2  H N N 227 
LYS HZ3  H N N 228 
LYS HXT  H N N 229 
MET N    N N N 230 
MET CA   C N S 231 
MET C    C N N 232 
MET O    O N N 233 
MET CB   C N N 234 
MET CG   C N N 235 
MET SD   S N N 236 
MET CE   C N N 237 
MET OXT  O N N 238 
MET H    H N N 239 
MET H2   H N N 240 
MET HA   H N N 241 
MET HB2  H N N 242 
MET HB3  H N N 243 
MET HG2  H N N 244 
MET HG3  H N N 245 
MET HE1  H N N 246 
MET HE2  H N N 247 
MET HE3  H N N 248 
MET HXT  H N N 249 
PHE N    N N N 250 
PHE CA   C N S 251 
PHE C    C N N 252 
PHE O    O N N 253 
PHE CB   C N N 254 
PHE CG   C Y N 255 
PHE CD1  C Y N 256 
PHE CD2  C Y N 257 
PHE CE1  C Y N 258 
PHE CE2  C Y N 259 
PHE CZ   C Y N 260 
PHE OXT  O N N 261 
PHE H    H N N 262 
PHE H2   H N N 263 
PHE HA   H N N 264 
PHE HB2  H N N 265 
PHE HB3  H N N 266 
PHE HD1  H N N 267 
PHE HD2  H N N 268 
PHE HE1  H N N 269 
PHE HE2  H N N 270 
PHE HZ   H N N 271 
PHE HXT  H N N 272 
PRO N    N N N 273 
PRO CA   C N S 274 
PRO C    C N N 275 
PRO O    O N N 276 
PRO CB   C N N 277 
PRO CG   C N N 278 
PRO CD   C N N 279 
PRO OXT  O N N 280 
PRO H    H N N 281 
PRO HA   H N N 282 
PRO HB2  H N N 283 
PRO HB3  H N N 284 
PRO HG2  H N N 285 
PRO HG3  H N N 286 
PRO HD2  H N N 287 
PRO HD3  H N N 288 
PRO HXT  H N N 289 
SER N    N N N 290 
SER CA   C N S 291 
SER C    C N N 292 
SER O    O N N 293 
SER CB   C N N 294 
SER OG   O N N 295 
SER OXT  O N N 296 
SER H    H N N 297 
SER H2   H N N 298 
SER HA   H N N 299 
SER HB2  H N N 300 
SER HB3  H N N 301 
SER HG   H N N 302 
SER HXT  H N N 303 
THR N    N N N 304 
THR CA   C N S 305 
THR C    C N N 306 
THR O    O N N 307 
THR CB   C N R 308 
THR OG1  O N N 309 
THR CG2  C N N 310 
THR OXT  O N N 311 
THR H    H N N 312 
THR H2   H N N 313 
THR HA   H N N 314 
THR HB   H N N 315 
THR HG1  H N N 316 
THR HG21 H N N 317 
THR HG22 H N N 318 
THR HG23 H N N 319 
THR HXT  H N N 320 
TYR N    N N N 321 
TYR CA   C N S 322 
TYR C    C N N 323 
TYR O    O N N 324 
TYR CB   C N N 325 
TYR CG   C Y N 326 
TYR CD1  C Y N 327 
TYR CD2  C Y N 328 
TYR CE1  C Y N 329 
TYR CE2  C Y N 330 
TYR CZ   C Y N 331 
TYR OH   O N N 332 
TYR OXT  O N N 333 
TYR H    H N N 334 
TYR H2   H N N 335 
TYR HA   H N N 336 
TYR HB2  H N N 337 
TYR HB3  H N N 338 
TYR HD1  H N N 339 
TYR HD2  H N N 340 
TYR HE1  H N N 341 
TYR HE2  H N N 342 
TYR HH   H N N 343 
TYR HXT  H N N 344 
VAL N    N N N 345 
VAL CA   C N S 346 
VAL C    C N N 347 
VAL O    O N N 348 
VAL CB   C N N 349 
VAL CG1  C N N 350 
VAL CG2  C N N 351 
VAL OXT  O N N 352 
VAL H    H N N 353 
VAL H2   H N N 354 
VAL HA   H N N 355 
VAL HB   H N N 356 
VAL HG11 H N N 357 
VAL HG12 H N N 358 
VAL HG13 H N N 359 
VAL HG21 H N N 360 
VAL HG22 H N N 361 
VAL HG23 H N N 362 
VAL HXT  H N N 363 
# 
loop_
_chem_comp_bond.comp_id 
_chem_comp_bond.atom_id_1 
_chem_comp_bond.atom_id_2 
_chem_comp_bond.value_order 
_chem_comp_bond.pdbx_aromatic_flag 
_chem_comp_bond.pdbx_stereo_config 
_chem_comp_bond.pdbx_ordinal 
ALA N   CA   sing N N 1   
ALA N   H    sing N N 2   
ALA N   H2   sing N N 3   
ALA CA  C    sing N N 4   
ALA CA  CB   sing N N 5   
ALA CA  HA   sing N N 6   
ALA C   O    doub N N 7   
ALA C   OXT  sing N N 8   
ALA CB  HB1  sing N N 9   
ALA CB  HB2  sing N N 10  
ALA CB  HB3  sing N N 11  
ALA OXT HXT  sing N N 12  
ARG N   CA   sing N N 13  
ARG N   H    sing N N 14  
ARG N   H2   sing N N 15  
ARG CA  C    sing N N 16  
ARG CA  CB   sing N N 17  
ARG CA  HA   sing N N 18  
ARG C   O    doub N N 19  
ARG C   OXT  sing N N 20  
ARG CB  CG   sing N N 21  
ARG CB  HB2  sing N N 22  
ARG CB  HB3  sing N N 23  
ARG CG  CD   sing N N 24  
ARG CG  HG2  sing N N 25  
ARG CG  HG3  sing N N 26  
ARG CD  NE   sing N N 27  
ARG CD  HD2  sing N N 28  
ARG CD  HD3  sing N N 29  
ARG NE  CZ   sing N N 30  
ARG NE  HE   sing N N 31  
ARG CZ  NH1  sing N N 32  
ARG CZ  NH2  doub N N 33  
ARG NH1 HH11 sing N N 34  
ARG NH1 HH12 sing N N 35  
ARG NH2 HH21 sing N N 36  
ARG NH2 HH22 sing N N 37  
ARG OXT HXT  sing N N 38  
ASN N   CA   sing N N 39  
ASN N   H    sing N N 40  
ASN N   H2   sing N N 41  
ASN CA  C    sing N N 42  
ASN CA  CB   sing N N 43  
ASN CA  HA   sing N N 44  
ASN C   O    doub N N 45  
ASN C   OXT  sing N N 46  
ASN CB  CG   sing N N 47  
ASN CB  HB2  sing N N 48  
ASN CB  HB3  sing N N 49  
ASN CG  OD1  doub N N 50  
ASN CG  ND2  sing N N 51  
ASN ND2 HD21 sing N N 52  
ASN ND2 HD22 sing N N 53  
ASN OXT HXT  sing N N 54  
ASP N   CA   sing N N 55  
ASP N   H    sing N N 56  
ASP N   H2   sing N N 57  
ASP CA  C    sing N N 58  
ASP CA  CB   sing N N 59  
ASP CA  HA   sing N N 60  
ASP C   O    doub N N 61  
ASP C   OXT  sing N N 62  
ASP CB  CG   sing N N 63  
ASP CB  HB2  sing N N 64  
ASP CB  HB3  sing N N 65  
ASP CG  OD1  doub N N 66  
ASP CG  OD2  sing N N 67  
ASP OD2 HD2  sing N N 68  
ASP OXT HXT  sing N N 69  
CYS N   CA   sing N N 70  
CYS N   H    sing N N 71  
CYS N   H2   sing N N 72  
CYS CA  C    sing N N 73  
CYS CA  CB   sing N N 74  
CYS CA  HA   sing N N 75  
CYS C   O    doub N N 76  
CYS C   OXT  sing N N 77  
CYS CB  SG   sing N N 78  
CYS CB  HB2  sing N N 79  
CYS CB  HB3  sing N N 80  
CYS SG  HG   sing N N 81  
CYS OXT HXT  sing N N 82  
GLN N   CA   sing N N 83  
GLN N   H    sing N N 84  
GLN N   H2   sing N N 85  
GLN CA  C    sing N N 86  
GLN CA  CB   sing N N 87  
GLN CA  HA   sing N N 88  
GLN C   O    doub N N 89  
GLN C   OXT  sing N N 90  
GLN CB  CG   sing N N 91  
GLN CB  HB2  sing N N 92  
GLN CB  HB3  sing N N 93  
GLN CG  CD   sing N N 94  
GLN CG  HG2  sing N N 95  
GLN CG  HG3  sing N N 96  
GLN CD  OE1  doub N N 97  
GLN CD  NE2  sing N N 98  
GLN NE2 HE21 sing N N 99  
GLN NE2 HE22 sing N N 100 
GLN OXT HXT  sing N N 101 
GLU N   CA   sing N N 102 
GLU N   H    sing N N 103 
GLU N   H2   sing N N 104 
GLU CA  C    sing N N 105 
GLU CA  CB   sing N N 106 
GLU CA  HA   sing N N 107 
GLU C   O    doub N N 108 
GLU C   OXT  sing N N 109 
GLU CB  CG   sing N N 110 
GLU CB  HB2  sing N N 111 
GLU CB  HB3  sing N N 112 
GLU CG  CD   sing N N 113 
GLU CG  HG2  sing N N 114 
GLU CG  HG3  sing N N 115 
GLU CD  OE1  doub N N 116 
GLU CD  OE2  sing N N 117 
GLU OE2 HE2  sing N N 118 
GLU OXT HXT  sing N N 119 
GLY N   CA   sing N N 120 
GLY N   H    sing N N 121 
GLY N   H2   sing N N 122 
GLY CA  C    sing N N 123 
GLY CA  HA2  sing N N 124 
GLY CA  HA3  sing N N 125 
GLY C   O    doub N N 126 
GLY C   OXT  sing N N 127 
GLY OXT HXT  sing N N 128 
HIS N   CA   sing N N 129 
HIS N   H    sing N N 130 
HIS N   H2   sing N N 131 
HIS CA  C    sing N N 132 
HIS CA  CB   sing N N 133 
HIS CA  HA   sing N N 134 
HIS C   O    doub N N 135 
HIS C   OXT  sing N N 136 
HIS CB  CG   sing N N 137 
HIS CB  HB2  sing N N 138 
HIS CB  HB3  sing N N 139 
HIS CG  ND1  sing Y N 140 
HIS CG  CD2  doub Y N 141 
HIS ND1 CE1  doub Y N 142 
HIS ND1 HD1  sing N N 143 
HIS CD2 NE2  sing Y N 144 
HIS CD2 HD2  sing N N 145 
HIS CE1 NE2  sing Y N 146 
HIS CE1 HE1  sing N N 147 
HIS NE2 HE2  sing N N 148 
HIS OXT HXT  sing N N 149 
HOH O   H1   sing N N 150 
HOH O   H2   sing N N 151 
ILE N   CA   sing N N 152 
ILE N   H    sing N N 153 
ILE N   H2   sing N N 154 
ILE CA  C    sing N N 155 
ILE CA  CB   sing N N 156 
ILE CA  HA   sing N N 157 
ILE C   O    doub N N 158 
ILE C   OXT  sing N N 159 
ILE CB  CG1  sing N N 160 
ILE CB  CG2  sing N N 161 
ILE CB  HB   sing N N 162 
ILE CG1 CD1  sing N N 163 
ILE CG1 HG12 sing N N 164 
ILE CG1 HG13 sing N N 165 
ILE CG2 HG21 sing N N 166 
ILE CG2 HG22 sing N N 167 
ILE CG2 HG23 sing N N 168 
ILE CD1 HD11 sing N N 169 
ILE CD1 HD12 sing N N 170 
ILE CD1 HD13 sing N N 171 
ILE OXT HXT  sing N N 172 
LEU N   CA   sing N N 173 
LEU N   H    sing N N 174 
LEU N   H2   sing N N 175 
LEU CA  C    sing N N 176 
LEU CA  CB   sing N N 177 
LEU CA  HA   sing N N 178 
LEU C   O    doub N N 179 
LEU C   OXT  sing N N 180 
LEU CB  CG   sing N N 181 
LEU CB  HB2  sing N N 182 
LEU CB  HB3  sing N N 183 
LEU CG  CD1  sing N N 184 
LEU CG  CD2  sing N N 185 
LEU CG  HG   sing N N 186 
LEU CD1 HD11 sing N N 187 
LEU CD1 HD12 sing N N 188 
LEU CD1 HD13 sing N N 189 
LEU CD2 HD21 sing N N 190 
LEU CD2 HD22 sing N N 191 
LEU CD2 HD23 sing N N 192 
LEU OXT HXT  sing N N 193 
LYS N   CA   sing N N 194 
LYS N   H    sing N N 195 
LYS N   H2   sing N N 196 
LYS CA  C    sing N N 197 
LYS CA  CB   sing N N 198 
LYS CA  HA   sing N N 199 
LYS C   O    doub N N 200 
LYS C   OXT  sing N N 201 
LYS CB  CG   sing N N 202 
LYS CB  HB2  sing N N 203 
LYS CB  HB3  sing N N 204 
LYS CG  CD   sing N N 205 
LYS CG  HG2  sing N N 206 
LYS CG  HG3  sing N N 207 
LYS CD  CE   sing N N 208 
LYS CD  HD2  sing N N 209 
LYS CD  HD3  sing N N 210 
LYS CE  NZ   sing N N 211 
LYS CE  HE2  sing N N 212 
LYS CE  HE3  sing N N 213 
LYS NZ  HZ1  sing N N 214 
LYS NZ  HZ2  sing N N 215 
LYS NZ  HZ3  sing N N 216 
LYS OXT HXT  sing N N 217 
MET N   CA   sing N N 218 
MET N   H    sing N N 219 
MET N   H2   sing N N 220 
MET CA  C    sing N N 221 
MET CA  CB   sing N N 222 
MET CA  HA   sing N N 223 
MET C   O    doub N N 224 
MET C   OXT  sing N N 225 
MET CB  CG   sing N N 226 
MET CB  HB2  sing N N 227 
MET CB  HB3  sing N N 228 
MET CG  SD   sing N N 229 
MET CG  HG2  sing N N 230 
MET CG  HG3  sing N N 231 
MET SD  CE   sing N N 232 
MET CE  HE1  sing N N 233 
MET CE  HE2  sing N N 234 
MET CE  HE3  sing N N 235 
MET OXT HXT  sing N N 236 
PHE N   CA   sing N N 237 
PHE N   H    sing N N 238 
PHE N   H2   sing N N 239 
PHE CA  C    sing N N 240 
PHE CA  CB   sing N N 241 
PHE CA  HA   sing N N 242 
PHE C   O    doub N N 243 
PHE C   OXT  sing N N 244 
PHE CB  CG   sing N N 245 
PHE CB  HB2  sing N N 246 
PHE CB  HB3  sing N N 247 
PHE CG  CD1  doub Y N 248 
PHE CG  CD2  sing Y N 249 
PHE CD1 CE1  sing Y N 250 
PHE CD1 HD1  sing N N 251 
PHE CD2 CE2  doub Y N 252 
PHE CD2 HD2  sing N N 253 
PHE CE1 CZ   doub Y N 254 
PHE CE1 HE1  sing N N 255 
PHE CE2 CZ   sing Y N 256 
PHE CE2 HE2  sing N N 257 
PHE CZ  HZ   sing N N 258 
PHE OXT HXT  sing N N 259 
PRO N   CA   sing N N 260 
PRO N   CD   sing N N 261 
PRO N   H    sing N N 262 
PRO CA  C    sing N N 263 
PRO CA  CB   sing N N 264 
PRO CA  HA   sing N N 265 
PRO C   O    doub N N 266 
PRO C   OXT  sing N N 267 
PRO CB  CG   sing N N 268 
PRO CB  HB2  sing N N 269 
PRO CB  HB3  sing N N 270 
PRO CG  CD   sing N N 271 
PRO CG  HG2  sing N N 272 
PRO CG  HG3  sing N N 273 
PRO CD  HD2  sing N N 274 
PRO CD  HD3  sing N N 275 
PRO OXT HXT  sing N N 276 
SER N   CA   sing N N 277 
SER N   H    sing N N 278 
SER N   H2   sing N N 279 
SER CA  C    sing N N 280 
SER CA  CB   sing N N 281 
SER CA  HA   sing N N 282 
SER C   O    doub N N 283 
SER C   OXT  sing N N 284 
SER CB  OG   sing N N 285 
SER CB  HB2  sing N N 286 
SER CB  HB3  sing N N 287 
SER OG  HG   sing N N 288 
SER OXT HXT  sing N N 289 
THR N   CA   sing N N 290 
THR N   H    sing N N 291 
THR N   H2   sing N N 292 
THR CA  C    sing N N 293 
THR CA  CB   sing N N 294 
THR CA  HA   sing N N 295 
THR C   O    doub N N 296 
THR C   OXT  sing N N 297 
THR CB  OG1  sing N N 298 
THR CB  CG2  sing N N 299 
THR CB  HB   sing N N 300 
THR OG1 HG1  sing N N 301 
THR CG2 HG21 sing N N 302 
THR CG2 HG22 sing N N 303 
THR CG2 HG23 sing N N 304 
THR OXT HXT  sing N N 305 
TYR N   CA   sing N N 306 
TYR N   H    sing N N 307 
TYR N   H2   sing N N 308 
TYR CA  C    sing N N 309 
TYR CA  CB   sing N N 310 
TYR CA  HA   sing N N 311 
TYR C   O    doub N N 312 
TYR C   OXT  sing N N 313 
TYR CB  CG   sing N N 314 
TYR CB  HB2  sing N N 315 
TYR CB  HB3  sing N N 316 
TYR CG  CD1  doub Y N 317 
TYR CG  CD2  sing Y N 318 
TYR CD1 CE1  sing Y N 319 
TYR CD1 HD1  sing N N 320 
TYR CD2 CE2  doub Y N 321 
TYR CD2 HD2  sing N N 322 
TYR CE1 CZ   doub Y N 323 
TYR CE1 HE1  sing N N 324 
TYR CE2 CZ   sing Y N 325 
TYR CE2 HE2  sing N N 326 
TYR CZ  OH   sing N N 327 
TYR OH  HH   sing N N 328 
TYR OXT HXT  sing N N 329 
VAL N   CA   sing N N 330 
VAL N   H    sing N N 331 
VAL N   H2   sing N N 332 
VAL CA  C    sing N N 333 
VAL CA  CB   sing N N 334 
VAL CA  HA   sing N N 335 
VAL C   O    doub N N 336 
VAL C   OXT  sing N N 337 
VAL CB  CG1  sing N N 338 
VAL CB  CG2  sing N N 339 
VAL CB  HB   sing N N 340 
VAL CG1 HG11 sing N N 341 
VAL CG1 HG12 sing N N 342 
VAL CG1 HG13 sing N N 343 
VAL CG2 HG21 sing N N 344 
VAL CG2 HG22 sing N N 345 
VAL CG2 HG23 sing N N 346 
VAL OXT HXT  sing N N 347 
# 
_pdbx_entity_nonpoly.entity_id   2 
_pdbx_entity_nonpoly.name        water 
_pdbx_entity_nonpoly.comp_id     HOH 
# 
_pdbx_initial_refinement_model.id               1 
_pdbx_initial_refinement_model.entity_id_list   ? 
_pdbx_initial_refinement_model.type             'experimental model' 
_pdbx_initial_refinement_model.source_name      PDB 
_pdbx_initial_refinement_model.accession_code   1EIF 
_pdbx_initial_refinement_model.details          ? 
# 
